data_6DY3
#
_entry.id   6DY3
#
_cell.length_a   89.614
_cell.length_b   89.614
_cell.length_c   207.058
_cell.angle_alpha   90.00
_cell.angle_beta   90.00
_cell.angle_gamma   90.00
#
_symmetry.space_group_name_H-M   'P 43'
#
loop_
_entity.id
_entity.type
_entity.pdbx_description
1 polymer 'N-acylethanolamine-hydrolyzing acid amidase alpha-subunit'
2 polymer 'N-acylethanolamine-hydrolyzing acid amidase beta-subunit'
3 branched 2-acetamido-2-deoxy-beta-D-glucopyranose-(1-4)-[alpha-L-fucopyranose-(1-6)]2-acetamido-2-deoxy-beta-D-glucopyranose
4 water water
#
loop_
_entity_poly.entity_id
_entity_poly.type
_entity_poly.pdbx_seq_one_letter_code
_entity_poly.pdbx_strand_id
1 'polypeptide(L)'
;DRHHHHHHKLDRKPRHYEINLDEPPSQRWNQVIKDHLEYLPGVVEETKKYIPKPLQPFVWWAASKIDRYFTTEIQEELKG
IASESGLPIGEIVGMNILYDVAAFDRRHIFGLG
;
A,C,E,G
2 'polypeptide(L)'
;CTSIVAQNSAGQIIHGRNLDYDMTELLKNITIHVDFVRNGTIQYSGLTFALYNGVLTGQRPGEYSVSLNARYSGAYIDNI
LMEFYTKFKRPVSFFIRDVLENQATYTEAVDAFSRTHLFSPSYIIVAGIKKNEGVVISRNRWSAANVYPLNVDANQWFLV
ETNFDNWKKQGDDRRITAIQKLKELGRRNFDEKSMVEVLSTVPVRNNLTVFSTVMVPGLPDSADYFRQSTWILP
;
B,D,F,H
#
# COMPACT_ATOMS: atom_id res chain seq x y z
N LYS A 9 -0.91 -16.64 4.18
CA LYS A 9 -2.03 -17.38 3.62
C LYS A 9 -3.38 -16.77 4.03
N LEU A 10 -3.66 -16.77 5.33
CA LEU A 10 -4.95 -16.31 5.81
C LEU A 10 -4.95 -14.85 6.22
N ASP A 11 -3.81 -14.31 6.64
CA ASP A 11 -3.65 -12.89 6.92
C ASP A 11 -2.71 -12.32 5.87
N ARG A 12 -3.28 -11.75 4.82
CA ARG A 12 -2.53 -11.23 3.70
C ARG A 12 -2.61 -9.70 3.64
N LYS A 13 -2.48 -9.05 4.81
CA LYS A 13 -2.47 -7.61 4.89
C LYS A 13 -1.06 -7.08 4.68
N PRO A 14 -0.92 -5.88 4.11
CA PRO A 14 0.42 -5.28 3.97
C PRO A 14 0.97 -4.86 5.31
N ARG A 15 2.29 -5.02 5.46
CA ARG A 15 2.96 -4.61 6.70
C ARG A 15 2.77 -3.12 6.94
N HIS A 16 2.52 -2.76 8.19
CA HIS A 16 2.25 -1.37 8.55
C HIS A 16 3.51 -0.72 9.10
N TYR A 17 3.73 0.54 8.69
CA TYR A 17 4.85 1.34 9.16
C TYR A 17 4.37 2.74 9.48
N GLU A 18 5.06 3.38 10.42
CA GLU A 18 4.86 4.79 10.72
C GLU A 18 6.07 5.55 10.18
N ILE A 19 5.81 6.52 9.32
CA ILE A 19 6.85 7.40 8.78
C ILE A 19 6.75 8.70 9.57
N ASN A 20 7.78 8.96 10.38
CA ASN A 20 7.81 10.13 11.22
C ASN A 20 8.30 11.32 10.42
N LEU A 21 7.42 12.29 10.18
CA LEU A 21 7.80 13.50 9.48
C LEU A 21 8.67 14.42 10.32
N ASP A 22 8.77 14.18 11.62
CA ASP A 22 9.66 14.96 12.47
C ASP A 22 11.11 14.52 12.34
N GLU A 23 11.36 13.29 11.89
CA GLU A 23 12.72 12.83 11.66
C GLU A 23 13.30 13.48 10.40
N PRO A 24 14.62 13.54 10.30
CA PRO A 24 15.24 14.04 9.06
C PRO A 24 14.83 13.18 7.88
N PRO A 25 14.58 13.77 6.71
CA PRO A 25 14.01 12.99 5.60
C PRO A 25 14.87 11.82 5.17
N SER A 26 16.19 11.90 5.30
CA SER A 26 17.08 10.82 4.86
C SER A 26 16.99 9.57 5.74
N GLN A 27 16.28 9.64 6.86
CA GLN A 27 16.22 8.52 7.80
C GLN A 27 14.82 7.93 7.91
N ARG A 28 13.84 8.47 7.18
CA ARG A 28 12.45 8.12 7.45
C ARG A 28 12.11 6.72 6.95
N TRP A 29 12.70 6.28 5.85
CA TRP A 29 12.36 5.02 5.23
C TRP A 29 13.35 3.92 5.58
N ASN A 30 14.22 4.14 6.56
CA ASN A 30 15.26 3.17 6.88
C ASN A 30 14.67 1.80 7.20
N GLN A 31 13.67 1.76 8.09
CA GLN A 31 13.12 0.48 8.52
C GLN A 31 12.40 -0.22 7.38
N VAL A 32 11.65 0.53 6.57
CA VAL A 32 10.98 -0.05 5.41
C VAL A 32 11.99 -0.71 4.49
N ILE A 33 13.07 0.00 4.15
CA ILE A 33 14.07 -0.55 3.25
C ILE A 33 14.76 -1.76 3.89
N LYS A 34 15.09 -1.65 5.17
CA LYS A 34 15.79 -2.75 5.84
C LYS A 34 14.95 -4.03 5.83
N ASP A 35 13.63 -3.90 5.98
CA ASP A 35 12.77 -5.06 6.04
C ASP A 35 12.54 -5.71 4.69
N HIS A 36 12.68 -4.96 3.59
CA HIS A 36 12.46 -5.51 2.26
C HIS A 36 13.74 -5.55 1.42
N LEU A 37 14.90 -5.40 2.08
CA LEU A 37 16.15 -5.32 1.33
C LEU A 37 16.35 -6.52 0.42
N GLU A 38 15.78 -7.66 0.79
CA GLU A 38 15.94 -8.89 0.01
C GLU A 38 15.32 -8.75 -1.37
N TYR A 39 14.21 -8.04 -1.49
CA TYR A 39 13.46 -7.97 -2.74
C TYR A 39 13.85 -6.79 -3.61
N LEU A 40 14.53 -5.78 -3.06
CA LEU A 40 14.69 -4.53 -3.78
C LEU A 40 15.52 -4.69 -5.05
N PRO A 41 16.66 -5.37 -5.04
CA PRO A 41 17.45 -5.46 -6.29
C PRO A 41 16.69 -6.09 -7.44
N GLY A 42 15.91 -7.13 -7.17
CA GLY A 42 15.15 -7.76 -8.23
C GLY A 42 14.02 -6.89 -8.76
N VAL A 43 13.39 -6.11 -7.88
CA VAL A 43 12.32 -5.22 -8.31
C VAL A 43 12.87 -4.16 -9.25
N VAL A 44 14.00 -3.56 -8.90
CA VAL A 44 14.60 -2.54 -9.74
C VAL A 44 14.94 -3.12 -11.09
N GLU A 45 15.67 -4.24 -11.10
CA GLU A 45 16.11 -4.84 -12.36
C GLU A 45 14.92 -5.18 -13.23
N GLU A 46 13.82 -5.63 -12.63
CA GLU A 46 12.66 -6.03 -13.40
C GLU A 46 11.82 -4.84 -13.85
N THR A 47 11.78 -3.76 -13.06
CA THR A 47 11.04 -2.57 -13.45
C THR A 47 11.67 -1.87 -14.64
N LYS A 48 13.01 -1.79 -14.65
CA LYS A 48 13.70 -1.10 -15.74
C LYS A 48 13.36 -1.71 -17.10
N LYS A 49 13.14 -3.02 -17.13
CA LYS A 49 12.82 -3.69 -18.39
C LYS A 49 11.55 -3.16 -19.02
N TYR A 50 10.67 -2.52 -18.25
CA TYR A 50 9.43 -1.99 -18.79
C TYR A 50 9.61 -0.63 -19.46
N ILE A 51 10.74 0.04 -19.23
CA ILE A 51 11.00 1.32 -19.88
C ILE A 51 11.40 1.05 -21.33
N PRO A 52 10.79 1.72 -22.31
CA PRO A 52 11.19 1.51 -23.71
C PRO A 52 12.68 1.77 -23.89
N LYS A 53 13.36 0.82 -24.55
CA LYS A 53 14.81 0.90 -24.67
C LYS A 53 15.29 2.20 -25.31
N PRO A 54 14.65 2.73 -26.35
CA PRO A 54 15.14 3.99 -26.94
C PRO A 54 15.16 5.15 -25.95
N LEU A 55 14.29 5.13 -24.95
CA LEU A 55 14.20 6.22 -23.98
C LEU A 55 14.96 5.95 -22.69
N GLN A 56 15.54 4.76 -22.52
CA GLN A 56 16.27 4.48 -21.29
C GLN A 56 17.47 5.40 -21.14
N PRO A 57 18.29 5.63 -22.16
CA PRO A 57 19.41 6.56 -21.97
C PRO A 57 18.96 7.94 -21.51
N PHE A 58 17.80 8.42 -21.97
CA PHE A 58 17.33 9.72 -21.54
C PHE A 58 16.85 9.71 -20.11
N VAL A 59 16.14 8.65 -19.69
CA VAL A 59 15.62 8.59 -18.34
C VAL A 59 16.76 8.65 -17.33
N TRP A 60 17.81 7.87 -17.56
CA TRP A 60 18.92 7.87 -16.60
C TRP A 60 19.61 9.22 -16.57
N TRP A 61 19.75 9.88 -17.72
CA TRP A 61 20.36 11.20 -17.75
C TRP A 61 19.50 12.21 -17.00
N ALA A 62 18.20 12.24 -17.28
CA ALA A 62 17.30 13.18 -16.62
C ALA A 62 17.17 12.88 -15.14
N ALA A 63 17.20 11.60 -14.76
CA ALA A 63 17.00 11.24 -13.36
C ALA A 63 18.13 11.70 -12.46
N SER A 64 19.33 11.90 -13.00
CA SER A 64 20.43 12.38 -12.17
C SER A 64 20.23 13.83 -11.74
N LYS A 65 19.39 14.58 -12.46
CA LYS A 65 19.14 15.98 -12.14
C LYS A 65 18.07 16.07 -11.05
N ILE A 66 18.31 15.39 -9.93
CA ILE A 66 17.26 15.20 -8.92
C ILE A 66 16.75 16.53 -8.38
N ASP A 67 17.62 17.54 -8.31
CA ASP A 67 17.21 18.82 -7.72
C ASP A 67 16.16 19.56 -8.54
N ARG A 68 15.85 19.11 -9.75
CA ARG A 68 14.98 19.87 -10.63
C ARG A 68 13.51 19.46 -10.51
N TYR A 69 13.21 18.28 -9.96
CA TYR A 69 11.84 17.77 -9.97
C TYR A 69 11.18 17.73 -8.59
N PHE A 70 11.97 17.74 -7.52
CA PHE A 70 11.45 17.50 -6.18
C PHE A 70 11.86 18.63 -5.25
N THR A 71 11.08 18.78 -4.17
CA THR A 71 11.47 19.65 -3.08
C THR A 71 12.69 19.08 -2.37
N THR A 72 13.39 19.93 -1.61
CA THR A 72 14.55 19.46 -0.87
C THR A 72 14.19 18.30 0.05
N GLU A 73 13.02 18.37 0.70
CA GLU A 73 12.59 17.29 1.58
C GLU A 73 12.54 15.97 0.82
N ILE A 74 11.86 15.95 -0.33
CA ILE A 74 11.74 14.72 -1.08
C ILE A 74 13.10 14.28 -1.62
N GLN A 75 13.97 15.23 -1.97
CA GLN A 75 15.30 14.87 -2.43
C GLN A 75 16.04 14.07 -1.37
N GLU A 76 15.98 14.52 -0.11
CA GLU A 76 16.71 13.83 0.94
C GLU A 76 16.13 12.44 1.21
N GLU A 77 14.80 12.29 1.09
CA GLU A 77 14.21 10.97 1.24
C GLU A 77 14.71 10.02 0.16
N LEU A 78 14.69 10.48 -1.09
CA LEU A 78 15.15 9.63 -2.18
C LEU A 78 16.63 9.28 -2.02
N LYS A 79 17.45 10.25 -1.61
CA LYS A 79 18.85 9.96 -1.35
C LYS A 79 19.00 8.98 -0.20
N GLY A 80 18.22 9.16 0.87
CA GLY A 80 18.26 8.21 1.97
C GLY A 80 17.82 6.82 1.54
N ILE A 81 16.80 6.74 0.68
CA ILE A 81 16.36 5.44 0.18
C ILE A 81 17.46 4.78 -0.62
N ALA A 82 18.14 5.55 -1.47
CA ALA A 82 19.22 4.99 -2.29
C ALA A 82 20.39 4.53 -1.42
N SER A 83 20.67 5.26 -0.34
CA SER A 83 21.76 4.87 0.54
C SER A 83 21.42 3.61 1.32
N GLU A 84 20.19 3.53 1.86
CA GLU A 84 19.82 2.36 2.66
C GLU A 84 19.69 1.11 1.79
N SER A 85 19.11 1.24 0.60
CA SER A 85 18.94 0.09 -0.27
C SER A 85 20.23 -0.31 -0.97
N GLY A 86 21.19 0.61 -1.06
CA GLY A 86 22.40 0.32 -1.82
C GLY A 86 22.16 0.26 -3.31
N LEU A 87 21.21 1.03 -3.82
CA LEU A 87 20.86 1.02 -5.23
C LEU A 87 21.07 2.40 -5.83
N PRO A 88 21.45 2.49 -7.11
CA PRO A 88 21.76 3.79 -7.70
C PRO A 88 20.55 4.73 -7.67
N ILE A 89 20.80 5.96 -7.22
CA ILE A 89 19.72 6.92 -7.00
C ILE A 89 19.02 7.29 -8.30
N GLY A 90 19.75 7.35 -9.40
CA GLY A 90 19.12 7.70 -10.67
C GLY A 90 18.02 6.72 -11.05
N GLU A 91 18.21 5.45 -10.73
CA GLU A 91 17.17 4.46 -11.02
C GLU A 91 15.99 4.63 -10.08
N ILE A 92 16.25 4.92 -8.81
CA ILE A 92 15.16 5.12 -7.85
C ILE A 92 14.34 6.34 -8.23
N VAL A 93 15.01 7.43 -8.63
CA VAL A 93 14.29 8.63 -9.08
C VAL A 93 13.46 8.30 -10.32
N GLY A 94 14.03 7.57 -11.27
CA GLY A 94 13.30 7.25 -12.48
C GLY A 94 12.04 6.44 -12.21
N MET A 95 12.14 5.41 -11.36
CA MET A 95 10.96 4.61 -11.06
C MET A 95 9.87 5.43 -10.38
N ASN A 96 10.26 6.35 -9.50
CA ASN A 96 9.25 7.15 -8.80
C ASN A 96 8.54 8.11 -9.73
N ILE A 97 9.26 8.64 -10.72
CA ILE A 97 8.66 9.57 -11.67
C ILE A 97 7.78 8.82 -12.67
N LEU A 98 8.30 7.72 -13.23
CA LEU A 98 7.53 6.86 -14.12
C LEU A 98 6.75 5.85 -13.29
N TYR A 99 5.78 6.39 -12.54
CA TYR A 99 5.10 5.61 -11.50
C TYR A 99 4.39 4.38 -12.08
N ASP A 100 3.94 4.46 -13.34
CA ASP A 100 3.12 3.40 -13.93
C ASP A 100 3.84 2.65 -15.03
N VAL A 101 5.17 2.76 -15.12
CA VAL A 101 5.87 2.18 -16.26
C VAL A 101 5.74 0.67 -16.25
N ALA A 102 5.71 0.04 -15.08
CA ALA A 102 5.58 -1.40 -14.98
C ALA A 102 4.15 -1.83 -14.68
N ALA A 103 3.21 -0.89 -14.62
CA ALA A 103 1.82 -1.22 -14.35
C ALA A 103 1.13 -1.80 -15.59
N PHE A 104 1.41 -1.24 -16.76
CA PHE A 104 0.74 -1.63 -17.99
C PHE A 104 1.80 -1.92 -19.04
N ASP A 105 1.91 -3.18 -19.46
CA ASP A 105 2.97 -3.59 -20.37
C ASP A 105 2.71 -3.02 -21.77
N ARG A 106 3.61 -2.18 -22.25
CA ARG A 106 3.48 -1.54 -23.56
C ARG A 106 4.74 -1.75 -24.39
N ARG A 107 5.48 -2.82 -24.14
CA ARG A 107 6.71 -3.08 -24.87
C ARG A 107 6.45 -3.62 -26.28
N HIS A 108 5.30 -4.28 -26.48
CA HIS A 108 4.95 -4.76 -27.81
C HIS A 108 4.84 -3.63 -28.82
N ILE A 109 4.58 -2.40 -28.35
CA ILE A 109 4.48 -1.25 -29.26
C ILE A 109 5.85 -0.90 -29.83
N PHE A 110 6.92 -1.13 -29.07
CA PHE A 110 8.28 -0.89 -29.54
C PHE A 110 8.89 -2.15 -30.12
N CYS B 1 -6.32 -1.36 -12.75
CA CYS B 1 -6.78 -0.51 -11.67
C CYS B 1 -8.27 -0.26 -11.76
N THR B 2 -8.96 -0.41 -10.63
CA THR B 2 -10.39 -0.13 -10.53
C THR B 2 -10.61 0.68 -9.26
N SER B 3 -11.10 1.90 -9.41
CA SER B 3 -11.44 2.75 -8.29
C SER B 3 -12.94 2.96 -8.26
N ILE B 4 -13.55 2.77 -7.09
CA ILE B 4 -14.98 2.88 -6.92
C ILE B 4 -15.24 3.80 -5.73
N VAL B 5 -16.25 4.67 -5.88
CA VAL B 5 -16.76 5.49 -4.79
C VAL B 5 -18.28 5.37 -4.79
N ALA B 6 -18.85 5.13 -3.61
CA ALA B 6 -20.29 4.93 -3.48
C ALA B 6 -20.79 5.58 -2.19
N GLN B 7 -21.97 6.19 -2.24
CA GLN B 7 -22.62 6.74 -1.07
C GLN B 7 -23.94 6.01 -0.86
N ASN B 8 -24.09 5.38 0.32
CA ASN B 8 -25.27 4.59 0.58
C ASN B 8 -26.43 5.50 1.01
N SER B 9 -27.57 4.88 1.32
CA SER B 9 -28.75 5.65 1.71
C SER B 9 -28.51 6.42 3.00
N ALA B 10 -27.75 5.84 3.93
CA ALA B 10 -27.44 6.49 5.19
C ALA B 10 -26.49 7.67 5.04
N GLY B 11 -25.91 7.87 3.85
CA GLY B 11 -24.99 8.98 3.65
C GLY B 11 -23.53 8.62 3.81
N GLN B 12 -23.21 7.37 4.14
CA GLN B 12 -21.83 6.96 4.27
C GLN B 12 -21.18 6.79 2.90
N ILE B 13 -19.94 7.25 2.78
CA ILE B 13 -19.21 7.24 1.52
C ILE B 13 -18.08 6.23 1.63
N ILE B 14 -18.05 5.26 0.71
CA ILE B 14 -17.09 4.18 0.71
C ILE B 14 -16.21 4.28 -0.52
N HIS B 15 -14.91 4.09 -0.33
CA HIS B 15 -13.93 4.19 -1.41
C HIS B 15 -13.23 2.84 -1.55
N GLY B 16 -13.46 2.17 -2.68
CA GLY B 16 -12.84 0.88 -2.96
C GLY B 16 -11.84 1.03 -4.08
N ARG B 17 -10.76 0.25 -4.00
CA ARG B 17 -9.67 0.41 -4.95
C ARG B 17 -8.96 -0.93 -5.15
N ASN B 18 -8.86 -1.35 -6.41
CA ASN B 18 -8.02 -2.46 -6.80
C ASN B 18 -6.84 -1.91 -7.60
N LEU B 19 -5.65 -2.43 -7.32
CA LEU B 19 -4.44 -2.03 -8.04
C LEU B 19 -4.01 -3.20 -8.92
N ASP B 20 -4.06 -2.99 -10.24
CA ASP B 20 -3.58 -3.98 -11.20
C ASP B 20 -2.22 -3.54 -11.74
N TYR B 21 -1.25 -4.44 -11.69
CA TYR B 21 0.14 -4.15 -12.00
C TYR B 21 0.70 -5.32 -12.77
N ASP B 22 1.34 -5.05 -13.92
CA ASP B 22 1.85 -6.12 -14.75
C ASP B 22 2.92 -6.92 -14.02
N MET B 23 3.72 -6.26 -13.19
CA MET B 23 4.78 -6.91 -12.42
C MET B 23 4.21 -7.40 -11.09
N THR B 24 3.22 -8.28 -11.19
CA THR B 24 2.28 -8.52 -10.10
C THR B 24 2.96 -9.12 -8.88
N GLU B 25 3.58 -10.29 -9.03
CA GLU B 25 4.03 -11.06 -7.88
C GLU B 25 5.21 -10.40 -7.17
N LEU B 26 6.11 -9.75 -7.92
CA LEU B 26 7.22 -9.07 -7.27
C LEU B 26 6.75 -7.91 -6.41
N LEU B 27 5.70 -7.21 -6.86
CA LEU B 27 5.25 -6.04 -6.12
C LEU B 27 4.53 -6.41 -4.84
N LYS B 28 3.91 -7.59 -4.80
CA LYS B 28 3.17 -8.01 -3.60
C LYS B 28 4.08 -8.09 -2.39
N ASN B 29 5.32 -8.52 -2.59
CA ASN B 29 6.28 -8.67 -1.50
C ASN B 29 6.71 -7.35 -0.88
N ILE B 30 6.40 -6.21 -1.50
CA ILE B 30 6.88 -4.93 -0.97
C ILE B 30 5.73 -3.95 -0.81
N THR B 31 4.50 -4.45 -0.83
CA THR B 31 3.33 -3.61 -0.58
C THR B 31 3.21 -3.36 0.92
N ILE B 32 3.09 -2.08 1.30
CA ILE B 32 3.07 -1.68 2.69
C ILE B 32 1.99 -0.62 2.91
N HIS B 33 1.49 -0.56 4.14
CA HIS B 33 0.61 0.51 4.58
C HIS B 33 1.40 1.45 5.49
N VAL B 34 1.22 2.75 5.31
CA VAL B 34 2.05 3.75 5.97
C VAL B 34 1.15 4.78 6.65
N ASP B 35 1.49 5.13 7.89
CA ASP B 35 0.91 6.26 8.58
C ASP B 35 1.97 7.36 8.68
N PHE B 36 1.68 8.52 8.08
CA PHE B 36 2.58 9.66 8.13
C PHE B 36 2.22 10.48 9.37
N VAL B 37 3.11 10.48 10.36
CA VAL B 37 2.82 11.07 11.66
C VAL B 37 3.69 12.30 11.87
N ARG B 38 3.12 13.28 12.58
CA ARG B 38 3.83 14.50 12.94
C ARG B 38 3.33 14.97 14.29
N ASN B 39 4.25 15.26 15.20
CA ASN B 39 3.92 15.63 16.58
C ASN B 39 2.97 14.61 17.20
N GLY B 40 3.23 13.32 16.93
CA GLY B 40 2.46 12.24 17.50
C GLY B 40 1.07 12.06 16.95
N THR B 41 0.73 12.76 15.86
CA THR B 41 -0.59 12.68 15.26
C THR B 41 -0.48 12.23 13.80
N ILE B 42 -1.38 11.34 13.39
CA ILE B 42 -1.40 10.89 12.00
C ILE B 42 -1.89 12.03 11.12
N GLN B 43 -1.03 12.48 10.21
CA GLN B 43 -1.41 13.51 9.26
C GLN B 43 -2.19 12.91 8.10
N TYR B 44 -1.68 11.83 7.53
CA TYR B 44 -2.34 11.14 6.44
C TYR B 44 -1.72 9.76 6.33
N SER B 45 -2.44 8.86 5.69
CA SER B 45 -2.01 7.48 5.49
C SER B 45 -2.01 7.17 4.00
N GLY B 46 -1.37 6.07 3.64
CA GLY B 46 -1.34 5.66 2.25
C GLY B 46 -0.79 4.26 2.09
N LEU B 47 -1.09 3.69 0.94
CA LEU B 47 -0.45 2.47 0.48
C LEU B 47 0.68 2.84 -0.47
N THR B 48 1.79 2.13 -0.38
CA THR B 48 2.89 2.35 -1.30
C THR B 48 3.74 1.10 -1.31
N PHE B 49 4.93 1.20 -1.89
CA PHE B 49 5.81 0.06 -2.04
C PHE B 49 7.23 0.48 -1.67
N ALA B 50 8.00 -0.47 -1.16
CA ALA B 50 9.38 -0.19 -0.82
C ALA B 50 10.11 0.41 -2.02
N LEU B 51 10.81 1.52 -1.77
CA LEU B 51 11.50 2.33 -2.78
C LEU B 51 10.66 3.49 -3.29
N TYR B 52 9.35 3.43 -3.09
CA TYR B 52 8.44 4.48 -3.53
C TYR B 52 7.95 5.25 -2.30
N ASN B 53 8.28 6.54 -2.24
CA ASN B 53 7.86 7.39 -1.13
C ASN B 53 6.75 8.36 -1.50
N GLY B 54 6.17 8.22 -2.70
CA GLY B 54 4.94 8.90 -3.03
C GLY B 54 3.73 8.07 -2.63
N VAL B 55 2.55 8.66 -2.83
CA VAL B 55 1.29 8.01 -2.49
C VAL B 55 0.36 8.06 -3.69
N LEU B 56 -0.16 6.90 -4.09
CA LEU B 56 -1.19 6.82 -5.12
C LEU B 56 -2.52 6.28 -4.60
N THR B 57 -2.55 5.74 -3.38
CA THR B 57 -3.78 5.34 -2.71
C THR B 57 -3.62 5.78 -1.25
N GLY B 58 -4.39 6.79 -0.84
CA GLY B 58 -4.17 7.40 0.45
C GLY B 58 -5.42 8.01 1.04
N GLN B 59 -5.27 8.50 2.27
CA GLN B 59 -6.41 8.96 3.05
C GLN B 59 -5.97 10.06 4.01
N ARG B 60 -6.77 11.12 4.09
CA ARG B 60 -6.65 12.10 5.15
C ARG B 60 -7.69 11.74 6.21
N PRO B 61 -7.31 11.07 7.31
CA PRO B 61 -8.32 10.46 8.18
C PRO B 61 -9.37 11.46 8.63
N GLY B 62 -10.63 11.04 8.54
CA GLY B 62 -11.74 11.89 8.92
C GLY B 62 -12.19 12.89 7.87
N GLU B 63 -11.43 13.08 6.80
CA GLU B 63 -11.71 14.15 5.85
C GLU B 63 -11.95 13.63 4.44
N TYR B 64 -10.99 12.94 3.84
CA TYR B 64 -11.17 12.45 2.48
C TYR B 64 -10.15 11.36 2.19
N SER B 65 -10.43 10.60 1.12
CA SER B 65 -9.51 9.61 0.61
C SER B 65 -9.36 9.82 -0.90
N VAL B 66 -8.23 9.35 -1.43
CA VAL B 66 -7.90 9.57 -2.84
C VAL B 66 -7.22 8.33 -3.40
N SER B 67 -7.48 8.07 -4.68
CA SER B 67 -6.76 7.05 -5.44
C SER B 67 -6.59 7.53 -6.87
N LEU B 68 -5.45 7.18 -7.48
CA LEU B 68 -5.13 7.60 -8.82
C LEU B 68 -5.07 6.40 -9.75
N ASN B 69 -5.77 6.49 -10.88
CA ASN B 69 -5.70 5.51 -11.95
C ASN B 69 -4.95 6.11 -13.12
N ALA B 70 -4.00 5.37 -13.67
CA ALA B 70 -3.35 5.79 -14.89
C ALA B 70 -4.38 5.78 -16.02
N ARG B 71 -4.17 6.68 -16.98
CA ARG B 71 -5.10 6.83 -18.10
C ARG B 71 -4.32 6.57 -19.38
N TYR B 72 -4.74 5.55 -20.12
CA TYR B 72 -4.07 5.13 -21.34
C TYR B 72 -5.00 5.35 -22.52
N SER B 73 -4.59 6.19 -23.45
CA SER B 73 -5.31 6.43 -24.68
C SER B 73 -4.47 5.89 -25.83
N GLY B 74 -5.00 6.00 -27.04
CA GLY B 74 -4.28 5.56 -28.21
C GLY B 74 -3.09 6.45 -28.49
N ALA B 75 -2.40 6.13 -29.59
CA ALA B 75 -1.30 6.96 -30.08
C ALA B 75 -0.19 7.09 -29.04
N TYR B 76 0.14 5.97 -28.39
CA TYR B 76 1.24 5.97 -27.43
C TYR B 76 2.55 6.36 -28.11
N ILE B 77 2.73 5.94 -29.37
CA ILE B 77 3.92 6.34 -30.12
C ILE B 77 3.93 7.86 -30.32
N ASP B 78 2.80 8.42 -30.78
CA ASP B 78 2.77 9.83 -31.12
C ASP B 78 3.06 10.71 -29.91
N ASN B 79 2.69 10.25 -28.71
CA ASN B 79 2.66 11.12 -27.54
C ASN B 79 3.62 10.71 -26.44
N ILE B 80 4.51 9.75 -26.67
CA ILE B 80 5.35 9.24 -25.60
C ILE B 80 6.21 10.35 -25.01
N LEU B 81 6.75 11.23 -25.88
CA LEU B 81 7.58 12.33 -25.41
C LEU B 81 6.78 13.27 -24.52
N MET B 82 5.55 13.59 -24.91
CA MET B 82 4.70 14.45 -24.10
C MET B 82 4.28 13.76 -22.80
N GLU B 83 4.12 12.43 -22.81
CA GLU B 83 3.82 11.71 -21.58
C GLU B 83 4.99 11.81 -20.61
N PHE B 84 6.20 11.50 -21.08
CA PHE B 84 7.38 11.62 -20.23
C PHE B 84 7.60 13.05 -19.77
N TYR B 85 7.28 14.03 -20.63
CA TYR B 85 7.50 15.43 -20.29
C TYR B 85 6.66 15.84 -19.08
N THR B 86 5.37 15.52 -19.10
CA THR B 86 4.50 15.94 -18.00
C THR B 86 4.81 15.14 -16.74
N LYS B 87 5.21 13.88 -16.86
CA LYS B 87 5.56 13.10 -15.68
C LYS B 87 6.77 13.69 -14.97
N PHE B 88 7.74 14.22 -15.72
CA PHE B 88 8.89 14.88 -15.12
C PHE B 88 8.54 16.28 -14.63
N LYS B 89 7.65 16.96 -15.35
CA LYS B 89 7.34 18.35 -15.02
C LYS B 89 6.59 18.44 -13.70
N ARG B 90 5.76 17.44 -13.39
CA ARG B 90 4.98 17.43 -12.14
C ARG B 90 4.85 15.99 -11.67
N PRO B 91 5.84 15.48 -10.94
CA PRO B 91 5.77 14.08 -10.47
C PRO B 91 4.46 13.77 -9.77
N VAL B 92 3.78 12.72 -10.25
CA VAL B 92 2.40 12.47 -9.88
C VAL B 92 2.29 12.01 -8.43
N SER B 93 3.07 10.99 -8.05
CA SER B 93 2.89 10.42 -6.71
C SER B 93 3.21 11.42 -5.62
N PHE B 94 4.14 12.33 -5.86
CA PHE B 94 4.50 13.33 -4.85
C PHE B 94 3.53 14.49 -4.84
N PHE B 95 2.90 14.77 -5.98
CA PHE B 95 1.82 15.76 -5.97
C PHE B 95 0.66 15.27 -5.11
N ILE B 96 0.28 14.00 -5.24
CA ILE B 96 -0.78 13.42 -4.43
C ILE B 96 -0.43 13.52 -2.95
N ARG B 97 0.79 13.11 -2.59
CA ARG B 97 1.20 13.14 -1.20
C ARG B 97 1.19 14.56 -0.67
N ASP B 98 1.60 15.53 -1.48
CA ASP B 98 1.60 16.91 -1.05
C ASP B 98 0.19 17.40 -0.79
N VAL B 99 -0.78 16.94 -1.57
CA VAL B 99 -2.17 17.32 -1.33
C VAL B 99 -2.66 16.72 -0.01
N LEU B 100 -2.32 15.45 0.24
CA LEU B 100 -2.71 14.81 1.50
C LEU B 100 -2.12 15.53 2.70
N GLU B 101 -0.97 16.17 2.53
CA GLU B 101 -0.28 16.80 3.63
C GLU B 101 -0.73 18.23 3.89
N ASN B 102 -1.15 18.96 2.85
CA ASN B 102 -1.44 20.39 2.97
C ASN B 102 -2.89 20.77 2.71
N GLN B 103 -3.73 19.87 2.22
CA GLN B 103 -5.15 20.14 2.00
C GLN B 103 -5.96 19.35 3.02
N ALA B 104 -6.70 20.08 3.86
CA ALA B 104 -7.34 19.48 5.03
C ALA B 104 -8.74 18.93 4.76
N THR B 105 -9.46 19.48 3.79
CA THR B 105 -10.85 19.10 3.56
C THR B 105 -11.03 18.54 2.15
N TYR B 106 -12.11 17.76 1.99
CA TYR B 106 -12.45 17.20 0.69
C TYR B 106 -12.50 18.30 -0.37
N THR B 107 -13.17 19.40 -0.08
CA THR B 107 -13.30 20.47 -1.06
C THR B 107 -11.95 21.06 -1.42
N GLU B 108 -11.06 21.19 -0.44
CA GLU B 108 -9.72 21.71 -0.73
C GLU B 108 -8.94 20.75 -1.61
N ALA B 109 -9.04 19.45 -1.33
CA ALA B 109 -8.31 18.47 -2.12
C ALA B 109 -8.83 18.42 -3.56
N VAL B 110 -10.15 18.48 -3.74
CA VAL B 110 -10.71 18.40 -5.08
C VAL B 110 -10.24 19.58 -5.93
N ASP B 111 -10.19 20.78 -5.35
CA ASP B 111 -9.74 21.93 -6.12
C ASP B 111 -8.26 21.82 -6.47
N ALA B 112 -7.44 21.32 -5.54
CA ALA B 112 -6.03 21.16 -5.82
C ALA B 112 -5.79 20.21 -6.98
N PHE B 113 -6.56 19.11 -7.04
CA PHE B 113 -6.45 18.15 -8.13
C PHE B 113 -7.05 18.67 -9.44
N SER B 114 -7.82 19.75 -9.40
CA SER B 114 -8.49 20.29 -10.57
C SER B 114 -7.77 21.49 -11.19
N ARG B 115 -6.66 21.93 -10.63
CA ARG B 115 -5.99 23.12 -11.14
C ARG B 115 -5.54 22.91 -12.58
N THR B 116 -5.67 23.95 -13.39
CA THR B 116 -5.25 23.90 -14.80
C THR B 116 -3.74 24.05 -14.84
N HIS B 117 -3.05 22.92 -14.96
CA HIS B 117 -1.60 22.92 -15.13
C HIS B 117 -1.21 21.57 -15.70
N LEU B 118 0.02 21.49 -16.21
CA LEU B 118 0.51 20.23 -16.76
C LEU B 118 0.39 19.12 -15.72
N PHE B 119 -0.31 18.06 -16.08
CA PHE B 119 -0.44 16.90 -15.22
C PHE B 119 -0.64 15.67 -16.09
N SER B 120 0.01 14.58 -15.69
CA SER B 120 -0.04 13.37 -16.47
C SER B 120 -1.50 12.90 -16.59
N PRO B 121 -1.96 12.50 -17.78
CA PRO B 121 -3.35 12.04 -17.90
C PRO B 121 -3.63 10.90 -16.94
N SER B 122 -4.76 10.97 -16.26
CA SER B 122 -5.06 10.03 -15.20
C SER B 122 -6.49 10.29 -14.73
N TYR B 123 -6.98 9.40 -13.87
CA TYR B 123 -8.24 9.60 -13.17
C TYR B 123 -7.94 9.69 -11.68
N ILE B 124 -8.32 10.80 -11.07
CA ILE B 124 -8.18 10.99 -9.62
C ILE B 124 -9.56 10.84 -9.01
N ILE B 125 -9.71 9.84 -8.15
CA ILE B 125 -10.98 9.54 -7.50
C ILE B 125 -10.87 9.99 -6.05
N VAL B 126 -11.79 10.84 -5.63
CA VAL B 126 -11.77 11.43 -4.29
C VAL B 126 -13.10 11.13 -3.61
N ALA B 127 -13.02 10.75 -2.34
CA ALA B 127 -14.19 10.45 -1.53
C ALA B 127 -14.18 11.31 -0.27
N GLY B 128 -15.36 11.81 0.10
CA GLY B 128 -15.48 12.71 1.23
C GLY B 128 -16.36 12.17 2.35
N ILE B 129 -17.04 13.09 3.05
CA ILE B 129 -17.82 12.73 4.22
C ILE B 129 -19.22 13.31 4.12
N LYS B 130 -19.37 14.45 3.46
CA LYS B 130 -20.66 15.09 3.32
C LYS B 130 -21.40 14.55 2.09
N LYS B 131 -22.56 15.12 1.81
CA LYS B 131 -23.41 14.61 0.73
C LYS B 131 -22.76 14.84 -0.63
N ASN B 132 -22.87 13.83 -1.50
CA ASN B 132 -22.37 13.89 -2.86
C ASN B 132 -20.88 14.18 -2.93
N GLU B 133 -20.17 14.01 -1.82
CA GLU B 133 -18.72 14.23 -1.78
C GLU B 133 -18.02 12.97 -2.31
N GLY B 134 -18.17 12.76 -3.61
CA GLY B 134 -17.48 11.72 -4.34
C GLY B 134 -17.35 12.12 -5.78
N VAL B 135 -16.13 12.15 -6.31
CA VAL B 135 -15.89 12.71 -7.65
C VAL B 135 -14.81 11.91 -8.36
N VAL B 136 -14.96 11.79 -9.67
CA VAL B 136 -13.89 11.34 -10.55
C VAL B 136 -13.35 12.57 -11.24
N ILE B 137 -12.05 12.82 -11.08
CA ILE B 137 -11.38 13.94 -11.74
C ILE B 137 -10.61 13.38 -12.93
N SER B 138 -10.94 13.85 -14.12
CA SER B 138 -10.30 13.39 -15.35
C SER B 138 -9.23 14.40 -15.73
N ARG B 139 -7.96 14.02 -15.55
CA ARG B 139 -6.85 14.83 -16.03
C ARG B 139 -6.67 14.53 -17.50
N ASN B 140 -6.91 15.53 -18.35
CA ASN B 140 -6.89 15.36 -19.79
C ASN B 140 -5.53 15.77 -20.34
N ARG B 141 -5.34 15.45 -21.63
CA ARG B 141 -4.15 15.87 -22.34
C ARG B 141 -4.25 17.39 -22.61
N TRP B 142 -3.38 18.21 -22.01
CA TRP B 142 -2.32 17.81 -21.06
C TRP B 142 -2.32 18.70 -19.83
N SER B 143 -3.34 19.55 -19.72
CA SER B 143 -3.41 20.49 -18.61
C SER B 143 -4.82 20.78 -18.12
N ALA B 144 -5.86 20.27 -18.77
CA ALA B 144 -7.23 20.52 -18.36
C ALA B 144 -7.75 19.37 -17.51
N ALA B 145 -8.82 19.65 -16.77
CA ALA B 145 -9.45 18.64 -15.93
C ALA B 145 -10.96 18.78 -16.00
N ASN B 146 -11.63 17.64 -15.92
CA ASN B 146 -13.09 17.57 -15.84
C ASN B 146 -13.47 16.81 -14.56
N VAL B 147 -14.60 17.21 -13.97
CA VAL B 147 -15.09 16.60 -12.74
C VAL B 147 -16.44 15.96 -13.00
N TYR B 148 -16.68 14.82 -12.36
CA TYR B 148 -17.95 14.11 -12.44
C TYR B 148 -18.33 13.68 -11.03
N PRO B 149 -19.18 14.44 -10.35
CA PRO B 149 -19.48 14.15 -8.94
C PRO B 149 -20.66 13.19 -8.76
N LEU B 150 -20.85 12.78 -7.51
CA LEU B 150 -22.02 11.98 -7.15
C LEU B 150 -23.28 12.83 -7.21
N ASN B 151 -24.39 12.18 -7.58
CA ASN B 151 -25.71 12.82 -7.65
C ASN B 151 -26.72 11.82 -7.09
N VAL B 152 -26.75 11.69 -5.76
CA VAL B 152 -27.58 10.67 -5.13
C VAL B 152 -29.05 10.93 -5.39
N ASP B 153 -29.46 12.20 -5.50
CA ASP B 153 -30.85 12.51 -5.76
C ASP B 153 -31.26 12.14 -7.18
N ALA B 154 -30.31 12.07 -8.10
CA ALA B 154 -30.56 11.57 -9.45
C ALA B 154 -30.31 10.07 -9.56
N ASN B 155 -30.24 9.37 -8.43
CA ASN B 155 -29.97 7.93 -8.40
C ASN B 155 -28.58 7.60 -8.95
N GLN B 156 -27.63 8.52 -8.78
CA GLN B 156 -26.24 8.31 -9.18
C GLN B 156 -25.41 8.24 -7.90
N TRP B 157 -25.49 7.08 -7.24
CA TRP B 157 -24.90 6.91 -5.91
C TRP B 157 -23.52 6.27 -5.94
N PHE B 158 -23.01 5.88 -7.11
CA PHE B 158 -21.66 5.31 -7.21
C PHE B 158 -20.95 5.83 -8.45
N LEU B 159 -19.62 5.76 -8.39
CA LEU B 159 -18.75 6.11 -9.51
C LEU B 159 -17.70 5.02 -9.66
N VAL B 160 -17.46 4.60 -10.91
CA VAL B 160 -16.50 3.55 -11.24
C VAL B 160 -15.61 4.03 -12.38
N GLU B 161 -14.31 3.83 -12.22
CA GLU B 161 -13.38 4.23 -13.26
C GLU B 161 -12.20 3.26 -13.29
N THR B 162 -11.66 3.02 -14.49
CA THR B 162 -10.48 2.16 -14.64
C THR B 162 -9.40 2.98 -15.33
N ASN B 163 -8.84 2.49 -16.45
CA ASN B 163 -7.66 3.05 -17.06
C ASN B 163 -7.88 3.67 -18.44
N PHE B 164 -9.04 3.48 -19.04
CA PHE B 164 -9.22 3.82 -20.45
C PHE B 164 -10.35 4.83 -20.63
N ASP B 165 -10.57 5.21 -21.90
CA ASP B 165 -11.67 6.08 -22.30
C ASP B 165 -12.21 5.61 -23.65
N ASN B 166 -13.27 6.28 -24.11
CA ASN B 166 -13.85 6.02 -25.44
C ASN B 166 -14.27 4.54 -25.52
N TRP B 167 -14.11 3.90 -26.68
CA TRP B 167 -14.58 2.53 -26.85
C TRP B 167 -13.97 1.61 -25.81
N LYS B 168 -12.66 1.73 -25.57
CA LYS B 168 -11.99 0.79 -24.69
C LYS B 168 -12.55 0.86 -23.27
N LYS B 169 -12.95 2.05 -22.83
CA LYS B 169 -13.58 2.19 -21.52
C LYS B 169 -14.90 1.44 -21.47
N GLN B 170 -15.79 1.70 -22.43
CA GLN B 170 -17.12 1.10 -22.42
C GLN B 170 -17.07 -0.42 -22.54
N GLY B 171 -15.98 -0.96 -23.07
CA GLY B 171 -15.82 -2.40 -23.19
C GLY B 171 -14.94 -3.04 -22.13
N ASP B 172 -14.55 -2.29 -21.10
CA ASP B 172 -13.71 -2.84 -20.04
C ASP B 172 -14.53 -3.76 -19.14
N ASP B 173 -14.18 -5.04 -19.13
CA ASP B 173 -14.95 -6.01 -18.36
C ASP B 173 -14.87 -5.72 -16.86
N ARG B 174 -13.75 -5.17 -16.39
CA ARG B 174 -13.64 -4.78 -14.99
C ARG B 174 -14.67 -3.71 -14.64
N ARG B 175 -14.79 -2.69 -15.48
CA ARG B 175 -15.73 -1.60 -15.20
C ARG B 175 -17.16 -2.06 -15.35
N ILE B 176 -17.46 -2.86 -16.38
CA ILE B 176 -18.82 -3.34 -16.59
C ILE B 176 -19.27 -4.20 -15.42
N THR B 177 -18.43 -5.14 -15.00
CA THR B 177 -18.80 -6.03 -13.91
C THR B 177 -19.05 -5.27 -12.62
N ALA B 178 -18.17 -4.34 -12.28
CA ALA B 178 -18.32 -3.60 -11.03
C ALA B 178 -19.63 -2.81 -11.03
N ILE B 179 -20.02 -2.25 -12.18
CA ILE B 179 -21.27 -1.50 -12.24
C ILE B 179 -22.46 -2.42 -12.07
N GLN B 180 -22.42 -3.59 -12.71
CA GLN B 180 -23.49 -4.56 -12.53
C GLN B 180 -23.59 -4.99 -11.07
N LYS B 181 -22.45 -5.24 -10.44
CA LYS B 181 -22.46 -5.74 -9.07
C LYS B 181 -22.98 -4.68 -8.10
N LEU B 182 -22.60 -3.42 -8.31
CA LEU B 182 -23.13 -2.35 -7.46
C LEU B 182 -24.64 -2.23 -7.59
N LYS B 183 -25.16 -2.40 -8.80
CA LYS B 183 -26.61 -2.34 -8.99
C LYS B 183 -27.30 -3.52 -8.33
N GLU B 184 -26.69 -4.70 -8.39
CA GLU B 184 -27.28 -5.87 -7.74
C GLU B 184 -27.38 -5.66 -6.24
N LEU B 185 -26.29 -5.23 -5.61
CA LEU B 185 -26.30 -5.03 -4.17
C LEU B 185 -27.22 -3.89 -3.77
N GLY B 186 -27.34 -2.88 -4.63
CA GLY B 186 -28.24 -1.77 -4.37
C GLY B 186 -27.66 -0.75 -3.40
N ARG B 187 -28.20 0.46 -3.48
CA ARG B 187 -27.68 1.56 -2.67
C ARG B 187 -27.92 1.30 -1.18
N ARG B 188 -29.12 0.84 -0.82
CA ARG B 188 -29.48 0.72 0.57
C ARG B 188 -28.64 -0.36 1.25
N ASN B 189 -28.17 -0.05 2.46
CA ASN B 189 -27.36 -0.95 3.27
C ASN B 189 -26.03 -1.31 2.61
N PHE B 190 -25.58 -0.51 1.64
CA PHE B 190 -24.27 -0.74 1.05
C PHE B 190 -23.20 -0.24 2.02
N ASP B 191 -22.32 -1.16 2.42
CA ASP B 191 -21.28 -0.82 3.39
C ASP B 191 -19.93 -1.29 2.89
N GLU B 192 -18.92 -1.23 3.76
CA GLU B 192 -17.57 -1.63 3.35
C GLU B 192 -17.52 -3.10 2.97
N LYS B 193 -18.33 -3.95 3.61
CA LYS B 193 -18.35 -5.37 3.23
C LYS B 193 -18.98 -5.57 1.85
N SER B 194 -19.93 -4.70 1.48
CA SER B 194 -20.44 -4.72 0.11
C SER B 194 -19.35 -4.36 -0.87
N MET B 195 -18.52 -3.37 -0.54
CA MET B 195 -17.41 -3.00 -1.40
C MET B 195 -16.42 -4.15 -1.56
N VAL B 196 -16.22 -4.94 -0.51
CA VAL B 196 -15.34 -6.10 -0.60
C VAL B 196 -15.90 -7.11 -1.60
N GLU B 197 -17.23 -7.32 -1.58
CA GLU B 197 -17.84 -8.24 -2.54
C GLU B 197 -17.64 -7.75 -3.97
N VAL B 198 -17.80 -6.44 -4.20
CA VAL B 198 -17.61 -5.88 -5.53
C VAL B 198 -16.16 -6.05 -5.98
N LEU B 199 -15.22 -5.58 -5.16
CA LEU B 199 -13.81 -5.62 -5.55
C LEU B 199 -13.28 -7.04 -5.75
N SER B 200 -13.94 -8.04 -5.17
CA SER B 200 -13.49 -9.43 -5.28
C SER B 200 -14.15 -10.17 -6.45
N THR B 201 -15.07 -9.54 -7.16
CA THR B 201 -15.73 -10.18 -8.30
C THR B 201 -14.79 -10.24 -9.49
N VAL B 202 -14.77 -11.38 -10.16
CA VAL B 202 -13.98 -11.54 -11.38
C VAL B 202 -14.74 -10.85 -12.52
N PRO B 203 -14.03 -10.07 -13.36
CA PRO B 203 -12.60 -9.81 -13.44
C PRO B 203 -12.13 -8.51 -12.79
N VAL B 204 -12.97 -7.88 -11.95
CA VAL B 204 -12.50 -6.75 -11.16
C VAL B 204 -11.25 -7.15 -10.38
N ARG B 205 -11.32 -8.31 -9.72
CA ARG B 205 -10.14 -9.04 -9.29
C ARG B 205 -9.71 -9.93 -10.44
N ASN B 206 -8.40 -9.95 -10.72
CA ASN B 206 -7.88 -10.70 -11.86
C ASN B 206 -6.43 -11.08 -11.59
N ASN B 207 -5.79 -11.70 -12.59
CA ASN B 207 -4.45 -12.22 -12.41
C ASN B 207 -3.43 -11.13 -12.10
N LEU B 208 -3.69 -9.90 -12.54
CA LEU B 208 -2.75 -8.80 -12.31
C LEU B 208 -3.04 -8.01 -11.05
N THR B 209 -4.11 -8.32 -10.33
CA THR B 209 -4.47 -7.54 -9.15
C THR B 209 -3.45 -7.77 -8.03
N VAL B 210 -2.79 -6.70 -7.60
CA VAL B 210 -1.82 -6.80 -6.51
C VAL B 210 -2.53 -6.76 -5.16
N PHE B 211 -3.32 -5.73 -4.93
CA PHE B 211 -4.05 -5.61 -3.67
C PHE B 211 -5.45 -5.05 -3.93
N SER B 212 -6.31 -5.28 -2.95
CA SER B 212 -7.63 -4.67 -2.87
C SER B 212 -7.73 -3.95 -1.54
N THR B 213 -8.32 -2.75 -1.55
CA THR B 213 -8.41 -1.94 -0.34
C THR B 213 -9.76 -1.24 -0.29
N VAL B 214 -10.17 -0.91 0.93
CA VAL B 214 -11.38 -0.15 1.17
C VAL B 214 -11.04 0.98 2.13
N MET B 215 -11.57 2.16 1.86
CA MET B 215 -11.35 3.34 2.69
C MET B 215 -12.69 4.01 2.95
N VAL B 216 -12.95 4.31 4.21
CA VAL B 216 -14.13 5.07 4.60
C VAL B 216 -13.65 6.27 5.42
N PRO B 217 -13.28 7.38 4.78
CA PRO B 217 -12.72 8.50 5.55
C PRO B 217 -13.68 9.07 6.59
N GLY B 218 -14.99 8.90 6.40
CA GLY B 218 -15.96 9.46 7.34
C GLY B 218 -16.05 8.73 8.66
N LEU B 219 -15.46 7.54 8.78
CA LEU B 219 -15.54 6.78 10.01
C LEU B 219 -14.84 7.54 11.14
N PRO B 220 -15.33 7.42 12.37
CA PRO B 220 -14.61 8.01 13.51
C PRO B 220 -13.25 7.37 13.76
N ASP B 221 -13.02 6.17 13.23
CA ASP B 221 -11.75 5.47 13.35
C ASP B 221 -11.21 5.09 11.97
N SER B 222 -11.34 6.02 11.02
CA SER B 222 -10.99 5.71 9.63
C SER B 222 -9.54 5.25 9.51
N ALA B 223 -8.64 5.85 10.30
CA ALA B 223 -7.25 5.43 10.26
C ALA B 223 -7.10 3.98 10.72
N ASP B 224 -7.79 3.61 11.80
CA ASP B 224 -7.71 2.23 12.28
C ASP B 224 -8.26 1.26 11.25
N TYR B 225 -9.35 1.64 10.58
CA TYR B 225 -9.94 0.77 9.56
C TYR B 225 -8.98 0.58 8.38
N PHE B 226 -8.49 1.69 7.82
CA PHE B 226 -7.61 1.62 6.66
C PHE B 226 -6.37 0.78 6.94
N ARG B 227 -5.91 0.76 8.19
CA ARG B 227 -4.70 0.04 8.56
C ARG B 227 -4.86 -1.48 8.49
N GLN B 228 -6.09 -1.98 8.37
CA GLN B 228 -6.35 -3.41 8.33
C GLN B 228 -7.29 -3.81 7.20
N SER B 229 -7.67 -2.88 6.32
CA SER B 229 -8.65 -3.15 5.28
C SER B 229 -8.03 -3.61 3.96
N THR B 230 -6.70 -3.57 3.82
CA THR B 230 -6.07 -3.94 2.56
C THR B 230 -5.76 -5.43 2.52
N TRP B 231 -5.88 -6.00 1.33
CA TRP B 231 -5.74 -7.44 1.11
C TRP B 231 -4.79 -7.64 -0.06
N ILE B 232 -3.65 -8.26 0.21
CA ILE B 232 -2.70 -8.63 -0.84
C ILE B 232 -3.14 -9.97 -1.40
N LEU B 233 -3.45 -10.00 -2.70
CA LEU B 233 -4.10 -11.18 -3.23
C LEU B 233 -3.10 -12.33 -3.45
N PRO B 234 -3.53 -13.58 -3.25
CA PRO B 234 -2.66 -14.73 -3.51
C PRO B 234 -2.40 -14.93 -5.01
N LYS C 9 -13.60 -48.65 -7.38
CA LYS C 9 -13.82 -47.97 -8.66
C LYS C 9 -15.28 -47.56 -8.84
N LEU C 10 -16.19 -48.53 -8.66
CA LEU C 10 -17.62 -48.28 -8.74
C LEU C 10 -18.32 -48.35 -7.40
N ASP C 11 -17.78 -49.10 -6.44
CA ASP C 11 -18.40 -49.29 -5.13
C ASP C 11 -17.66 -48.38 -4.16
N ARG C 12 -18.13 -47.14 -4.04
CA ARG C 12 -17.47 -46.14 -3.20
C ARG C 12 -18.43 -45.51 -2.21
N LYS C 13 -19.42 -46.27 -1.75
CA LYS C 13 -20.23 -45.80 -0.63
C LYS C 13 -19.55 -46.18 0.69
N PRO C 14 -19.73 -45.37 1.74
CA PRO C 14 -19.18 -45.75 3.04
C PRO C 14 -19.94 -46.92 3.65
N ARG C 15 -19.22 -47.74 4.40
CA ARG C 15 -19.87 -48.84 5.11
C ARG C 15 -20.94 -48.30 6.04
N HIS C 16 -22.08 -48.99 6.08
CA HIS C 16 -23.21 -48.59 6.91
C HIS C 16 -23.19 -49.37 8.21
N TYR C 17 -23.49 -48.68 9.31
CA TYR C 17 -23.56 -49.28 10.63
C TYR C 17 -24.78 -48.75 11.36
N GLU C 18 -25.31 -49.58 12.27
CA GLU C 18 -26.35 -49.16 13.20
C GLU C 18 -25.77 -49.08 14.60
N ILE C 19 -25.89 -47.93 15.23
CA ILE C 19 -25.48 -47.72 16.60
C ILE C 19 -26.73 -47.81 17.47
N ASN C 20 -26.82 -48.86 18.28
CA ASN C 20 -27.99 -49.10 19.11
C ASN C 20 -27.85 -48.29 20.39
N LEU C 21 -28.71 -47.28 20.56
CA LEU C 21 -28.68 -46.46 21.77
C LEU C 21 -29.19 -47.20 22.99
N ASP C 22 -29.84 -48.36 22.82
CA ASP C 22 -30.25 -49.17 23.96
C ASP C 22 -29.09 -49.98 24.54
N GLU C 23 -28.03 -50.19 23.78
CA GLU C 23 -26.87 -50.89 24.29
C GLU C 23 -26.11 -50.00 25.27
N PRO C 24 -25.33 -50.60 26.16
CA PRO C 24 -24.47 -49.80 27.04
C PRO C 24 -23.49 -48.98 26.22
N PRO C 25 -23.22 -47.74 26.62
CA PRO C 25 -22.41 -46.86 25.76
C PRO C 25 -21.03 -47.42 25.46
N SER C 26 -20.43 -48.19 26.37
CA SER C 26 -19.10 -48.73 26.15
C SER C 26 -19.05 -49.81 25.09
N GLN C 27 -20.19 -50.28 24.59
CA GLN C 27 -20.26 -51.37 23.63
C GLN C 27 -20.76 -50.95 22.25
N ARG C 28 -21.08 -49.67 22.06
CA ARG C 28 -21.81 -49.27 20.87
C ARG C 28 -20.95 -49.31 19.61
N TRP C 29 -19.68 -48.94 19.71
CA TRP C 29 -18.81 -48.82 18.55
C TRP C 29 -17.93 -50.03 18.32
N ASN C 30 -18.21 -51.15 19.00
CA ASN C 30 -17.33 -52.31 18.89
C ASN C 30 -17.16 -52.74 17.44
N GLN C 31 -18.27 -52.88 16.70
CA GLN C 31 -18.19 -53.38 15.33
C GLN C 31 -17.44 -52.41 14.43
N VAL C 32 -17.68 -51.10 14.60
CA VAL C 32 -16.97 -50.10 13.80
C VAL C 32 -15.46 -50.23 14.00
N ILE C 33 -15.02 -50.27 15.26
CA ILE C 33 -13.59 -50.33 15.54
C ILE C 33 -13.01 -51.64 15.05
N LYS C 34 -13.78 -52.73 15.16
CA LYS C 34 -13.28 -54.04 14.74
C LYS C 34 -13.01 -54.07 13.23
N ASP C 35 -13.86 -53.42 12.44
CA ASP C 35 -13.76 -53.51 10.99
C ASP C 35 -12.66 -52.62 10.41
N HIS C 36 -12.27 -51.55 11.11
CA HIS C 36 -11.27 -50.61 10.62
C HIS C 36 -9.99 -50.65 11.44
N LEU C 37 -9.81 -51.70 12.25
CA LEU C 37 -8.69 -51.74 13.19
C LEU C 37 -7.35 -51.53 12.49
N GLU C 38 -7.21 -52.02 11.26
CA GLU C 38 -5.93 -51.88 10.56
C GLU C 38 -5.55 -50.42 10.40
N TYR C 39 -6.51 -49.56 10.04
CA TYR C 39 -6.20 -48.19 9.70
C TYR C 39 -6.03 -47.29 10.92
N LEU C 40 -6.52 -47.70 12.08
CA LEU C 40 -6.63 -46.76 13.20
C LEU C 40 -5.27 -46.27 13.68
N PRO C 41 -4.26 -47.12 13.90
CA PRO C 41 -2.96 -46.60 14.36
C PRO C 41 -2.34 -45.60 13.40
N GLY C 42 -2.48 -45.84 12.09
CA GLY C 42 -1.90 -44.91 11.13
C GLY C 42 -2.62 -43.58 11.09
N VAL C 43 -3.94 -43.61 11.27
CA VAL C 43 -4.71 -42.37 11.31
C VAL C 43 -4.32 -41.54 12.53
N VAL C 44 -4.18 -42.18 13.68
CA VAL C 44 -3.81 -41.45 14.90
C VAL C 44 -2.46 -40.77 14.72
N GLU C 45 -1.44 -41.53 14.31
CA GLU C 45 -0.10 -40.97 14.20
C GLU C 45 -0.07 -39.79 13.25
N GLU C 46 -0.82 -39.88 12.15
CA GLU C 46 -0.76 -38.81 11.15
C GLU C 46 -1.56 -37.59 11.57
N THR C 47 -2.65 -37.78 12.33
CA THR C 47 -3.40 -36.62 12.81
C THR C 47 -2.57 -35.84 13.83
N LYS C 48 -1.85 -36.54 14.71
CA LYS C 48 -1.05 -35.87 15.73
C LYS C 48 -0.02 -34.93 15.10
N LYS C 49 0.55 -35.33 13.96
CA LYS C 49 1.54 -34.48 13.30
C LYS C 49 0.96 -33.14 12.88
N TYR C 50 -0.36 -33.04 12.77
CA TYR C 50 -0.96 -31.76 12.41
C TYR C 50 -1.09 -30.81 13.59
N ILE C 51 -0.95 -31.30 14.81
CA ILE C 51 -0.97 -30.41 15.97
C ILE C 51 0.35 -29.67 16.04
N PRO C 52 0.36 -28.34 16.09
CA PRO C 52 1.63 -27.62 16.22
C PRO C 52 2.40 -28.09 17.45
N LYS C 53 3.70 -28.31 17.26
CA LYS C 53 4.51 -28.86 18.35
C LYS C 53 4.48 -27.99 19.61
N PRO C 54 4.52 -26.67 19.54
CA PRO C 54 4.46 -25.87 20.78
C PRO C 54 3.19 -26.09 21.57
N LEU C 55 2.09 -26.50 20.94
CA LEU C 55 0.80 -26.64 21.59
C LEU C 55 0.49 -28.06 22.04
N GLN C 56 1.33 -29.04 21.74
CA GLN C 56 1.00 -30.41 22.08
C GLN C 56 0.89 -30.63 23.58
N PRO C 57 1.81 -30.16 24.42
CA PRO C 57 1.63 -30.35 25.87
C PRO C 57 0.33 -29.76 26.37
N PHE C 58 -0.13 -28.66 25.79
CA PHE C 58 -1.37 -28.05 26.21
C PHE C 58 -2.57 -28.91 25.80
N VAL C 59 -2.52 -29.48 24.60
CA VAL C 59 -3.59 -30.34 24.13
C VAL C 59 -3.71 -31.57 25.02
N TRP C 60 -2.58 -32.24 25.26
CA TRP C 60 -2.61 -33.47 26.05
C TRP C 60 -3.00 -33.18 27.49
N TRP C 61 -2.60 -32.04 28.04
CA TRP C 61 -3.05 -31.70 29.39
C TRP C 61 -4.57 -31.56 29.42
N ALA C 62 -5.12 -30.82 28.46
CA ALA C 62 -6.57 -30.63 28.44
C ALA C 62 -7.29 -31.95 28.19
N ALA C 63 -6.71 -32.83 27.36
CA ALA C 63 -7.38 -34.09 27.05
C ALA C 63 -7.43 -35.03 28.25
N SER C 64 -6.50 -34.89 29.20
CA SER C 64 -6.54 -35.73 30.39
C SER C 64 -7.70 -35.36 31.32
N LYS C 65 -8.22 -34.14 31.20
CA LYS C 65 -9.36 -33.69 31.98
C LYS C 65 -10.66 -34.12 31.32
N ILE C 66 -10.80 -35.43 31.05
CA ILE C 66 -11.91 -35.93 30.26
C ILE C 66 -13.25 -35.69 30.94
N ASP C 67 -13.28 -35.72 32.28
CA ASP C 67 -14.54 -35.58 33.00
C ASP C 67 -15.13 -34.18 32.91
N ARG C 68 -14.38 -33.19 32.41
CA ARG C 68 -14.88 -31.82 32.37
C ARG C 68 -15.83 -31.59 31.22
N TYR C 69 -15.59 -32.21 30.06
CA TYR C 69 -16.17 -31.75 28.81
C TYR C 69 -17.31 -32.61 28.27
N PHE C 70 -17.46 -33.85 28.74
CA PHE C 70 -18.40 -34.77 28.15
C PHE C 70 -19.39 -35.27 29.20
N THR C 71 -20.57 -35.65 28.74
CA THR C 71 -21.56 -36.31 29.58
C THR C 71 -21.07 -37.71 29.93
N THR C 72 -21.66 -38.26 31.00
CA THR C 72 -21.30 -39.61 31.41
C THR C 72 -21.50 -40.60 30.26
N GLU C 73 -22.59 -40.44 29.51
CA GLU C 73 -22.83 -41.31 28.36
C GLU C 73 -21.68 -41.21 27.37
N ILE C 74 -21.29 -39.98 27.00
CA ILE C 74 -20.23 -39.80 26.01
C ILE C 74 -18.88 -40.25 26.57
N GLN C 75 -18.66 -40.05 27.87
CA GLN C 75 -17.41 -40.53 28.47
C GLN C 75 -17.26 -42.03 28.29
N GLU C 76 -18.33 -42.79 28.53
CA GLU C 76 -18.26 -44.24 28.39
C GLU C 76 -18.06 -44.65 26.94
N GLU C 77 -18.63 -43.92 25.99
CA GLU C 77 -18.39 -44.21 24.57
C GLU C 77 -16.91 -44.02 24.22
N LEU C 78 -16.33 -42.89 24.63
CA LEU C 78 -14.92 -42.63 24.33
C LEU C 78 -14.01 -43.69 24.94
N LYS C 79 -14.27 -44.07 26.19
CA LYS C 79 -13.49 -45.11 26.83
C LYS C 79 -13.63 -46.43 26.09
N GLY C 80 -14.85 -46.78 25.68
CA GLY C 80 -15.06 -48.02 24.94
C GLY C 80 -14.33 -48.03 23.61
N ILE C 81 -14.31 -46.88 22.91
CA ILE C 81 -13.59 -46.79 21.65
C ILE C 81 -12.10 -46.98 21.90
N ALA C 82 -11.56 -46.33 22.93
CA ALA C 82 -10.16 -46.49 23.26
C ALA C 82 -9.86 -47.91 23.73
N SER C 83 -10.83 -48.53 24.42
CA SER C 83 -10.65 -49.89 24.91
C SER C 83 -10.61 -50.89 23.76
N GLU C 84 -11.53 -50.76 22.80
CA GLU C 84 -11.59 -51.71 21.69
C GLU C 84 -10.43 -51.52 20.72
N SER C 85 -10.07 -50.26 20.42
CA SER C 85 -8.99 -49.99 19.48
C SER C 85 -7.61 -50.27 20.07
N GLY C 86 -7.48 -50.27 21.40
CA GLY C 86 -6.18 -50.40 22.01
C GLY C 86 -5.31 -49.17 21.84
N LEU C 87 -5.92 -47.99 21.77
CA LEU C 87 -5.18 -46.75 21.57
C LEU C 87 -5.41 -45.81 22.76
N PRO C 88 -4.42 -45.00 23.11
CA PRO C 88 -4.54 -44.17 24.32
C PRO C 88 -5.71 -43.19 24.23
N ILE C 89 -6.53 -43.17 25.29
CA ILE C 89 -7.75 -42.38 25.28
C ILE C 89 -7.45 -40.89 25.18
N GLY C 90 -6.36 -40.43 25.79
CA GLY C 90 -6.03 -39.02 25.70
C GLY C 90 -5.86 -38.57 24.26
N GLU C 91 -5.29 -39.43 23.42
CA GLU C 91 -5.14 -39.09 22.00
C GLU C 91 -6.49 -39.15 21.31
N ILE C 92 -7.32 -40.14 21.64
CA ILE C 92 -8.64 -40.24 21.03
C ILE C 92 -9.51 -39.05 21.43
N VAL C 93 -9.46 -38.66 22.70
CA VAL C 93 -10.21 -37.49 23.15
C VAL C 93 -9.74 -36.25 22.42
N GLY C 94 -8.42 -36.09 22.29
CA GLY C 94 -7.90 -34.90 21.62
C GLY C 94 -8.37 -34.78 20.19
N MET C 95 -8.31 -35.86 19.42
CA MET C 95 -8.71 -35.78 18.02
C MET C 95 -10.20 -35.48 17.88
N ASN C 96 -11.04 -36.05 18.73
CA ASN C 96 -12.47 -35.80 18.61
C ASN C 96 -12.78 -34.34 18.91
N ILE C 97 -12.05 -33.75 19.86
CA ILE C 97 -12.25 -32.35 20.18
C ILE C 97 -11.64 -31.45 19.12
N LEU C 98 -10.40 -31.74 18.71
CA LEU C 98 -9.76 -30.99 17.61
C LEU C 98 -10.19 -31.61 16.28
N TYR C 99 -11.48 -31.46 15.99
CA TYR C 99 -12.09 -32.14 14.86
C TYR C 99 -11.49 -31.72 13.53
N ASP C 100 -11.00 -30.48 13.43
CA ASP C 100 -10.53 -29.94 12.17
C ASP C 100 -9.02 -29.72 12.13
N VAL C 101 -8.28 -30.33 13.07
CA VAL C 101 -6.85 -30.05 13.15
C VAL C 101 -6.13 -30.56 11.91
N ALA C 102 -6.59 -31.67 11.33
CA ALA C 102 -6.00 -32.24 10.13
C ALA C 102 -6.76 -31.87 8.86
N ALA C 103 -7.82 -31.08 8.96
CA ALA C 103 -8.55 -30.66 7.78
C ALA C 103 -7.83 -29.52 7.06
N PHE C 104 -7.27 -28.59 7.82
CA PHE C 104 -6.62 -27.40 7.27
C PHE C 104 -5.27 -27.26 7.92
N ASP C 105 -4.20 -27.39 7.14
CA ASP C 105 -2.86 -27.36 7.69
C ASP C 105 -2.48 -25.93 8.05
N ARG C 106 -2.23 -25.71 9.35
CA ARG C 106 -1.83 -24.39 9.85
C ARG C 106 -0.47 -24.46 10.53
N ARG C 107 0.36 -25.41 10.13
CA ARG C 107 1.71 -25.54 10.69
C ARG C 107 2.71 -24.60 10.04
N HIS C 108 2.43 -24.13 8.81
CA HIS C 108 3.35 -23.24 8.12
C HIS C 108 3.65 -21.99 8.92
N ILE C 109 2.79 -21.63 9.88
CA ILE C 109 3.09 -20.51 10.77
C ILE C 109 4.22 -20.86 11.72
N PHE C 110 4.51 -22.15 11.88
CA PHE C 110 5.56 -22.62 12.79
C PHE C 110 6.77 -23.09 11.98
N CYS D 1 -14.19 -27.78 2.80
CA CYS D 1 -15.59 -28.03 3.06
C CYS D 1 -16.48 -27.07 2.28
N THR D 2 -17.52 -27.62 1.66
CA THR D 2 -18.53 -26.84 0.94
C THR D 2 -19.90 -27.38 1.32
N SER D 3 -20.71 -26.54 1.94
CA SER D 3 -22.07 -26.90 2.32
C SER D 3 -23.05 -26.06 1.51
N ILE D 4 -24.06 -26.73 0.96
CA ILE D 4 -25.05 -26.08 0.10
C ILE D 4 -26.45 -26.47 0.55
N VAL D 5 -27.35 -25.51 0.56
CA VAL D 5 -28.77 -25.74 0.78
C VAL D 5 -29.54 -25.00 -0.30
N ALA D 6 -30.52 -25.68 -0.91
CA ALA D 6 -31.32 -25.10 -1.97
C ALA D 6 -32.75 -25.60 -1.85
N GLN D 7 -33.70 -24.71 -2.13
CA GLN D 7 -35.12 -25.06 -2.19
C GLN D 7 -35.61 -24.81 -3.61
N ASN D 8 -36.12 -25.87 -4.26
CA ASN D 8 -36.52 -25.74 -5.65
C ASN D 8 -37.90 -25.08 -5.73
N SER D 9 -38.39 -24.94 -6.97
CA SER D 9 -39.69 -24.32 -7.17
C SER D 9 -40.81 -25.16 -6.56
N ALA D 10 -40.66 -26.49 -6.58
CA ALA D 10 -41.65 -27.38 -5.98
C ALA D 10 -41.65 -27.32 -4.46
N GLY D 11 -40.67 -26.65 -3.85
CA GLY D 11 -40.58 -26.55 -2.41
C GLY D 11 -39.68 -27.56 -1.75
N GLN D 12 -39.09 -28.48 -2.50
CA GLN D 12 -38.20 -29.48 -1.92
C GLN D 12 -36.86 -28.85 -1.57
N ILE D 13 -36.34 -29.21 -0.39
CA ILE D 13 -35.09 -28.66 0.13
C ILE D 13 -34.03 -29.74 0.10
N ILE D 14 -32.92 -29.46 -0.58
CA ILE D 14 -31.82 -30.39 -0.74
C ILE D 14 -30.59 -29.84 -0.04
N HIS D 15 -29.87 -30.71 0.65
CA HIS D 15 -28.69 -30.33 1.43
C HIS D 15 -27.49 -31.11 0.88
N GLY D 16 -26.54 -30.39 0.29
CA GLY D 16 -25.33 -30.98 -0.26
C GLY D 16 -24.10 -30.61 0.58
N ARG D 17 -23.14 -31.54 0.62
CA ARG D 17 -21.97 -31.33 1.46
C ARG D 17 -20.77 -32.07 0.89
N ASN D 18 -19.68 -31.34 0.69
CA ASN D 18 -18.37 -31.92 0.39
C ASN D 18 -17.45 -31.69 1.58
N LEU D 19 -16.69 -32.72 1.95
CA LEU D 19 -15.72 -32.62 3.03
C LEU D 19 -14.32 -32.62 2.44
N ASP D 20 -13.62 -31.49 2.61
CA ASP D 20 -12.22 -31.39 2.21
C ASP D 20 -11.34 -31.53 3.44
N TYR D 21 -10.36 -32.42 3.36
CA TYR D 21 -9.55 -32.81 4.50
C TYR D 21 -8.12 -32.98 4.04
N ASP D 22 -7.18 -32.31 4.71
CA ASP D 22 -5.79 -32.37 4.28
C ASP D 22 -5.26 -33.80 4.33
N MET D 23 -5.69 -34.57 5.32
CA MET D 23 -5.28 -35.97 5.46
C MET D 23 -6.23 -36.86 4.65
N THR D 24 -6.24 -36.59 3.34
CA THR D 24 -7.36 -37.00 2.50
C THR D 24 -7.50 -38.52 2.42
N GLU D 25 -6.47 -39.20 1.92
CA GLU D 25 -6.62 -40.61 1.58
C GLU D 25 -6.78 -41.49 2.82
N LEU D 26 -6.11 -41.15 3.92
CA LEU D 26 -6.24 -41.96 5.12
C LEU D 26 -7.68 -41.91 5.66
N LEU D 27 -8.33 -40.76 5.53
CA LEU D 27 -9.68 -40.63 6.07
C LEU D 27 -10.70 -41.39 5.23
N LYS D 28 -10.43 -41.53 3.93
CA LYS D 28 -11.35 -42.26 3.07
C LYS D 28 -11.51 -43.70 3.53
N ASN D 29 -10.43 -44.30 4.03
CA ASN D 29 -10.47 -45.70 4.45
C ASN D 29 -11.31 -45.92 5.70
N ILE D 30 -11.72 -44.86 6.40
CA ILE D 30 -12.45 -45.01 7.66
C ILE D 30 -13.75 -44.19 7.66
N THR D 31 -14.19 -43.73 6.50
CA THR D 31 -15.44 -43.02 6.38
C THR D 31 -16.61 -44.00 6.45
N ILE D 32 -17.57 -43.73 7.33
CA ILE D 32 -18.69 -44.64 7.55
C ILE D 32 -19.99 -43.83 7.66
N HIS D 33 -21.10 -44.48 7.31
CA HIS D 33 -22.43 -43.94 7.53
C HIS D 33 -23.07 -44.68 8.71
N VAL D 34 -23.73 -43.92 9.59
CA VAL D 34 -24.21 -44.43 10.87
C VAL D 34 -25.68 -44.09 11.03
N ASP D 35 -26.48 -45.08 11.46
CA ASP D 35 -27.86 -44.89 11.88
C ASP D 35 -27.93 -45.10 13.39
N PHE D 36 -28.34 -44.07 14.12
CA PHE D 36 -28.51 -44.16 15.57
C PHE D 36 -29.93 -44.61 15.87
N VAL D 37 -30.07 -45.84 16.37
CA VAL D 37 -31.37 -46.46 16.57
C VAL D 37 -31.64 -46.66 18.06
N ARG D 38 -32.92 -46.55 18.43
CA ARG D 38 -33.35 -46.74 19.81
C ARG D 38 -34.69 -47.46 19.79
N ASN D 39 -34.77 -48.59 20.50
CA ASN D 39 -35.95 -49.46 20.46
C ASN D 39 -36.37 -49.74 19.01
N GLY D 40 -35.38 -49.99 18.16
CA GLY D 40 -35.63 -50.34 16.78
C GLY D 40 -36.06 -49.20 15.88
N THR D 41 -35.94 -47.96 16.32
CA THR D 41 -36.33 -46.80 15.54
C THR D 41 -35.14 -45.88 15.33
N ILE D 42 -34.99 -45.38 14.10
CA ILE D 42 -33.90 -44.46 13.79
C ILE D 42 -34.19 -43.11 14.44
N GLN D 43 -33.34 -42.71 15.38
CA GLN D 43 -33.45 -41.38 15.97
C GLN D 43 -32.82 -40.33 15.07
N TYR D 44 -31.60 -40.60 14.60
CA TYR D 44 -30.89 -39.68 13.72
C TYR D 44 -29.76 -40.45 13.05
N SER D 45 -29.28 -39.90 11.93
CA SER D 45 -28.21 -40.50 11.15
C SER D 45 -27.07 -39.51 10.99
N GLY D 46 -25.92 -40.02 10.57
CA GLY D 46 -24.78 -39.15 10.33
C GLY D 46 -23.66 -39.88 9.63
N LEU D 47 -22.78 -39.09 9.02
CA LEU D 47 -21.50 -39.56 8.51
C LEU D 47 -20.42 -39.24 9.53
N THR D 48 -19.48 -40.16 9.71
CA THR D 48 -18.39 -39.96 10.64
C THR D 48 -17.25 -40.89 10.25
N PHE D 49 -16.29 -41.04 11.15
CA PHE D 49 -15.10 -41.84 10.91
C PHE D 49 -14.80 -42.67 12.14
N ALA D 50 -14.22 -43.85 11.92
CA ALA D 50 -13.84 -44.72 13.03
C ALA D 50 -12.94 -43.95 13.99
N LEU D 51 -13.25 -44.06 15.29
CA LEU D 51 -12.57 -43.36 16.39
C LEU D 51 -13.29 -42.07 16.73
N TYR D 52 -14.12 -41.56 15.81
CA TYR D 52 -14.89 -40.34 16.03
C TYR D 52 -16.35 -40.71 16.25
N ASN D 53 -16.87 -40.41 17.43
CA ASN D 53 -18.25 -40.72 17.77
C ASN D 53 -19.14 -39.48 17.81
N GLY D 54 -18.62 -38.33 17.39
CA GLY D 54 -19.45 -37.17 17.16
C GLY D 54 -20.01 -37.15 15.76
N VAL D 55 -20.84 -36.14 15.48
CA VAL D 55 -21.49 -36.00 14.18
C VAL D 55 -21.24 -34.59 13.68
N LEU D 56 -20.66 -34.48 12.47
CA LEU D 56 -20.50 -33.21 11.79
C LEU D 56 -21.28 -33.11 10.49
N THR D 57 -21.83 -34.23 9.99
CA THR D 57 -22.74 -34.23 8.86
C THR D 57 -23.84 -35.23 9.19
N GLY D 58 -25.06 -34.74 9.43
CA GLY D 58 -26.11 -35.60 9.93
C GLY D 58 -27.51 -35.15 9.56
N GLN D 59 -28.47 -35.99 9.92
CA GLN D 59 -29.85 -35.81 9.49
C GLN D 59 -30.79 -36.36 10.56
N ARG D 60 -31.84 -35.60 10.85
CA ARG D 60 -32.98 -36.08 11.63
C ARG D 60 -34.05 -36.49 10.65
N PRO D 61 -34.20 -37.77 10.33
CA PRO D 61 -35.05 -38.16 9.20
C PRO D 61 -36.45 -37.57 9.31
N GLY D 62 -36.92 -36.99 8.20
CA GLY D 62 -38.23 -36.37 8.14
C GLY D 62 -38.30 -34.95 8.66
N GLU D 63 -37.25 -34.46 9.31
CA GLU D 63 -37.31 -33.16 9.99
C GLU D 63 -36.27 -32.17 9.48
N TYR D 64 -34.97 -32.48 9.61
CA TYR D 64 -33.94 -31.55 9.19
C TYR D 64 -32.62 -32.27 9.02
N SER D 65 -31.69 -31.62 8.34
CA SER D 65 -30.32 -32.09 8.19
C SER D 65 -29.36 -30.96 8.54
N VAL D 66 -28.15 -31.34 8.94
CA VAL D 66 -27.17 -30.37 9.43
C VAL D 66 -25.77 -30.77 8.97
N SER D 67 -24.95 -29.77 8.67
CA SER D 67 -23.52 -29.97 8.44
C SER D 67 -22.76 -28.78 9.00
N LEU D 68 -21.56 -29.06 9.52
CA LEU D 68 -20.71 -28.04 10.14
C LEU D 68 -19.43 -27.84 9.33
N ASN D 69 -19.12 -26.58 9.02
CA ASN D 69 -17.86 -26.19 8.41
C ASN D 69 -17.02 -25.47 9.46
N ALA D 70 -15.74 -25.83 9.54
CA ALA D 70 -14.81 -25.08 10.37
C ALA D 70 -14.61 -23.69 9.79
N ARG D 71 -14.34 -22.73 10.66
CA ARG D 71 -14.19 -21.33 10.27
C ARG D 71 -12.80 -20.84 10.66
N TYR D 72 -12.04 -20.40 9.66
CA TYR D 72 -10.68 -19.91 9.84
C TYR D 72 -10.67 -18.43 9.48
N SER D 73 -10.34 -17.58 10.44
CA SER D 73 -10.27 -16.14 10.22
C SER D 73 -8.82 -15.70 10.34
N GLY D 74 -8.51 -14.63 11.05
CA GLY D 74 -7.13 -14.18 11.21
C GLY D 74 -6.69 -14.22 12.66
N ALA D 75 -5.72 -13.39 13.01
CA ALA D 75 -5.22 -13.34 14.39
C ALA D 75 -4.98 -14.75 14.92
N TYR D 76 -4.38 -15.60 14.07
CA TYR D 76 -4.21 -17.00 14.42
C TYR D 76 -3.33 -17.17 15.65
N ILE D 77 -2.27 -16.37 15.77
CA ILE D 77 -1.38 -16.51 16.92
C ILE D 77 -2.04 -15.98 18.19
N ASP D 78 -2.73 -14.84 18.07
CA ASP D 78 -3.33 -14.23 19.25
C ASP D 78 -4.43 -15.11 19.85
N ASN D 79 -5.14 -15.86 19.01
CA ASN D 79 -6.32 -16.59 19.43
C ASN D 79 -6.08 -18.10 19.55
N ILE D 80 -4.90 -18.59 19.19
CA ILE D 80 -4.73 -20.03 19.06
C ILE D 80 -4.99 -20.73 20.40
N LEU D 81 -4.50 -20.14 21.49
CA LEU D 81 -4.76 -20.76 22.80
C LEU D 81 -6.25 -20.74 23.10
N MET D 82 -6.92 -19.61 22.87
CA MET D 82 -8.36 -19.55 23.08
C MET D 82 -9.10 -20.40 22.06
N GLU D 83 -8.57 -20.52 20.84
CA GLU D 83 -9.17 -21.39 19.84
C GLU D 83 -9.20 -22.83 20.33
N PHE D 84 -8.03 -23.37 20.68
CA PHE D 84 -7.97 -24.75 21.14
C PHE D 84 -8.79 -24.97 22.40
N TYR D 85 -8.80 -24.00 23.30
CA TYR D 85 -9.51 -24.22 24.56
C TYR D 85 -11.01 -24.31 24.32
N THR D 86 -11.58 -23.34 23.60
CA THR D 86 -13.03 -23.36 23.39
C THR D 86 -13.49 -24.67 22.77
N LYS D 87 -12.66 -25.31 21.96
CA LYS D 87 -13.03 -26.62 21.42
C LYS D 87 -13.19 -27.64 22.54
N PHE D 88 -12.39 -27.51 23.61
CA PHE D 88 -12.49 -28.42 24.73
C PHE D 88 -13.70 -28.12 25.62
N LYS D 89 -14.02 -26.84 25.83
CA LYS D 89 -15.10 -26.51 26.76
C LYS D 89 -16.47 -26.93 26.22
N ARG D 90 -16.65 -26.93 24.92
CA ARG D 90 -17.90 -27.36 24.29
C ARG D 90 -17.55 -28.13 23.04
N PRO D 91 -17.24 -29.42 23.19
CA PRO D 91 -16.89 -30.24 22.01
C PRO D 91 -17.94 -30.11 20.92
N VAL D 92 -17.48 -29.73 19.73
CA VAL D 92 -18.40 -29.32 18.68
C VAL D 92 -19.16 -30.52 18.14
N SER D 93 -18.44 -31.60 17.79
CA SER D 93 -19.06 -32.74 17.13
C SER D 93 -20.10 -33.42 18.01
N PHE D 94 -19.91 -33.36 19.33
CA PHE D 94 -20.87 -33.98 20.24
C PHE D 94 -22.06 -33.07 20.52
N PHE D 95 -21.85 -31.76 20.42
CA PHE D 95 -22.97 -30.83 20.52
C PHE D 95 -23.95 -31.03 19.36
N ILE D 96 -23.43 -31.17 18.14
CA ILE D 96 -24.31 -31.41 16.99
C ILE D 96 -25.10 -32.68 17.22
N ARG D 97 -24.42 -33.75 17.65
CA ARG D 97 -25.10 -35.02 17.88
C ARG D 97 -26.18 -34.87 18.94
N ASP D 98 -25.92 -34.07 19.98
CA ASP D 98 -26.91 -33.86 21.02
C ASP D 98 -28.16 -33.17 20.47
N VAL D 99 -27.98 -32.23 19.55
CA VAL D 99 -29.12 -31.56 18.93
C VAL D 99 -29.91 -32.55 18.08
N LEU D 100 -29.21 -33.38 17.31
CA LEU D 100 -29.90 -34.37 16.48
C LEU D 100 -30.72 -35.34 17.32
N GLU D 101 -30.30 -35.56 18.58
CA GLU D 101 -30.97 -36.54 19.42
C GLU D 101 -32.14 -35.94 20.18
N ASN D 102 -32.09 -34.65 20.51
CA ASN D 102 -33.07 -34.04 21.40
C ASN D 102 -33.92 -32.95 20.77
N GLN D 103 -33.58 -32.48 19.56
CA GLN D 103 -34.36 -31.46 18.89
C GLN D 103 -35.06 -32.11 17.69
N ALA D 104 -36.39 -32.10 17.70
CA ALA D 104 -37.18 -32.87 16.76
C ALA D 104 -37.50 -32.11 15.49
N THR D 105 -37.53 -30.78 15.53
CA THR D 105 -37.95 -29.99 14.39
C THR D 105 -36.82 -29.10 13.91
N TYR D 106 -36.92 -28.70 12.64
CA TYR D 106 -35.97 -27.76 12.08
C TYR D 106 -35.85 -26.52 12.96
N THR D 107 -36.99 -25.94 13.34
CA THR D 107 -36.98 -24.71 14.14
C THR D 107 -36.33 -24.95 15.50
N GLU D 108 -36.59 -26.10 16.11
CA GLU D 108 -35.98 -26.39 17.41
C GLU D 108 -34.47 -26.54 17.28
N ALA D 109 -34.00 -27.19 16.22
CA ALA D 109 -32.56 -27.37 16.03
C ALA D 109 -31.86 -26.05 15.76
N VAL D 110 -32.47 -25.19 14.94
CA VAL D 110 -31.87 -23.90 14.65
C VAL D 110 -31.72 -23.08 15.92
N ASP D 111 -32.70 -23.15 16.81
CA ASP D 111 -32.60 -22.41 18.06
C ASP D 111 -31.45 -22.94 18.91
N ALA D 112 -31.29 -24.26 18.95
CA ALA D 112 -30.17 -24.84 19.67
C ALA D 112 -28.84 -24.41 19.07
N PHE D 113 -28.74 -24.41 17.73
CA PHE D 113 -27.49 -24.02 17.07
C PHE D 113 -27.24 -22.52 17.13
N SER D 114 -28.24 -21.71 17.42
CA SER D 114 -28.09 -20.27 17.48
C SER D 114 -27.90 -19.77 18.90
N ARG D 115 -27.97 -20.65 19.88
CA ARG D 115 -27.94 -20.26 21.28
C ARG D 115 -26.64 -19.52 21.58
N THR D 116 -26.75 -18.40 22.29
CA THR D 116 -25.60 -17.59 22.67
C THR D 116 -24.89 -18.29 23.83
N HIS D 117 -23.80 -18.98 23.50
CA HIS D 117 -22.96 -19.62 24.51
C HIS D 117 -21.60 -19.89 23.89
N LEU D 118 -20.62 -20.16 24.74
CA LEU D 118 -19.26 -20.43 24.26
C LEU D 118 -19.28 -21.54 23.23
N PHE D 119 -18.82 -21.25 22.02
CA PHE D 119 -18.80 -22.22 20.93
C PHE D 119 -17.70 -21.88 19.95
N SER D 120 -17.01 -22.91 19.48
CA SER D 120 -15.89 -22.70 18.57
C SER D 120 -16.37 -22.06 17.26
N PRO D 121 -15.67 -21.05 16.74
CA PRO D 121 -16.12 -20.42 15.49
C PRO D 121 -16.27 -21.43 14.37
N SER D 122 -17.39 -21.32 13.64
CA SER D 122 -17.74 -22.31 12.63
C SER D 122 -18.96 -21.79 11.87
N TYR D 123 -19.32 -22.53 10.82
CA TYR D 123 -20.57 -22.33 10.09
C TYR D 123 -21.42 -23.59 10.24
N ILE D 124 -22.63 -23.44 10.76
CA ILE D 124 -23.60 -24.53 10.89
C ILE D 124 -24.69 -24.32 9.84
N ILE D 125 -24.82 -25.27 8.92
CA ILE D 125 -25.81 -25.21 7.84
C ILE D 125 -26.89 -26.22 8.13
N VAL D 126 -28.14 -25.77 8.17
CA VAL D 126 -29.29 -26.60 8.52
C VAL D 126 -30.32 -26.50 7.39
N ALA D 127 -30.91 -27.63 7.03
CA ALA D 127 -31.96 -27.69 6.01
C ALA D 127 -33.21 -28.34 6.60
N GLY D 128 -34.38 -27.79 6.25
CA GLY D 128 -35.64 -28.26 6.79
C GLY D 128 -36.60 -28.81 5.75
N ILE D 129 -37.90 -28.64 5.99
CA ILE D 129 -38.93 -29.23 5.13
C ILE D 129 -39.93 -28.18 4.69
N LYS D 130 -40.16 -27.17 5.52
CA LYS D 130 -41.12 -26.13 5.18
C LYS D 130 -40.43 -25.05 4.35
N LYS D 131 -41.17 -23.98 4.05
CA LYS D 131 -40.66 -22.92 3.19
C LYS D 131 -39.53 -22.17 3.90
N ASN D 132 -38.49 -21.85 3.12
CA ASN D 132 -37.36 -21.07 3.59
C ASN D 132 -36.66 -21.71 4.78
N GLU D 133 -36.90 -23.00 5.04
CA GLU D 133 -36.23 -23.70 6.13
C GLU D 133 -34.85 -24.16 5.66
N GLY D 134 -33.99 -23.17 5.47
CA GLY D 134 -32.60 -23.38 5.14
C GLY D 134 -31.80 -22.18 5.61
N VAL D 135 -30.77 -22.40 6.43
CA VAL D 135 -30.08 -21.30 7.09
C VAL D 135 -28.59 -21.62 7.19
N VAL D 136 -27.77 -20.57 7.10
CA VAL D 136 -26.37 -20.62 7.48
C VAL D 136 -26.23 -19.88 8.81
N ILE D 137 -25.75 -20.58 9.84
CA ILE D 137 -25.51 -19.99 11.15
C ILE D 137 -24.01 -19.75 11.31
N SER D 138 -23.64 -18.50 11.56
CA SER D 138 -22.25 -18.11 11.73
C SER D 138 -21.93 -18.02 13.22
N ARG D 139 -21.15 -18.99 13.72
CA ARG D 139 -20.68 -18.96 15.10
C ARG D 139 -19.42 -18.10 15.20
N ASN D 140 -19.51 -16.99 15.94
CA ASN D 140 -18.43 -16.02 16.04
C ASN D 140 -17.60 -16.23 17.32
N ARG D 141 -16.48 -15.51 17.38
CA ARG D 141 -15.65 -15.47 18.58
C ARG D 141 -16.33 -14.62 19.66
N TRP D 142 -16.76 -15.19 20.80
CA TRP D 142 -16.65 -16.62 21.11
C TRP D 142 -17.98 -17.18 21.57
N SER D 143 -19.04 -16.37 21.50
CA SER D 143 -20.35 -16.82 21.97
C SER D 143 -21.53 -16.29 21.18
N ALA D 144 -21.34 -15.42 20.20
CA ALA D 144 -22.45 -14.86 19.43
C ALA D 144 -22.66 -15.65 18.15
N ALA D 145 -23.86 -15.52 17.58
CA ALA D 145 -24.22 -16.21 16.35
C ALA D 145 -25.06 -15.30 15.48
N ASN D 146 -24.91 -15.46 14.17
CA ASN D 146 -25.74 -14.78 13.19
C ASN D 146 -26.44 -15.82 12.33
N VAL D 147 -27.64 -15.49 11.88
CA VAL D 147 -28.43 -16.38 11.04
C VAL D 147 -28.66 -15.71 9.70
N TYR D 148 -28.46 -16.46 8.62
CA TYR D 148 -28.70 -15.98 7.25
C TYR D 148 -29.59 -16.99 6.55
N PRO D 149 -30.91 -16.77 6.52
CA PRO D 149 -31.84 -17.79 6.01
C PRO D 149 -32.13 -17.64 4.52
N LEU D 150 -32.84 -18.63 3.99
CA LEU D 150 -33.33 -18.58 2.62
C LEU D 150 -34.44 -17.55 2.47
N ASN D 151 -34.49 -16.93 1.30
CA ASN D 151 -35.52 -15.94 0.96
C ASN D 151 -35.96 -16.22 -0.47
N VAL D 152 -36.79 -17.26 -0.63
CA VAL D 152 -37.19 -17.70 -1.97
C VAL D 152 -37.95 -16.61 -2.71
N ASP D 153 -38.71 -15.79 -1.98
CA ASP D 153 -39.47 -14.71 -2.61
C ASP D 153 -38.57 -13.59 -3.11
N ALA D 154 -37.39 -13.43 -2.51
CA ALA D 154 -36.37 -12.51 -3.01
C ALA D 154 -35.42 -13.19 -4.00
N ASN D 155 -35.80 -14.36 -4.51
CA ASN D 155 -34.99 -15.13 -5.45
C ASN D 155 -33.69 -15.61 -4.82
N GLN D 156 -33.64 -15.69 -3.49
CA GLN D 156 -32.51 -16.28 -2.77
C GLN D 156 -32.93 -17.70 -2.40
N TRP D 157 -32.79 -18.61 -3.36
CA TRP D 157 -33.25 -19.98 -3.19
C TRP D 157 -32.15 -20.96 -2.82
N PHE D 158 -30.89 -20.50 -2.74
CA PHE D 158 -29.81 -21.36 -2.31
C PHE D 158 -28.86 -20.61 -1.39
N LEU D 159 -28.11 -21.38 -0.60
CA LEU D 159 -27.09 -20.86 0.29
C LEU D 159 -25.82 -21.70 0.12
N VAL D 160 -24.68 -21.04 0.01
CA VAL D 160 -23.39 -21.70 -0.16
C VAL D 160 -22.42 -21.12 0.84
N GLU D 161 -21.67 -21.99 1.52
CA GLU D 161 -20.68 -21.55 2.50
C GLU D 161 -19.52 -22.52 2.51
N THR D 162 -18.32 -21.99 2.77
CA THR D 162 -17.12 -22.80 2.91
C THR D 162 -16.48 -22.57 4.29
N ASN D 163 -15.19 -22.21 4.32
CA ASN D 163 -14.43 -22.18 5.57
C ASN D 163 -13.97 -20.79 5.99
N PHE D 164 -14.11 -19.77 5.16
CA PHE D 164 -13.45 -18.49 5.39
C PHE D 164 -14.48 -17.37 5.47
N ASP D 165 -13.98 -16.15 5.68
CA ASP D 165 -14.81 -14.95 5.66
C ASP D 165 -14.01 -13.80 5.03
N ASN D 166 -14.66 -12.66 4.90
CA ASN D 166 -14.04 -11.42 4.42
C ASN D 166 -13.44 -11.68 3.02
N TRP D 167 -12.28 -11.11 2.72
CA TRP D 167 -11.70 -11.24 1.38
C TRP D 167 -11.58 -12.69 0.96
N LYS D 168 -10.99 -13.52 1.82
CA LYS D 168 -10.67 -14.88 1.40
C LYS D 168 -11.92 -15.66 1.02
N LYS D 169 -13.06 -15.37 1.66
CA LYS D 169 -14.31 -16.03 1.31
C LYS D 169 -14.69 -15.69 -0.14
N GLN D 170 -14.69 -14.40 -0.47
CA GLN D 170 -15.10 -13.97 -1.80
C GLN D 170 -14.16 -14.48 -2.89
N GLY D 171 -12.96 -14.93 -2.53
CA GLY D 171 -12.02 -15.49 -3.48
C GLY D 171 -11.91 -17.00 -3.45
N ASP D 172 -12.77 -17.68 -2.70
CA ASP D 172 -12.75 -19.14 -2.62
C ASP D 172 -13.37 -19.68 -3.90
N ASP D 173 -12.56 -20.35 -4.71
CA ASP D 173 -13.05 -20.84 -6.00
C ASP D 173 -14.10 -21.92 -5.82
N ARG D 174 -14.03 -22.69 -4.73
CA ARG D 174 -15.07 -23.67 -4.44
C ARG D 174 -16.43 -23.00 -4.31
N ARG D 175 -16.48 -21.90 -3.53
CA ARG D 175 -17.74 -21.21 -3.32
C ARG D 175 -18.21 -20.52 -4.60
N ILE D 176 -17.29 -19.90 -5.33
CA ILE D 176 -17.63 -19.20 -6.56
C ILE D 176 -18.19 -20.18 -7.58
N THR D 177 -17.50 -21.32 -7.75
CA THR D 177 -17.94 -22.31 -8.74
C THR D 177 -19.30 -22.87 -8.38
N ALA D 178 -19.52 -23.22 -7.11
CA ALA D 178 -20.79 -23.80 -6.70
C ALA D 178 -21.94 -22.83 -6.96
N ILE D 179 -21.70 -21.53 -6.75
CA ILE D 179 -22.75 -20.55 -7.01
C ILE D 179 -23.01 -20.43 -8.51
N GLN D 180 -21.94 -20.48 -9.32
CA GLN D 180 -22.15 -20.42 -10.77
C GLN D 180 -23.02 -21.55 -11.24
N LYS D 181 -22.72 -22.78 -10.80
CA LYS D 181 -23.46 -23.93 -11.30
C LYS D 181 -24.90 -23.93 -10.79
N LEU D 182 -25.12 -23.51 -9.55
CA LEU D 182 -26.49 -23.40 -9.05
C LEU D 182 -27.29 -22.42 -9.89
N LYS D 183 -26.65 -21.32 -10.31
CA LYS D 183 -27.33 -20.37 -11.17
C LYS D 183 -27.59 -20.96 -12.56
N GLU D 184 -26.62 -21.73 -13.08
CA GLU D 184 -26.81 -22.35 -14.39
C GLU D 184 -27.99 -23.33 -14.37
N LEU D 185 -28.02 -24.22 -13.38
CA LEU D 185 -29.09 -25.22 -13.34
C LEU D 185 -30.43 -24.58 -13.05
N GLY D 186 -30.46 -23.52 -12.26
CA GLY D 186 -31.70 -22.81 -11.98
C GLY D 186 -32.56 -23.51 -10.94
N ARG D 187 -33.43 -22.74 -10.31
CA ARG D 187 -34.28 -23.26 -9.25
C ARG D 187 -35.31 -24.26 -9.78
N ARG D 188 -35.82 -24.02 -10.98
CA ARG D 188 -36.85 -24.91 -11.52
C ARG D 188 -36.29 -26.29 -11.74
N ASN D 189 -36.97 -27.31 -11.19
CA ASN D 189 -36.61 -28.71 -11.37
C ASN D 189 -35.27 -29.07 -10.75
N PHE D 190 -34.78 -28.27 -9.81
CA PHE D 190 -33.55 -28.59 -9.11
C PHE D 190 -33.82 -29.69 -8.09
N ASP D 191 -33.15 -30.83 -8.24
CA ASP D 191 -33.37 -31.98 -7.36
C ASP D 191 -32.04 -32.53 -6.86
N GLU D 192 -32.08 -33.69 -6.20
CA GLU D 192 -30.86 -34.26 -5.64
C GLU D 192 -29.86 -34.58 -6.74
N LYS D 193 -30.33 -34.99 -7.93
CA LYS D 193 -29.42 -35.21 -9.03
C LYS D 193 -28.71 -33.93 -9.44
N SER D 194 -29.40 -32.79 -9.32
CA SER D 194 -28.77 -31.50 -9.60
C SER D 194 -27.69 -31.19 -8.58
N MET D 195 -27.95 -31.48 -7.30
CA MET D 195 -26.95 -31.24 -6.26
C MET D 195 -25.71 -32.09 -6.50
N VAL D 196 -25.89 -33.30 -7.02
CA VAL D 196 -24.76 -34.16 -7.34
C VAL D 196 -23.88 -33.50 -8.41
N GLU D 197 -24.51 -32.92 -9.42
CA GLU D 197 -23.76 -32.23 -10.46
C GLU D 197 -22.99 -31.03 -9.89
N VAL D 198 -23.63 -30.27 -9.00
CA VAL D 198 -22.95 -29.12 -8.40
C VAL D 198 -21.75 -29.58 -7.58
N LEU D 199 -21.98 -30.51 -6.65
CA LEU D 199 -20.90 -30.94 -5.76
C LEU D 199 -19.76 -31.60 -6.50
N SER D 200 -20.01 -32.11 -7.71
CA SER D 200 -18.97 -32.79 -8.47
C SER D 200 -18.21 -31.88 -9.41
N THR D 201 -18.60 -30.60 -9.50
CA THR D 201 -17.91 -29.68 -10.38
C THR D 201 -16.58 -29.27 -9.76
N VAL D 202 -15.52 -29.28 -10.57
CA VAL D 202 -14.21 -28.83 -10.12
C VAL D 202 -14.24 -27.30 -10.08
N PRO D 203 -13.69 -26.68 -9.02
CA PRO D 203 -12.96 -27.25 -7.88
C PRO D 203 -13.78 -27.50 -6.60
N VAL D 204 -15.10 -27.45 -6.67
CA VAL D 204 -15.92 -27.90 -5.53
C VAL D 204 -15.49 -29.32 -5.15
N ARG D 205 -15.43 -30.20 -6.15
CA ARG D 205 -14.66 -31.43 -6.04
C ARG D 205 -13.21 -31.09 -6.36
N ASN D 206 -12.30 -31.39 -5.43
CA ASN D 206 -10.89 -31.11 -5.60
C ASN D 206 -10.06 -32.24 -5.01
N ASN D 207 -8.75 -32.08 -5.04
CA ASN D 207 -7.85 -33.16 -4.62
C ASN D 207 -8.06 -33.54 -3.17
N LEU D 208 -8.53 -32.60 -2.33
CA LEU D 208 -8.68 -32.83 -0.90
C LEU D 208 -10.08 -33.34 -0.51
N THR D 209 -11.00 -33.46 -1.47
CA THR D 209 -12.35 -33.88 -1.14
C THR D 209 -12.35 -35.34 -0.72
N VAL D 210 -12.78 -35.60 0.51
CA VAL D 210 -12.86 -36.97 0.99
C VAL D 210 -14.15 -37.63 0.52
N PHE D 211 -15.30 -37.00 0.81
CA PHE D 211 -16.57 -37.54 0.38
C PHE D 211 -17.49 -36.41 -0.06
N SER D 212 -18.51 -36.79 -0.83
CA SER D 212 -19.61 -35.93 -1.22
C SER D 212 -20.90 -36.62 -0.81
N THR D 213 -21.85 -35.83 -0.28
CA THR D 213 -23.10 -36.41 0.16
C THR D 213 -24.24 -35.43 -0.13
N VAL D 214 -25.44 -35.99 -0.26
CA VAL D 214 -26.66 -35.24 -0.46
C VAL D 214 -27.69 -35.74 0.55
N MET D 215 -28.45 -34.82 1.12
CA MET D 215 -29.48 -35.15 2.10
C MET D 215 -30.75 -34.39 1.74
N VAL D 216 -31.86 -35.11 1.71
CA VAL D 216 -33.18 -34.50 1.50
C VAL D 216 -34.05 -34.91 2.68
N PRO D 217 -34.01 -34.18 3.79
CA PRO D 217 -34.79 -34.61 4.98
C PRO D 217 -36.29 -34.64 4.74
N GLY D 218 -36.80 -33.87 3.78
CA GLY D 218 -38.22 -33.84 3.52
C GLY D 218 -38.76 -35.06 2.81
N LEU D 219 -37.89 -35.93 2.30
CA LEU D 219 -38.36 -37.11 1.59
C LEU D 219 -39.15 -38.01 2.54
N PRO D 220 -40.15 -38.73 2.02
CA PRO D 220 -40.82 -39.74 2.86
C PRO D 220 -39.88 -40.87 3.26
N ASP D 221 -38.77 -41.04 2.56
CA ASP D 221 -37.76 -42.04 2.85
C ASP D 221 -36.39 -41.40 3.00
N SER D 222 -36.31 -40.25 3.67
CA SER D 222 -35.05 -39.51 3.74
C SER D 222 -33.94 -40.37 4.34
N ALA D 223 -34.27 -41.18 5.34
CA ALA D 223 -33.26 -42.05 5.96
C ALA D 223 -32.72 -43.06 4.96
N ASP D 224 -33.60 -43.65 4.15
CA ASP D 224 -33.14 -44.60 3.16
C ASP D 224 -32.23 -43.93 2.13
N TYR D 225 -32.59 -42.72 1.71
CA TYR D 225 -31.77 -42.01 0.73
C TYR D 225 -30.39 -41.72 1.29
N PHE D 226 -30.32 -41.11 2.48
CA PHE D 226 -29.05 -40.75 3.08
C PHE D 226 -28.13 -41.95 3.24
N ARG D 227 -28.71 -43.15 3.43
CA ARG D 227 -27.89 -44.34 3.62
C ARG D 227 -27.13 -44.76 2.37
N GLN D 228 -27.49 -44.22 1.21
CA GLN D 228 -26.84 -44.61 -0.04
C GLN D 228 -26.42 -43.41 -0.90
N SER D 229 -26.58 -42.18 -0.40
CA SER D 229 -26.33 -40.99 -1.19
C SER D 229 -24.89 -40.48 -1.07
N THR D 230 -24.07 -41.04 -0.19
CA THR D 230 -22.72 -40.57 0.00
C THR D 230 -21.76 -41.29 -0.94
N TRP D 231 -20.68 -40.59 -1.29
CA TRP D 231 -19.75 -41.05 -2.33
C TRP D 231 -18.34 -40.70 -1.87
N ILE D 232 -17.56 -41.72 -1.50
CA ILE D 232 -16.16 -41.52 -1.15
C ILE D 232 -15.37 -41.39 -2.44
N LEU D 233 -14.69 -40.26 -2.61
CA LEU D 233 -14.08 -39.97 -3.90
C LEU D 233 -12.77 -40.74 -4.08
N PRO D 234 -12.46 -41.13 -5.33
CA PRO D 234 -11.19 -41.81 -5.62
C PRO D 234 -9.98 -40.89 -5.45
N ASP E 11 32.37 37.22 -54.75
CA ASP E 11 31.11 36.78 -54.16
C ASP E 11 30.58 35.55 -54.89
N ARG E 12 30.75 34.38 -54.29
CA ARG E 12 30.30 33.13 -54.91
C ARG E 12 28.85 32.84 -54.55
N LYS E 13 28.09 32.34 -55.52
CA LYS E 13 26.66 32.14 -55.40
C LYS E 13 26.32 30.65 -55.32
N PRO E 14 25.22 30.29 -54.65
CA PRO E 14 24.84 28.87 -54.60
C PRO E 14 24.34 28.35 -55.95
N ARG E 15 24.52 27.05 -56.15
CA ARG E 15 24.00 26.42 -57.35
C ARG E 15 22.49 26.60 -57.44
N HIS E 16 22.01 26.66 -58.68
CA HIS E 16 20.58 26.77 -58.97
C HIS E 16 20.06 25.46 -59.54
N TYR E 17 18.87 25.07 -59.08
CA TYR E 17 18.20 23.89 -59.58
C TYR E 17 16.72 24.18 -59.73
N GLU E 18 16.10 23.48 -60.66
CA GLU E 18 14.65 23.50 -60.81
C GLU E 18 14.12 22.16 -60.34
N ILE E 19 13.22 22.20 -59.37
CA ILE E 19 12.57 20.99 -58.87
C ILE E 19 11.22 20.92 -59.54
N ASN E 20 11.05 19.93 -60.42
CA ASN E 20 9.83 19.79 -61.20
C ASN E 20 8.81 19.07 -60.34
N LEU E 21 7.74 19.77 -59.95
CA LEU E 21 6.68 19.16 -59.17
C LEU E 21 5.84 18.20 -59.99
N ASP E 22 5.96 18.24 -61.32
CA ASP E 22 5.29 17.28 -62.19
C ASP E 22 6.00 15.94 -62.24
N GLU E 23 7.29 15.89 -61.88
CA GLU E 23 7.98 14.62 -61.80
C GLU E 23 7.51 13.83 -60.59
N PRO E 24 7.68 12.50 -60.62
CA PRO E 24 7.37 11.69 -59.43
C PRO E 24 8.21 12.14 -58.25
N PRO E 25 7.63 12.19 -57.05
CA PRO E 25 8.38 12.78 -55.92
C PRO E 25 9.70 12.07 -55.63
N SER E 26 9.78 10.76 -55.87
CA SER E 26 11.00 10.03 -55.58
C SER E 26 12.15 10.37 -56.51
N GLN E 27 11.89 11.13 -57.59
CA GLN E 27 12.90 11.45 -58.60
C GLN E 27 13.25 12.93 -58.64
N ARG E 28 12.63 13.76 -57.81
CA ARG E 28 12.75 15.20 -57.99
C ARG E 28 14.15 15.69 -57.62
N TRP E 29 14.77 15.08 -56.61
CA TRP E 29 16.05 15.55 -56.10
C TRP E 29 17.24 14.76 -56.62
N ASN E 30 17.04 13.91 -57.64
CA ASN E 30 18.14 13.06 -58.11
C ASN E 30 19.35 13.89 -58.51
N GLN E 31 19.13 14.93 -59.31
CA GLN E 31 20.27 15.70 -59.80
C GLN E 31 20.97 16.46 -58.68
N VAL E 32 20.20 17.03 -57.74
CA VAL E 32 20.80 17.74 -56.61
C VAL E 32 21.69 16.78 -55.82
N ILE E 33 21.17 15.59 -55.50
CA ILE E 33 21.94 14.62 -54.73
C ILE E 33 23.17 14.17 -55.49
N LYS E 34 23.02 13.90 -56.80
CA LYS E 34 24.15 13.44 -57.58
C LYS E 34 25.24 14.49 -57.72
N ASP E 35 24.87 15.78 -57.68
CA ASP E 35 25.86 16.82 -57.82
C ASP E 35 26.63 17.08 -56.53
N HIS E 36 26.04 16.76 -55.37
CA HIS E 36 26.71 16.98 -54.09
C HIS E 36 27.02 15.68 -53.37
N LEU E 37 26.97 14.54 -54.07
CA LEU E 37 27.08 13.25 -53.41
C LEU E 37 28.36 13.13 -52.59
N GLU E 38 29.46 13.69 -53.10
CA GLU E 38 30.74 13.54 -52.41
C GLU E 38 30.70 14.12 -51.01
N TYR E 39 29.83 15.10 -50.76
CA TYR E 39 29.77 15.77 -49.47
C TYR E 39 28.73 15.20 -48.51
N LEU E 40 27.76 14.43 -49.02
CA LEU E 40 26.59 14.08 -48.20
C LEU E 40 26.94 13.18 -47.02
N PRO E 41 27.71 12.10 -47.17
CA PRO E 41 28.00 11.28 -45.99
C PRO E 41 28.70 12.05 -44.88
N GLY E 42 29.61 12.96 -45.22
CA GLY E 42 30.30 13.73 -44.20
C GLY E 42 29.38 14.70 -43.47
N VAL E 43 28.43 15.28 -44.20
CA VAL E 43 27.47 16.18 -43.57
C VAL E 43 26.61 15.43 -42.56
N VAL E 44 26.13 14.25 -42.96
CA VAL E 44 25.30 13.44 -42.06
C VAL E 44 26.10 13.06 -40.82
N GLU E 45 27.31 12.53 -41.02
CA GLU E 45 28.12 12.10 -39.89
C GLU E 45 28.37 13.24 -38.92
N GLU E 46 28.59 14.46 -39.44
CA GLU E 46 28.89 15.59 -38.57
C GLU E 46 27.64 16.18 -37.92
N THR E 47 26.50 16.13 -38.61
CA THR E 47 25.26 16.64 -38.02
C THR E 47 24.81 15.80 -36.83
N LYS E 48 24.90 14.47 -36.96
CA LYS E 48 24.44 13.59 -35.89
C LYS E 48 25.16 13.88 -34.57
N LYS E 49 26.42 14.30 -34.62
CA LYS E 49 27.14 14.62 -33.40
C LYS E 49 26.48 15.73 -32.61
N TYR E 50 25.64 16.55 -33.25
CA TYR E 50 24.96 17.64 -32.57
C TYR E 50 23.71 17.22 -31.81
N ILE E 51 23.21 16.01 -32.07
CA ILE E 51 22.05 15.51 -31.33
C ILE E 51 22.51 15.08 -29.94
N PRO E 52 21.84 15.51 -28.87
CA PRO E 52 22.26 15.07 -27.53
C PRO E 52 22.32 13.54 -27.44
N LYS E 53 23.44 13.03 -26.95
CA LYS E 53 23.65 11.59 -26.88
C LYS E 53 22.50 10.85 -26.21
N PRO E 54 21.94 11.32 -25.10
CA PRO E 54 20.83 10.56 -24.49
C PRO E 54 19.61 10.42 -25.39
N LEU E 55 19.38 11.35 -26.32
CA LEU E 55 18.20 11.31 -27.17
C LEU E 55 18.47 10.71 -28.54
N GLN E 56 19.71 10.33 -28.83
CA GLN E 56 20.01 9.77 -30.14
C GLN E 56 19.24 8.48 -30.38
N PRO E 57 19.23 7.51 -29.46
CA PRO E 57 18.43 6.30 -29.70
C PRO E 57 16.97 6.57 -29.96
N PHE E 58 16.38 7.59 -29.34
CA PHE E 58 14.98 7.89 -29.58
C PHE E 58 14.77 8.48 -30.97
N VAL E 59 15.67 9.35 -31.42
CA VAL E 59 15.53 9.98 -32.73
C VAL E 59 15.48 8.92 -33.82
N TRP E 60 16.42 7.96 -33.77
CA TRP E 60 16.46 6.93 -34.80
C TRP E 60 15.21 6.07 -34.77
N TRP E 61 14.72 5.74 -33.57
CA TRP E 61 13.49 4.95 -33.46
C TRP E 61 12.31 5.72 -34.02
N ALA E 62 12.13 6.97 -33.59
CA ALA E 62 11.02 7.78 -34.07
C ALA E 62 11.17 8.09 -35.56
N ALA E 63 12.39 8.29 -36.04
CA ALA E 63 12.60 8.69 -37.44
C ALA E 63 12.21 7.58 -38.39
N SER E 64 12.21 6.34 -37.94
CA SER E 64 11.80 5.22 -38.79
C SER E 64 10.30 5.24 -39.08
N LYS E 65 9.50 5.92 -38.24
CA LYS E 65 8.05 5.96 -38.41
C LYS E 65 7.65 7.10 -39.35
N ILE E 66 8.20 7.06 -40.57
CA ILE E 66 8.15 8.19 -41.47
C ILE E 66 6.71 8.55 -41.85
N ASP E 67 5.84 7.56 -41.94
CA ASP E 67 4.47 7.83 -42.38
C ASP E 67 3.68 8.68 -41.39
N ARG E 68 4.20 8.88 -40.18
CA ARG E 68 3.47 9.59 -39.14
C ARG E 68 3.68 11.09 -39.16
N TYR E 69 4.69 11.59 -39.88
CA TYR E 69 5.03 13.01 -39.82
C TYR E 69 4.87 13.75 -41.14
N PHE E 70 4.83 13.05 -42.28
CA PHE E 70 4.87 13.71 -43.58
C PHE E 70 3.71 13.24 -44.45
N THR E 71 3.35 14.09 -45.41
CA THR E 71 2.40 13.69 -46.44
C THR E 71 3.01 12.62 -47.33
N THR E 72 2.15 11.91 -48.06
CA THR E 72 2.65 10.87 -48.96
C THR E 72 3.65 11.43 -49.96
N GLU E 73 3.39 12.62 -50.48
CA GLU E 73 4.32 13.25 -51.42
C GLU E 73 5.69 13.44 -50.77
N ILE E 74 5.72 14.04 -49.58
CA ILE E 74 6.99 14.30 -48.92
C ILE E 74 7.68 13.01 -48.52
N GLN E 75 6.92 11.98 -48.14
CA GLN E 75 7.55 10.70 -47.81
C GLN E 75 8.36 10.17 -48.98
N GLU E 76 7.79 10.23 -50.19
CA GLU E 76 8.48 9.70 -51.37
C GLU E 76 9.71 10.53 -51.71
N GLU E 77 9.68 11.84 -51.50
CA GLU E 77 10.88 12.66 -51.71
C GLU E 77 11.99 12.21 -50.78
N LEU E 78 11.67 12.04 -49.49
CA LEU E 78 12.68 11.62 -48.53
C LEU E 78 13.23 10.24 -48.90
N LYS E 79 12.35 9.31 -49.29
CA LYS E 79 12.82 8.00 -49.72
C LYS E 79 13.74 8.10 -50.93
N GLY E 80 13.38 8.95 -51.91
CA GLY E 80 14.23 9.11 -53.08
C GLY E 80 15.57 9.74 -52.73
N ILE E 81 15.58 10.70 -51.82
CA ILE E 81 16.83 11.31 -51.41
C ILE E 81 17.73 10.28 -50.74
N ALA E 82 17.16 9.46 -49.86
CA ALA E 82 17.94 8.44 -49.16
C ALA E 82 18.47 7.39 -50.13
N SER E 83 17.67 7.03 -51.13
CA SER E 83 18.11 6.01 -52.09
C SER E 83 19.23 6.53 -52.98
N GLU E 84 19.10 7.76 -53.48
CA GLU E 84 20.12 8.32 -54.35
C GLU E 84 21.39 8.65 -53.58
N SER E 85 21.24 9.19 -52.37
CA SER E 85 22.42 9.55 -51.59
C SER E 85 23.12 8.33 -51.01
N GLY E 86 22.43 7.20 -50.93
CA GLY E 86 23.01 6.03 -50.29
C GLY E 86 23.12 6.18 -48.79
N LEU E 87 22.19 6.91 -48.17
CA LEU E 87 22.21 7.17 -46.75
C LEU E 87 20.94 6.65 -46.08
N PRO E 88 21.03 6.21 -44.83
CA PRO E 88 19.85 5.63 -44.18
C PRO E 88 18.74 6.66 -44.04
N ILE E 89 17.53 6.26 -44.41
CA ILE E 89 16.42 7.21 -44.44
C ILE E 89 16.11 7.73 -43.04
N GLY E 90 16.32 6.90 -42.02
CA GLY E 90 16.07 7.35 -40.66
C GLY E 90 16.92 8.54 -40.28
N GLU E 91 18.17 8.56 -40.75
CA GLU E 91 19.04 9.71 -40.45
C GLU E 91 18.61 10.93 -41.24
N ILE E 92 18.21 10.75 -42.49
CA ILE E 92 17.76 11.88 -43.30
C ILE E 92 16.48 12.48 -42.72
N VAL E 93 15.53 11.62 -42.31
CA VAL E 93 14.31 12.12 -41.69
C VAL E 93 14.62 12.88 -40.41
N GLY E 94 15.51 12.32 -39.57
CA GLY E 94 15.86 12.98 -38.33
C GLY E 94 16.47 14.35 -38.55
N MET E 95 17.38 14.45 -39.53
CA MET E 95 18.02 15.72 -39.83
C MET E 95 17.00 16.75 -40.30
N ASN E 96 16.03 16.32 -41.11
CA ASN E 96 15.04 17.26 -41.64
C ASN E 96 14.09 17.74 -40.57
N ILE E 97 13.75 16.88 -39.61
CA ILE E 97 12.87 17.28 -38.52
C ILE E 97 13.61 18.15 -37.53
N LEU E 98 14.82 17.74 -37.14
CA LEU E 98 15.65 18.55 -36.25
C LEU E 98 16.44 19.55 -37.08
N TYR E 99 15.69 20.46 -37.72
CA TYR E 99 16.25 21.30 -38.76
C TYR E 99 17.39 22.18 -38.24
N ASP E 100 17.36 22.55 -36.96
CA ASP E 100 18.33 23.49 -36.40
C ASP E 100 19.28 22.83 -35.40
N VAL E 101 19.36 21.50 -35.41
CA VAL E 101 20.15 20.82 -34.38
C VAL E 101 21.62 21.16 -34.50
N ALA E 102 22.11 21.36 -35.71
CA ALA E 102 23.51 21.71 -35.94
C ALA E 102 23.70 23.21 -36.18
N ALA E 103 22.63 24.00 -36.09
CA ALA E 103 22.77 25.45 -36.23
C ALA E 103 23.31 26.10 -34.98
N PHE E 104 22.94 25.57 -33.81
CA PHE E 104 23.31 26.14 -32.52
C PHE E 104 23.87 25.01 -31.67
N ASP E 105 25.13 25.13 -31.27
CA ASP E 105 25.80 24.05 -30.56
C ASP E 105 25.29 23.98 -29.12
N ARG E 106 24.64 22.87 -28.76
CA ARG E 106 24.03 22.72 -27.45
C ARG E 106 24.53 21.44 -26.76
N ARG E 107 25.72 20.97 -27.11
CA ARG E 107 26.24 19.76 -26.51
C ARG E 107 26.80 19.97 -25.11
N HIS E 108 27.20 21.19 -24.77
CA HIS E 108 27.72 21.45 -23.43
C HIS E 108 26.70 21.12 -22.35
N ILE E 109 25.41 21.09 -22.69
CA ILE E 109 24.36 20.85 -21.70
C ILE E 109 24.40 19.42 -21.16
N PHE E 110 25.00 18.50 -21.89
CA PHE E 110 24.95 17.08 -21.53
C PHE E 110 26.32 16.55 -21.18
N CYS F 1 21.49 33.36 -37.00
CA CYS F 1 20.51 33.87 -37.95
C CYS F 1 20.13 35.32 -37.68
N THR F 2 20.08 36.11 -38.75
CA THR F 2 19.62 37.49 -38.69
C THR F 2 18.66 37.72 -39.84
N SER F 3 17.42 38.04 -39.53
CA SER F 3 16.41 38.35 -40.54
C SER F 3 16.01 39.81 -40.40
N ILE F 4 15.98 40.52 -41.53
CA ILE F 4 15.64 41.94 -41.56
C ILE F 4 14.58 42.17 -42.62
N VAL F 5 13.58 42.98 -42.28
CA VAL F 5 12.58 43.45 -43.23
C VAL F 5 12.46 44.96 -43.06
N ALA F 6 12.48 45.68 -44.17
CA ALA F 6 12.44 47.13 -44.15
C ALA F 6 11.58 47.63 -45.30
N GLN F 7 10.80 48.67 -45.03
CA GLN F 7 10.03 49.36 -46.06
C GLN F 7 10.58 50.77 -46.18
N ASN F 8 11.07 51.13 -47.36
CA ASN F 8 11.72 52.40 -47.58
C ASN F 8 10.71 53.52 -47.81
N SER F 9 11.23 54.72 -48.08
CA SER F 9 10.36 55.86 -48.32
C SER F 9 9.52 55.66 -49.58
N ALA F 10 10.08 55.00 -50.60
CA ALA F 10 9.34 54.74 -51.82
C ALA F 10 8.23 53.70 -51.64
N GLY F 11 8.19 53.02 -50.50
CA GLY F 11 7.19 52.01 -50.25
C GLY F 11 7.62 50.60 -50.59
N GLN F 12 8.83 50.43 -51.13
CA GLN F 12 9.34 49.11 -51.47
C GLN F 12 9.79 48.38 -50.21
N ILE F 13 9.49 47.08 -50.15
CA ILE F 13 9.77 46.25 -48.97
C ILE F 13 10.92 45.30 -49.31
N ILE F 14 11.97 45.34 -48.51
CA ILE F 14 13.17 44.55 -48.73
C ILE F 14 13.30 43.53 -47.61
N HIS F 15 13.65 42.29 -47.97
CA HIS F 15 13.78 41.21 -47.01
C HIS F 15 15.22 40.69 -47.07
N GLY F 16 15.97 40.90 -46.00
CA GLY F 16 17.34 40.44 -45.91
C GLY F 16 17.46 39.31 -44.90
N ARG F 17 18.39 38.39 -45.14
CA ARG F 17 18.51 37.21 -44.29
C ARG F 17 19.95 36.72 -44.29
N ASN F 18 20.51 36.55 -43.09
CA ASN F 18 21.77 35.85 -42.88
C ASN F 18 21.49 34.55 -42.14
N LEU F 19 22.12 33.48 -42.59
CA LEU F 19 22.00 32.17 -41.95
C LEU F 19 23.30 31.88 -41.24
N ASP F 20 23.25 31.79 -39.91
CA ASP F 20 24.39 31.40 -39.09
C ASP F 20 24.21 29.96 -38.66
N TYR F 21 25.24 29.15 -38.86
CA TYR F 21 25.19 27.72 -38.67
C TYR F 21 26.50 27.26 -38.04
N ASP F 22 26.41 26.51 -36.94
CA ASP F 22 27.64 26.11 -36.26
C ASP F 22 28.50 25.23 -37.16
N MET F 23 27.88 24.39 -37.99
CA MET F 23 28.60 23.51 -38.91
C MET F 23 28.84 24.24 -40.24
N THR F 24 29.57 25.35 -40.13
CA THR F 24 29.54 26.39 -41.16
C THR F 24 30.09 25.90 -42.50
N GLU F 25 31.35 25.45 -42.50
CA GLU F 25 32.03 25.21 -43.77
C GLU F 25 31.45 24.01 -44.51
N LEU F 26 31.01 22.97 -43.79
CA LEU F 26 30.41 21.82 -44.46
C LEU F 26 29.12 22.20 -45.16
N LEU F 27 28.33 23.10 -44.57
CA LEU F 27 27.05 23.45 -45.14
C LEU F 27 27.20 24.32 -46.38
N LYS F 28 28.29 25.09 -46.46
CA LYS F 28 28.50 25.96 -47.61
C LYS F 28 28.59 25.15 -48.91
N ASN F 29 29.17 23.95 -48.84
CA ASN F 29 29.32 23.14 -50.04
C ASN F 29 28.02 22.57 -50.56
N ILE F 30 26.93 22.62 -49.78
CA ILE F 30 25.70 21.98 -50.21
C ILE F 30 24.55 22.97 -50.17
N THR F 31 24.87 24.25 -50.06
CA THR F 31 23.85 25.29 -50.11
C THR F 31 23.46 25.53 -51.56
N ILE F 32 22.16 25.49 -51.85
CA ILE F 32 21.64 25.59 -53.21
C ILE F 32 20.42 26.49 -53.24
N HIS F 33 20.17 27.06 -54.42
CA HIS F 33 18.95 27.80 -54.69
C HIS F 33 18.03 26.96 -55.57
N VAL F 34 16.75 26.92 -55.21
CA VAL F 34 15.80 26.01 -55.84
C VAL F 34 14.57 26.80 -56.30
N ASP F 35 14.15 26.53 -57.54
CA ASP F 35 12.87 27.00 -58.06
C ASP F 35 11.96 25.78 -58.20
N PHE F 36 10.83 25.81 -57.49
CA PHE F 36 9.84 24.74 -57.58
C PHE F 36 8.87 25.08 -58.72
N VAL F 37 8.93 24.30 -59.80
CA VAL F 37 8.17 24.59 -61.01
C VAL F 37 7.08 23.55 -61.19
N ARG F 38 5.96 23.98 -61.76
CA ARG F 38 4.84 23.10 -62.05
C ARG F 38 4.20 23.57 -63.35
N ASN F 39 4.04 22.65 -64.30
CA ASN F 39 3.52 22.96 -65.63
C ASN F 39 4.28 24.13 -66.24
N GLY F 40 5.61 24.13 -66.06
CA GLY F 40 6.47 25.14 -66.62
C GLY F 40 6.41 26.49 -65.95
N THR F 41 5.76 26.59 -64.79
CA THR F 41 5.63 27.85 -64.07
C THR F 41 6.21 27.71 -62.67
N ILE F 42 6.94 28.74 -62.24
CA ILE F 42 7.50 28.77 -60.89
C ILE F 42 6.37 28.96 -59.89
N GLN F 43 6.17 27.98 -59.02
CA GLN F 43 5.21 28.11 -57.92
C GLN F 43 5.81 28.90 -56.76
N TYR F 44 7.02 28.52 -56.35
CA TYR F 44 7.70 29.21 -55.27
C TYR F 44 9.18 28.83 -55.31
N SER F 45 10.01 29.66 -54.70
CA SER F 45 11.44 29.42 -54.66
C SER F 45 11.92 29.39 -53.22
N GLY F 46 13.14 28.89 -53.02
CA GLY F 46 13.70 28.83 -51.70
C GLY F 46 15.17 28.46 -51.73
N LEU F 47 15.85 28.77 -50.63
CA LEU F 47 17.19 28.29 -50.37
C LEU F 47 17.10 27.08 -49.45
N THR F 48 17.95 26.10 -49.70
CA THR F 48 17.98 24.89 -48.88
C THR F 48 19.35 24.24 -49.05
N PHE F 49 19.46 22.99 -48.62
CA PHE F 49 20.71 22.26 -48.67
C PHE F 49 20.43 20.84 -49.15
N ALA F 50 21.40 20.27 -49.85
CA ALA F 50 21.26 18.90 -50.29
C ALA F 50 20.95 18.00 -49.11
N LEU F 51 19.93 17.14 -49.27
CA LEU F 51 19.38 16.26 -48.25
C LEU F 51 18.18 16.88 -47.56
N TYR F 52 18.04 18.19 -47.65
CA TYR F 52 16.93 18.92 -47.02
C TYR F 52 15.97 19.37 -48.10
N ASN F 53 14.75 18.85 -48.06
CA ASN F 53 13.72 19.21 -49.04
C ASN F 53 12.65 20.13 -48.45
N GLY F 54 12.85 20.63 -47.24
CA GLY F 54 12.03 21.70 -46.72
C GLY F 54 12.58 23.06 -47.13
N VAL F 55 11.84 24.10 -46.74
CA VAL F 55 12.23 25.48 -47.05
C VAL F 55 12.22 26.27 -45.75
N LEU F 56 13.34 26.93 -45.44
CA LEU F 56 13.41 27.84 -44.30
C LEU F 56 13.68 29.28 -44.71
N THR F 57 14.07 29.52 -45.96
CA THR F 57 14.19 30.88 -46.52
C THR F 57 13.67 30.79 -47.94
N GLY F 58 12.52 31.41 -48.20
CA GLY F 58 11.86 31.23 -49.47
C GLY F 58 11.01 32.41 -49.87
N GLN F 59 10.47 32.32 -51.08
CA GLN F 59 9.78 33.44 -51.70
C GLN F 59 8.70 32.92 -52.63
N ARG F 60 7.52 33.53 -52.54
CA ARG F 60 6.48 33.33 -53.55
C ARG F 60 6.55 34.51 -54.50
N PRO F 61 7.11 34.35 -55.70
CA PRO F 61 7.43 35.53 -56.52
C PRO F 61 6.21 36.41 -56.74
N GLY F 62 6.42 37.72 -56.56
CA GLY F 62 5.38 38.70 -56.75
C GLY F 62 4.45 38.89 -55.57
N GLU F 63 4.50 38.01 -54.57
CA GLU F 63 3.51 38.02 -53.50
C GLU F 63 4.15 38.23 -52.14
N TYR F 64 5.05 37.34 -51.70
CA TYR F 64 5.65 37.48 -50.39
C TYR F 64 6.90 36.62 -50.30
N SER F 65 7.72 36.91 -49.30
CA SER F 65 8.89 36.11 -48.96
C SER F 65 8.88 35.84 -47.46
N VAL F 66 9.56 34.76 -47.06
CA VAL F 66 9.54 34.29 -45.69
C VAL F 66 10.91 33.75 -45.31
N SER F 67 11.27 33.97 -44.04
CA SER F 67 12.46 33.34 -43.46
C SER F 67 12.14 32.97 -42.02
N LEU F 68 12.69 31.85 -41.56
CA LEU F 68 12.44 31.35 -40.22
C LEU F 68 13.73 31.36 -39.42
N ASN F 69 13.68 31.95 -38.23
CA ASN F 69 14.77 31.92 -37.27
C ASN F 69 14.37 31.00 -36.12
N ALA F 70 15.27 30.10 -35.74
CA ALA F 70 15.05 29.32 -34.55
C ALA F 70 15.10 30.22 -33.32
N ARG F 71 14.36 29.84 -32.29
CA ARG F 71 14.22 30.63 -31.07
C ARG F 71 14.75 29.80 -29.91
N TYR F 72 15.80 30.30 -29.25
CA TYR F 72 16.45 29.57 -28.16
C TYR F 72 16.25 30.34 -26.86
N SER F 73 15.57 29.72 -25.91
CA SER F 73 15.42 30.27 -24.57
C SER F 73 16.14 29.38 -23.58
N GLY F 74 16.16 29.79 -22.33
CA GLY F 74 16.79 28.99 -21.30
C GLY F 74 16.00 27.72 -21.02
N ALA F 75 16.43 27.03 -19.96
CA ALA F 75 15.74 25.83 -19.47
C ALA F 75 15.62 24.78 -20.58
N TYR F 76 16.61 24.72 -21.47
CA TYR F 76 16.62 23.66 -22.48
C TYR F 76 16.56 22.29 -21.83
N ILE F 77 17.17 22.14 -20.66
CA ILE F 77 17.14 20.85 -19.95
C ILE F 77 15.70 20.44 -19.70
N ASP F 78 14.91 21.34 -19.11
CA ASP F 78 13.55 20.98 -18.72
C ASP F 78 12.61 20.83 -19.91
N ASN F 79 12.97 21.37 -21.08
CA ASN F 79 12.04 21.46 -22.20
C ASN F 79 12.41 20.58 -23.38
N ILE F 80 13.61 20.00 -23.41
CA ILE F 80 14.08 19.33 -24.61
C ILE F 80 13.06 18.30 -25.11
N LEU F 81 12.41 17.58 -24.20
CA LEU F 81 11.39 16.63 -24.62
C LEU F 81 10.24 17.35 -25.31
N MET F 82 9.79 18.47 -24.73
CA MET F 82 8.73 19.23 -25.35
C MET F 82 9.19 19.87 -26.66
N GLU F 83 10.48 20.20 -26.76
CA GLU F 83 11.00 20.78 -28.00
C GLU F 83 11.07 19.74 -29.10
N PHE F 84 11.56 18.54 -28.79
CA PHE F 84 11.56 17.47 -29.78
C PHE F 84 10.13 17.08 -30.16
N TYR F 85 9.22 17.04 -29.19
CA TYR F 85 7.85 16.65 -29.47
C TYR F 85 7.24 17.56 -30.54
N THR F 86 7.31 18.87 -30.33
CA THR F 86 6.68 19.79 -31.28
C THR F 86 7.37 19.77 -32.64
N LYS F 87 8.68 19.53 -32.67
CA LYS F 87 9.37 19.44 -33.95
C LYS F 87 8.89 18.23 -34.74
N PHE F 88 8.57 17.13 -34.04
CA PHE F 88 8.02 15.95 -34.71
C PHE F 88 6.55 16.11 -35.04
N LYS F 89 5.80 16.82 -34.19
CA LYS F 89 4.37 16.93 -34.40
C LYS F 89 4.04 17.74 -35.65
N ARG F 90 4.86 18.74 -35.98
CA ARG F 90 4.63 19.55 -37.17
C ARG F 90 5.98 19.96 -37.75
N PRO F 91 6.59 19.11 -38.58
CA PRO F 91 7.91 19.46 -39.14
C PRO F 91 7.91 20.85 -39.75
N VAL F 92 8.83 21.68 -39.27
CA VAL F 92 8.77 23.12 -39.53
C VAL F 92 9.08 23.44 -40.98
N SER F 93 10.18 22.91 -41.50
CA SER F 93 10.62 23.28 -42.85
C SER F 93 9.60 22.86 -43.91
N PHE F 94 8.84 21.79 -43.66
CA PHE F 94 7.84 21.34 -44.61
C PHE F 94 6.53 22.10 -44.47
N PHE F 95 6.25 22.62 -43.27
CA PHE F 95 5.12 23.52 -43.11
C PHE F 95 5.34 24.82 -43.87
N ILE F 96 6.56 25.37 -43.78
CA ILE F 96 6.88 26.59 -44.52
C ILE F 96 6.69 26.36 -46.01
N ARG F 97 7.24 25.26 -46.52
CA ARG F 97 7.13 24.95 -47.95
C ARG F 97 5.69 24.78 -48.39
N ASP F 98 4.87 24.13 -47.55
CA ASP F 98 3.46 23.93 -47.89
C ASP F 98 2.73 25.27 -47.96
N VAL F 99 3.07 26.21 -47.07
CA VAL F 99 2.46 27.53 -47.12
C VAL F 99 2.85 28.25 -48.40
N LEU F 100 4.13 28.15 -48.78
CA LEU F 100 4.57 28.76 -50.04
C LEU F 100 3.83 28.19 -51.23
N GLU F 101 3.39 26.93 -51.14
CA GLU F 101 2.75 26.27 -52.28
C GLU F 101 1.25 26.50 -52.34
N ASN F 102 0.57 26.66 -51.20
CA ASN F 102 -0.89 26.73 -51.16
C ASN F 102 -1.42 28.08 -50.72
N GLN F 103 -0.59 28.99 -50.25
CA GLN F 103 -1.01 30.33 -49.86
C GLN F 103 -0.47 31.32 -50.88
N ALA F 104 -1.37 32.01 -51.57
CA ALA F 104 -0.97 32.82 -52.72
C ALA F 104 -0.60 34.25 -52.35
N THR F 105 -1.15 34.80 -51.27
CA THR F 105 -0.94 36.19 -50.93
C THR F 105 -0.29 36.34 -49.56
N TYR F 106 0.33 37.50 -49.35
CA TYR F 106 0.97 37.81 -48.08
C TYR F 106 0.02 37.62 -46.90
N THR F 107 -1.20 38.17 -47.01
CA THR F 107 -2.15 38.07 -45.90
C THR F 107 -2.49 36.61 -45.61
N GLU F 108 -2.62 35.78 -46.65
CA GLU F 108 -2.94 34.37 -46.45
C GLU F 108 -1.80 33.65 -45.72
N ALA F 109 -0.56 33.96 -46.07
CA ALA F 109 0.58 33.31 -45.45
C ALA F 109 0.71 33.70 -43.98
N VAL F 110 0.53 34.99 -43.66
CA VAL F 110 0.67 35.44 -42.28
C VAL F 110 -0.37 34.76 -41.40
N ASP F 111 -1.59 34.61 -41.90
CA ASP F 111 -2.61 33.93 -41.11
C ASP F 111 -2.29 32.46 -40.93
N ALA F 112 -1.74 31.82 -41.97
CA ALA F 112 -1.34 30.42 -41.84
C ALA F 112 -0.25 30.24 -40.79
N PHE F 113 0.72 31.14 -40.76
CA PHE F 113 1.82 31.03 -39.80
C PHE F 113 1.38 31.36 -38.37
N SER F 114 0.24 32.03 -38.20
CA SER F 114 -0.24 32.44 -36.88
C SER F 114 -1.32 31.53 -36.31
N ARG F 115 -1.69 30.47 -37.02
CA ARG F 115 -2.73 29.58 -36.53
C ARG F 115 -2.34 29.01 -35.17
N THR F 116 -3.31 28.92 -34.26
CA THR F 116 -3.07 28.37 -32.93
C THR F 116 -3.00 26.86 -33.04
N HIS F 117 -1.77 26.33 -33.09
CA HIS F 117 -1.54 24.90 -33.09
C HIS F 117 -0.10 24.69 -32.63
N LEU F 118 0.21 23.43 -32.28
CA LEU F 118 1.57 23.12 -31.89
C LEU F 118 2.52 23.51 -33.01
N PHE F 119 3.51 24.34 -32.65
CA PHE F 119 4.54 24.75 -33.59
C PHE F 119 5.81 25.05 -32.82
N SER F 120 6.94 24.62 -33.36
CA SER F 120 8.21 24.78 -32.68
C SER F 120 8.51 26.27 -32.46
N PRO F 121 8.96 26.67 -31.28
CA PRO F 121 9.26 28.09 -31.05
C PRO F 121 10.25 28.64 -32.06
N SER F 122 9.95 29.82 -32.58
CA SER F 122 10.72 30.36 -33.69
C SER F 122 10.25 31.78 -33.95
N TYR F 123 10.96 32.46 -34.86
CA TYR F 123 10.53 33.74 -35.39
C TYR F 123 10.32 33.54 -36.88
N ILE F 124 9.10 33.83 -37.36
CA ILE F 124 8.78 33.78 -38.78
C ILE F 124 8.66 35.20 -39.29
N ILE F 125 9.54 35.58 -40.21
CA ILE F 125 9.59 36.92 -40.77
C ILE F 125 9.06 36.83 -42.19
N VAL F 126 8.03 37.62 -42.48
CA VAL F 126 7.34 37.61 -43.76
C VAL F 126 7.36 39.01 -44.34
N ALA F 127 7.60 39.11 -45.65
CA ALA F 127 7.65 40.38 -46.35
C ALA F 127 6.62 40.37 -47.47
N GLY F 128 5.95 41.50 -47.66
CA GLY F 128 4.89 41.62 -48.65
C GLY F 128 5.16 42.65 -49.73
N ILE F 129 4.08 43.27 -50.24
CA ILE F 129 4.18 44.17 -51.38
C ILE F 129 3.45 45.48 -51.10
N LYS F 130 2.40 45.43 -50.29
CA LYS F 130 1.60 46.61 -49.95
C LYS F 130 2.19 47.34 -48.75
N LYS F 131 1.49 48.35 -48.27
CA LYS F 131 1.99 49.17 -47.18
C LYS F 131 2.04 48.36 -45.89
N ASN F 132 3.12 48.55 -45.12
CA ASN F 132 3.31 47.93 -43.82
C ASN F 132 3.24 46.41 -43.86
N GLU F 133 3.39 45.81 -45.05
CA GLU F 133 3.35 44.35 -45.18
C GLU F 133 4.73 43.77 -44.86
N GLY F 134 5.06 43.85 -43.58
CA GLY F 134 6.27 43.25 -43.05
C GLY F 134 6.04 42.94 -41.57
N VAL F 135 6.19 41.69 -41.17
CA VAL F 135 5.82 41.27 -39.83
C VAL F 135 6.80 40.24 -39.31
N VAL F 136 7.03 40.28 -38.00
CA VAL F 136 7.71 39.22 -37.27
C VAL F 136 6.64 38.45 -36.51
N ILE F 137 6.55 37.16 -36.78
CA ILE F 137 5.61 36.28 -36.11
C ILE F 137 6.40 35.51 -35.06
N SER F 138 6.01 35.66 -33.79
CA SER F 138 6.69 35.01 -32.69
C SER F 138 5.92 33.74 -32.33
N ARG F 139 6.48 32.59 -32.67
CA ARG F 139 5.90 31.32 -32.26
C ARG F 139 6.35 31.06 -30.83
N ASN F 140 5.40 31.06 -29.90
CA ASN F 140 5.69 30.93 -28.49
C ASN F 140 5.52 29.48 -28.05
N ARG F 141 5.97 29.21 -26.84
CA ARG F 141 5.77 27.91 -26.22
C ARG F 141 4.29 27.76 -25.83
N TRP F 142 3.53 26.84 -26.44
CA TRP F 142 3.98 25.94 -27.52
C TRP F 142 3.01 25.91 -28.70
N SER F 143 2.01 26.79 -28.66
CA SER F 143 1.02 26.81 -29.74
C SER F 143 0.48 28.20 -30.04
N ALA F 144 0.86 29.23 -29.30
CA ALA F 144 0.37 30.59 -29.55
C ALA F 144 1.39 31.36 -30.37
N ALA F 145 0.91 32.43 -31.00
CA ALA F 145 1.77 33.27 -31.82
C ALA F 145 1.42 34.74 -31.61
N ASN F 146 2.43 35.59 -31.72
CA ASN F 146 2.28 37.04 -31.67
C ASN F 146 2.82 37.65 -32.95
N VAL F 147 2.20 38.76 -33.36
CA VAL F 147 2.58 39.46 -34.58
C VAL F 147 3.06 40.85 -34.21
N TYR F 148 4.05 41.34 -34.96
CA TYR F 148 4.62 42.67 -34.74
C TYR F 148 4.83 43.31 -36.11
N PRO F 149 3.80 43.97 -36.65
CA PRO F 149 3.87 44.46 -38.03
C PRO F 149 4.69 45.74 -38.14
N LEU F 150 4.94 46.12 -39.39
CA LEU F 150 5.57 47.40 -39.67
C LEU F 150 4.59 48.54 -39.36
N ASN F 151 5.13 49.66 -38.91
CA ASN F 151 4.32 50.84 -38.60
C ASN F 151 5.07 52.06 -39.14
N VAL F 152 5.01 52.24 -40.46
CA VAL F 152 5.76 53.31 -41.11
C VAL F 152 5.26 54.68 -40.67
N ASP F 153 3.97 54.80 -40.35
CA ASP F 153 3.44 56.10 -39.94
C ASP F 153 3.98 56.50 -38.57
N ALA F 154 4.37 55.53 -37.74
CA ALA F 154 5.09 55.81 -36.51
C ALA F 154 6.60 55.77 -36.72
N ASN F 155 7.05 55.79 -37.98
CA ASN F 155 8.46 55.73 -38.33
C ASN F 155 9.11 54.42 -37.87
N GLN F 156 8.33 53.35 -37.76
CA GLN F 156 8.86 52.02 -37.50
C GLN F 156 8.85 51.27 -38.84
N TRP F 157 9.92 51.46 -39.60
CA TRP F 157 9.99 51.03 -40.99
C TRP F 157 10.84 49.80 -41.20
N PHE F 158 11.46 49.25 -40.15
CA PHE F 158 12.25 48.04 -40.29
C PHE F 158 12.02 47.13 -39.09
N LEU F 159 12.28 45.86 -39.30
CA LEU F 159 12.21 44.84 -38.26
C LEU F 159 13.47 44.00 -38.32
N VAL F 160 14.05 43.73 -37.15
CA VAL F 160 15.27 42.93 -37.04
C VAL F 160 15.02 41.87 -35.98
N GLU F 161 15.40 40.63 -36.28
CA GLU F 161 15.20 39.55 -35.34
C GLU F 161 16.33 38.53 -35.50
N THR F 162 16.73 37.93 -34.38
CA THR F 162 17.75 36.89 -34.39
C THR F 162 17.15 35.63 -33.73
N ASN F 163 17.82 35.08 -32.73
CA ASN F 163 17.50 33.77 -32.18
C ASN F 163 16.98 33.81 -30.76
N PHE F 164 17.01 34.95 -30.09
CA PHE F 164 16.76 35.00 -28.65
C PHE F 164 15.60 35.95 -28.36
N ASP F 165 15.25 36.05 -27.08
CA ASP F 165 14.22 36.98 -26.63
C ASP F 165 14.62 37.57 -25.29
N ASN F 166 13.79 38.49 -24.80
CA ASN F 166 13.94 39.09 -23.47
C ASN F 166 15.34 39.71 -23.37
N TRP F 167 16.11 39.39 -22.34
CA TRP F 167 17.39 40.06 -22.14
C TRP F 167 18.40 39.62 -23.19
N LYS F 168 18.54 38.31 -23.41
CA LYS F 168 19.52 37.81 -24.36
C LYS F 168 19.39 38.50 -25.71
N LYS F 169 18.14 38.80 -26.10
CA LYS F 169 17.88 39.50 -27.36
C LYS F 169 18.47 40.90 -27.35
N GLN F 170 18.32 41.63 -26.24
CA GLN F 170 18.80 43.01 -26.17
C GLN F 170 20.32 43.09 -26.16
N GLY F 171 21.02 42.00 -25.87
CA GLY F 171 22.46 41.98 -25.88
C GLY F 171 23.10 41.27 -27.05
N ASP F 172 22.33 40.85 -28.06
CA ASP F 172 22.88 40.19 -29.22
C ASP F 172 23.56 41.22 -30.12
N ASP F 173 24.87 41.10 -30.27
CA ASP F 173 25.62 42.11 -31.04
C ASP F 173 25.19 42.13 -32.50
N ARG F 174 24.79 40.99 -33.06
CA ARG F 174 24.30 40.98 -34.43
C ARG F 174 23.07 41.87 -34.57
N ARG F 175 22.13 41.75 -33.64
CA ARG F 175 20.92 42.54 -33.72
C ARG F 175 21.19 44.01 -33.44
N ILE F 176 22.05 44.30 -32.45
CA ILE F 176 22.37 45.69 -32.12
C ILE F 176 23.04 46.37 -33.30
N THR F 177 24.02 45.71 -33.91
CA THR F 177 24.73 46.29 -35.05
C THR F 177 23.79 46.51 -36.22
N ALA F 178 22.92 45.53 -36.51
CA ALA F 178 22.02 45.66 -37.65
C ALA F 178 21.10 46.87 -37.48
N ILE F 179 20.66 47.13 -36.25
CA ILE F 179 19.81 48.29 -36.01
C ILE F 179 20.61 49.57 -36.16
N GLN F 180 21.86 49.59 -35.69
CA GLN F 180 22.70 50.76 -35.86
C GLN F 180 22.89 51.09 -37.33
N LYS F 181 23.18 50.08 -38.15
CA LYS F 181 23.44 50.32 -39.56
C LYS F 181 22.18 50.76 -40.27
N LEU F 182 21.03 50.16 -39.93
CA LEU F 182 19.76 50.58 -40.52
C LEU F 182 19.44 52.03 -40.16
N LYS F 183 19.75 52.45 -38.94
CA LYS F 183 19.51 53.83 -38.54
C LYS F 183 20.42 54.79 -39.29
N GLU F 184 21.69 54.41 -39.49
CA GLU F 184 22.62 55.27 -40.20
C GLU F 184 22.18 55.49 -41.64
N LEU F 185 21.82 54.41 -42.34
CA LEU F 185 21.45 54.53 -43.74
C LEU F 185 20.14 55.30 -43.91
N GLY F 186 19.23 55.18 -42.95
CA GLY F 186 17.98 55.91 -42.99
C GLY F 186 16.96 55.28 -43.92
N ARG F 187 15.70 55.61 -43.68
CA ARG F 187 14.61 55.00 -44.43
C ARG F 187 14.64 55.45 -45.89
N ARG F 188 14.90 56.74 -46.13
CA ARG F 188 14.87 57.26 -47.49
C ARG F 188 16.00 56.63 -48.31
N ASN F 189 15.68 56.29 -49.56
CA ASN F 189 16.64 55.77 -50.52
C ASN F 189 17.22 54.44 -50.10
N PHE F 190 16.55 53.73 -49.19
CA PHE F 190 16.97 52.39 -48.77
C PHE F 190 16.59 51.38 -49.84
N ASP F 191 17.59 50.70 -50.41
CA ASP F 191 17.37 49.75 -51.49
C ASP F 191 18.07 48.43 -51.22
N GLU F 192 18.12 47.57 -52.25
CA GLU F 192 18.73 46.26 -52.09
C GLU F 192 20.21 46.36 -51.73
N LYS F 193 20.92 47.35 -52.29
CA LYS F 193 22.33 47.53 -51.96
C LYS F 193 22.50 47.91 -50.49
N SER F 194 21.57 48.67 -49.93
CA SER F 194 21.64 49.01 -48.51
C SER F 194 21.50 47.78 -47.64
N MET F 195 20.56 46.89 -47.98
CA MET F 195 20.40 45.66 -47.22
C MET F 195 21.66 44.81 -47.28
N VAL F 196 22.33 44.79 -48.45
CA VAL F 196 23.59 44.07 -48.57
C VAL F 196 24.64 44.69 -47.65
N GLU F 197 24.66 46.02 -47.57
CA GLU F 197 25.61 46.70 -46.70
C GLU F 197 25.39 46.32 -45.23
N VAL F 198 24.12 46.26 -44.81
CA VAL F 198 23.82 45.86 -43.43
C VAL F 198 24.25 44.42 -43.20
N LEU F 199 23.80 43.51 -44.06
CA LEU F 199 24.08 42.09 -43.88
C LEU F 199 25.58 41.80 -43.93
N SER F 200 26.37 42.71 -44.51
CA SER F 200 27.81 42.52 -44.61
C SER F 200 28.58 43.12 -43.44
N THR F 201 27.90 43.85 -42.55
CA THR F 201 28.56 44.49 -41.42
C THR F 201 28.86 43.48 -40.33
N VAL F 202 30.06 43.55 -39.77
CA VAL F 202 30.45 42.72 -38.65
C VAL F 202 29.81 43.29 -37.37
N PRO F 203 29.26 42.40 -36.50
CA PRO F 203 29.22 40.94 -36.55
C PRO F 203 27.92 40.35 -37.10
N VAL F 204 27.07 41.17 -37.74
CA VAL F 204 25.94 40.63 -38.48
C VAL F 204 26.45 39.58 -39.46
N ARG F 205 27.52 39.94 -40.18
CA ARG F 205 28.39 38.96 -40.80
C ARG F 205 29.38 38.47 -39.76
N ASN F 206 29.37 37.17 -39.46
CA ASN F 206 30.30 36.60 -38.51
C ASN F 206 30.91 35.33 -39.09
N ASN F 207 31.77 34.68 -38.31
CA ASN F 207 32.48 33.51 -38.80
C ASN F 207 31.54 32.35 -39.11
N LEU F 208 30.38 32.31 -38.46
CA LEU F 208 29.43 31.22 -38.64
C LEU F 208 28.43 31.48 -39.76
N THR F 209 28.47 32.65 -40.38
CA THR F 209 27.49 32.98 -41.42
C THR F 209 27.74 32.09 -42.65
N VAL F 210 26.71 31.32 -43.03
CA VAL F 210 26.83 30.45 -44.19
C VAL F 210 26.56 31.23 -45.46
N PHE F 211 25.39 31.88 -45.55
CA PHE F 211 25.03 32.66 -46.72
C PHE F 211 24.30 33.93 -46.29
N SER F 212 24.26 34.89 -47.21
CA SER F 212 23.45 36.09 -47.06
C SER F 212 22.57 36.21 -48.30
N THR F 213 21.32 36.63 -48.10
CA THR F 213 20.38 36.75 -49.21
C THR F 213 19.50 37.98 -49.01
N VAL F 214 18.99 38.47 -50.12
CA VAL F 214 18.04 39.58 -50.15
C VAL F 214 16.85 39.15 -51.01
N MET F 215 15.66 39.49 -50.56
CA MET F 215 14.44 39.17 -51.30
C MET F 215 13.55 40.40 -51.36
N VAL F 216 13.10 40.74 -52.56
CA VAL F 216 12.10 41.78 -52.77
C VAL F 216 10.96 41.15 -53.56
N PRO F 217 10.00 40.49 -52.90
CA PRO F 217 8.96 39.78 -53.64
C PRO F 217 8.10 40.69 -54.52
N GLY F 218 8.02 41.98 -54.20
CA GLY F 218 7.19 42.90 -54.97
C GLY F 218 7.75 43.27 -56.33
N LEU F 219 9.01 42.95 -56.60
CA LEU F 219 9.59 43.31 -57.88
C LEU F 219 8.85 42.60 -59.01
N PRO F 220 8.76 43.21 -60.19
CA PRO F 220 8.18 42.49 -61.34
C PRO F 220 9.03 41.30 -61.77
N ASP F 221 10.29 41.23 -61.35
CA ASP F 221 11.18 40.11 -61.63
C ASP F 221 11.73 39.54 -60.33
N SER F 222 10.88 39.43 -59.31
CA SER F 222 11.34 39.02 -58.00
C SER F 222 12.01 37.64 -58.04
N ALA F 223 11.46 36.71 -58.84
CA ALA F 223 12.05 35.38 -58.94
C ALA F 223 13.44 35.46 -59.56
N ASP F 224 13.62 36.29 -60.58
CA ASP F 224 14.94 36.44 -61.19
C ASP F 224 15.93 37.04 -60.21
N TYR F 225 15.48 38.03 -59.41
CA TYR F 225 16.37 38.65 -58.43
C TYR F 225 16.78 37.64 -57.37
N PHE F 226 15.81 36.96 -56.76
CA PHE F 226 16.12 35.99 -55.72
C PHE F 226 17.08 34.92 -56.23
N ARG F 227 17.01 34.60 -57.52
CA ARG F 227 17.87 33.56 -58.09
C ARG F 227 19.33 33.95 -58.12
N GLN F 228 19.65 35.24 -57.93
CA GLN F 228 21.03 35.71 -57.99
C GLN F 228 21.41 36.63 -56.83
N SER F 229 20.54 36.83 -55.86
CA SER F 229 20.82 37.78 -54.78
C SER F 229 21.54 37.15 -53.60
N THR F 230 21.66 35.83 -53.57
CA THR F 230 22.31 35.14 -52.46
C THR F 230 23.80 34.95 -52.77
N TRP F 231 24.62 35.09 -51.74
CA TRP F 231 26.04 34.80 -51.86
C TRP F 231 26.51 34.00 -50.65
N ILE F 232 27.31 32.97 -50.93
CA ILE F 232 27.88 32.12 -49.89
C ILE F 232 29.17 32.75 -49.41
N LEU F 233 29.25 33.04 -48.14
CA LEU F 233 30.35 33.85 -47.67
C LEU F 233 31.62 33.01 -47.56
N PRO F 234 32.79 33.61 -47.85
CA PRO F 234 34.08 32.91 -47.70
C PRO F 234 34.45 32.63 -46.24
N LYS G 9 26.38 -4.83 54.75
CA LYS G 9 25.91 -4.74 56.13
C LYS G 9 25.19 -3.42 56.39
N LEU G 10 25.97 -2.34 56.46
CA LEU G 10 25.39 -1.01 56.66
C LEU G 10 24.89 -0.41 55.35
N ASP G 11 25.57 -0.68 54.24
CA ASP G 11 25.13 -0.24 52.93
C ASP G 11 24.54 -1.43 52.18
N ARG G 12 23.25 -1.35 51.87
CA ARG G 12 22.58 -2.36 51.06
C ARG G 12 21.76 -1.69 49.97
N LYS G 13 22.25 -0.58 49.45
CA LYS G 13 21.65 0.05 48.30
C LYS G 13 21.92 -0.78 47.05
N PRO G 14 21.01 -0.78 46.08
CA PRO G 14 21.28 -1.49 44.83
C PRO G 14 22.36 -0.78 44.02
N ARG G 15 23.09 -1.58 43.24
CA ARG G 15 24.11 -1.01 42.35
C ARG G 15 23.45 0.00 41.42
N HIS G 16 24.12 1.14 41.24
CA HIS G 16 23.63 2.19 40.37
C HIS G 16 24.29 2.11 39.01
N TYR G 17 23.50 2.33 37.96
CA TYR G 17 23.99 2.35 36.60
C TYR G 17 23.34 3.51 35.85
N GLU G 18 24.04 4.01 34.84
CA GLU G 18 23.48 4.97 33.89
C GLU G 18 23.28 4.25 32.57
N ILE G 19 22.05 4.25 32.07
CA ILE G 19 21.73 3.68 30.77
C ILE G 19 21.65 4.83 29.78
N ASN G 20 22.61 4.88 28.86
CA ASN G 20 22.72 5.96 27.89
C ASN G 20 21.79 5.67 26.71
N LEU G 21 20.74 6.49 26.57
CA LEU G 21 19.83 6.33 25.44
C LEU G 21 20.44 6.79 24.12
N ASP G 22 21.58 7.48 24.17
CA ASP G 22 22.28 7.87 22.96
C ASP G 22 23.07 6.71 22.35
N GLU G 23 23.41 5.70 23.15
CA GLU G 23 24.10 4.53 22.64
C GLU G 23 23.14 3.67 21.81
N PRO G 24 23.65 2.83 20.92
CA PRO G 24 22.78 1.90 20.19
C PRO G 24 22.04 0.99 21.16
N PRO G 25 20.76 0.72 20.91
CA PRO G 25 19.98 -0.03 21.91
C PRO G 25 20.56 -1.38 22.25
N SER G 26 21.23 -2.03 21.30
CA SER G 26 21.83 -3.34 21.54
C SER G 26 23.04 -3.27 22.47
N GLN G 27 23.50 -2.06 22.82
CA GLN G 27 24.70 -1.90 23.63
C GLN G 27 24.41 -1.32 25.00
N ARG G 28 23.15 -1.01 25.31
CA ARG G 28 22.84 -0.21 26.49
C ARG G 28 22.99 -1.01 27.78
N TRP G 29 22.66 -2.30 27.75
CA TRP G 29 22.66 -3.13 28.95
C TRP G 29 23.92 -3.97 29.09
N ASN G 30 24.97 -3.66 28.32
CA ASN G 30 26.19 -4.45 28.38
C ASN G 30 26.75 -4.47 29.81
N GLN G 31 26.86 -3.30 30.43
CA GLN G 31 27.48 -3.24 31.75
C GLN G 31 26.63 -3.95 32.80
N VAL G 32 25.31 -3.77 32.75
CA VAL G 32 24.43 -4.47 33.70
C VAL G 32 24.63 -5.98 33.57
N ILE G 33 24.57 -6.49 32.35
CA ILE G 33 24.72 -7.93 32.13
C ILE G 33 26.13 -8.37 32.50
N LYS G 34 27.14 -7.61 32.10
CA LYS G 34 28.52 -7.97 32.39
C LYS G 34 28.73 -8.17 33.89
N ASP G 35 28.02 -7.42 34.72
CA ASP G 35 28.27 -7.42 36.15
C ASP G 35 27.49 -8.49 36.90
N HIS G 36 26.38 -8.96 36.35
CA HIS G 36 25.53 -9.96 36.99
C HIS G 36 25.52 -11.28 36.24
N LEU G 37 26.51 -11.50 35.35
CA LEU G 37 26.49 -12.66 34.47
C LEU G 37 26.34 -13.97 35.23
N GLU G 38 26.95 -14.07 36.42
CA GLU G 38 26.84 -15.30 37.20
C GLU G 38 25.39 -15.64 37.49
N TYR G 39 24.61 -14.66 37.94
CA TYR G 39 23.28 -14.93 38.47
C TYR G 39 22.25 -15.22 37.38
N LEU G 40 22.54 -14.84 36.13
CA LEU G 40 21.49 -14.85 35.11
C LEU G 40 21.02 -16.25 34.78
N PRO G 41 21.88 -17.23 34.55
CA PRO G 41 21.36 -18.58 34.25
C PRO G 41 20.47 -19.14 35.33
N GLY G 42 20.82 -18.90 36.61
CA GLY G 42 19.98 -19.39 37.69
C GLY G 42 18.65 -18.66 37.76
N VAL G 43 18.65 -17.36 37.46
CA VAL G 43 17.41 -16.61 37.47
C VAL G 43 16.48 -17.11 36.38
N VAL G 44 17.01 -17.28 35.17
CA VAL G 44 16.18 -17.76 34.07
C VAL G 44 15.65 -19.15 34.38
N GLU G 45 16.54 -20.06 34.79
CA GLU G 45 16.11 -21.42 35.06
C GLU G 45 15.03 -21.46 36.13
N GLU G 46 15.15 -20.63 37.17
CA GLU G 46 14.19 -20.66 38.26
C GLU G 46 12.91 -19.91 37.92
N THR G 47 13.00 -18.87 37.08
CA THR G 47 11.80 -18.16 36.67
C THR G 47 10.93 -19.03 35.77
N LYS G 48 11.55 -19.76 34.84
CA LYS G 48 10.76 -20.58 33.93
C LYS G 48 9.86 -21.56 34.68
N LYS G 49 10.31 -22.04 35.84
CA LYS G 49 9.50 -22.97 36.62
C LYS G 49 8.17 -22.37 37.03
N TYR G 50 8.05 -21.04 37.03
CA TYR G 50 6.78 -20.44 37.42
C TYR G 50 5.77 -20.39 36.28
N ILE G 51 6.22 -20.54 35.05
CA ILE G 51 5.27 -20.64 33.92
C ILE G 51 4.70 -22.05 33.90
N PRO G 52 3.38 -22.20 33.84
CA PRO G 52 2.80 -23.56 33.81
C PRO G 52 3.37 -24.37 32.66
N LYS G 53 3.75 -25.61 32.97
CA LYS G 53 4.42 -26.49 32.00
C LYS G 53 3.68 -26.58 30.67
N PRO G 54 2.40 -26.92 30.63
CA PRO G 54 1.73 -27.08 29.33
C PRO G 54 1.82 -25.85 28.44
N LEU G 55 1.96 -24.67 29.02
CA LEU G 55 2.00 -23.44 28.23
C LEU G 55 3.42 -22.95 27.97
N GLN G 56 4.44 -23.60 28.53
CA GLN G 56 5.81 -23.12 28.34
C GLN G 56 6.27 -23.18 26.90
N PRO G 57 6.13 -24.29 26.17
CA PRO G 57 6.57 -24.29 24.77
C PRO G 57 5.92 -23.22 23.91
N PHE G 58 4.64 -22.92 24.16
CA PHE G 58 3.96 -21.91 23.34
C PHE G 58 4.46 -20.51 23.70
N VAL G 59 4.72 -20.25 24.98
CA VAL G 59 5.22 -18.94 25.39
C VAL G 59 6.57 -18.65 24.73
N TRP G 60 7.47 -19.63 24.74
CA TRP G 60 8.80 -19.40 24.16
C TRP G 60 8.69 -19.13 22.67
N TRP G 61 7.82 -19.86 21.98
CA TRP G 61 7.63 -19.67 20.54
C TRP G 61 7.03 -18.31 20.24
N ALA G 62 5.97 -17.93 20.95
CA ALA G 62 5.35 -16.64 20.71
C ALA G 62 6.29 -15.50 21.07
N ALA G 63 7.08 -15.69 22.12
CA ALA G 63 8.01 -14.65 22.55
C ALA G 63 9.13 -14.45 21.54
N SER G 64 9.42 -15.46 20.71
CA SER G 64 10.43 -15.31 19.67
C SER G 64 9.99 -14.38 18.56
N LYS G 65 8.68 -14.19 18.40
CA LYS G 65 8.15 -13.27 17.39
C LYS G 65 8.23 -11.84 17.92
N ILE G 66 9.47 -11.44 18.26
CA ILE G 66 9.71 -10.21 19.01
C ILE G 66 9.14 -9.01 18.28
N ASP G 67 9.12 -9.03 16.96
CA ASP G 67 8.66 -7.88 16.19
C ASP G 67 7.17 -7.60 16.38
N ARG G 68 6.42 -8.48 17.03
CA ARG G 68 4.98 -8.29 17.17
C ARG G 68 4.62 -7.37 18.33
N TYR G 69 5.49 -7.29 19.35
CA TYR G 69 5.09 -6.73 20.64
C TYR G 69 5.85 -5.48 21.04
N PHE G 70 7.02 -5.21 20.46
CA PHE G 70 7.88 -4.14 20.92
C PHE G 70 8.25 -3.23 19.76
N THR G 71 8.60 -1.99 20.10
CA THR G 71 9.16 -1.06 19.13
C THR G 71 10.54 -1.55 18.69
N THR G 72 10.99 -1.03 17.54
CA THR G 72 12.30 -1.41 17.04
C THR G 72 13.39 -1.10 18.07
N GLU G 73 13.27 0.04 18.75
CA GLU G 73 14.24 0.39 19.78
C GLU G 73 14.29 -0.69 20.86
N ILE G 74 13.13 -1.07 21.39
CA ILE G 74 13.07 -2.07 22.45
C ILE G 74 13.50 -3.44 21.92
N GLN G 75 13.17 -3.75 20.67
CA GLN G 75 13.61 -5.01 20.08
C GLN G 75 15.13 -5.11 20.12
N GLU G 76 15.82 -4.03 19.76
CA GLU G 76 17.27 -4.06 19.72
C GLU G 76 17.86 -4.23 21.12
N GLU G 77 17.23 -3.63 22.13
CA GLU G 77 17.67 -3.83 23.51
C GLU G 77 17.52 -5.30 23.91
N LEU G 78 16.36 -5.90 23.62
CA LEU G 78 16.13 -7.29 23.98
C LEU G 78 17.10 -8.23 23.29
N LYS G 79 17.43 -7.95 22.02
CA LYS G 79 18.43 -8.75 21.33
C LYS G 79 19.82 -8.54 21.93
N GLY G 80 20.16 -7.30 22.25
CA GLY G 80 21.43 -7.04 22.91
C GLY G 80 21.53 -7.74 24.25
N ILE G 81 20.43 -7.77 25.01
CA ILE G 81 20.43 -8.47 26.29
C ILE G 81 20.64 -9.97 26.08
N ALA G 82 19.99 -10.55 25.07
CA ALA G 82 20.13 -11.99 24.82
C ALA G 82 21.55 -12.34 24.37
N SER G 83 22.17 -11.47 23.58
CA SER G 83 23.53 -11.73 23.11
C SER G 83 24.53 -11.60 24.26
N GLU G 84 24.36 -10.58 25.10
CA GLU G 84 25.30 -10.35 26.19
C GLU G 84 25.21 -11.45 27.24
N SER G 85 23.99 -11.89 27.57
CA SER G 85 23.82 -12.96 28.54
C SER G 85 24.10 -14.34 27.96
N GLY G 86 24.01 -14.49 26.65
CA GLY G 86 24.13 -15.80 26.05
C GLY G 86 22.95 -16.70 26.35
N LEU G 87 21.76 -16.13 26.49
CA LEU G 87 20.56 -16.87 26.85
C LEU G 87 19.50 -16.70 25.76
N PRO G 88 18.65 -17.70 25.56
CA PRO G 88 17.70 -17.64 24.44
C PRO G 88 16.75 -16.47 24.58
N ILE G 89 16.63 -15.69 23.50
CA ILE G 89 15.85 -14.45 23.54
C ILE G 89 14.37 -14.75 23.80
N GLY G 90 13.88 -15.88 23.30
CA GLY G 90 12.49 -16.24 23.54
C GLY G 90 12.17 -16.36 25.02
N GLU G 91 13.12 -16.89 25.79
CA GLU G 91 12.93 -16.97 27.23
C GLU G 91 13.05 -15.60 27.87
N ILE G 92 14.00 -14.77 27.40
CA ILE G 92 14.17 -13.44 27.96
C ILE G 92 12.95 -12.58 27.66
N VAL G 93 12.44 -12.64 26.43
CA VAL G 93 11.24 -11.87 26.09
C VAL G 93 10.07 -12.35 26.92
N GLY G 94 9.93 -13.67 27.08
CA GLY G 94 8.83 -14.20 27.86
C GLY G 94 8.82 -13.68 29.28
N MET G 95 10.01 -13.62 29.89
CA MET G 95 10.11 -13.11 31.26
C MET G 95 9.72 -11.64 31.31
N ASN G 96 10.11 -10.87 30.29
CA ASN G 96 9.79 -9.44 30.26
C ASN G 96 8.30 -9.20 30.01
N ILE G 97 7.67 -10.02 29.17
CA ILE G 97 6.24 -9.87 28.93
C ILE G 97 5.45 -10.36 30.13
N LEU G 98 5.79 -11.55 30.64
CA LEU G 98 5.20 -12.08 31.86
C LEU G 98 5.98 -11.55 33.08
N TYR G 99 5.87 -10.23 33.26
CA TYR G 99 6.72 -9.53 34.23
C TYR G 99 6.51 -10.03 35.65
N ASP G 100 5.32 -10.53 35.98
CA ASP G 100 4.98 -10.90 37.34
C ASP G 100 4.81 -12.41 37.52
N VAL G 101 5.33 -13.21 36.59
CA VAL G 101 5.09 -14.65 36.62
C VAL G 101 5.73 -15.29 37.85
N ALA G 102 6.89 -14.80 38.27
CA ALA G 102 7.58 -15.34 39.43
C ALA G 102 7.34 -14.52 40.68
N ALA G 103 6.51 -13.47 40.60
CA ALA G 103 6.20 -12.68 41.78
C ALA G 103 5.18 -13.39 42.66
N PHE G 104 4.25 -14.12 42.04
CA PHE G 104 3.27 -14.91 42.76
C PHE G 104 3.18 -16.28 42.10
N ASP G 105 3.07 -17.32 42.92
CA ASP G 105 3.01 -18.69 42.40
C ASP G 105 1.60 -18.95 41.88
N ARG G 106 1.46 -19.07 40.56
CA ARG G 106 0.16 -19.27 39.91
C ARG G 106 0.18 -20.43 38.91
N ARG G 107 1.10 -21.37 39.08
CA ARG G 107 1.25 -22.48 38.14
C ARG G 107 0.48 -23.72 38.57
N HIS G 108 -0.29 -23.65 39.67
CA HIS G 108 -0.82 -24.85 40.31
C HIS G 108 -1.98 -25.47 39.55
N ILE G 109 -2.60 -24.75 38.60
CA ILE G 109 -3.72 -25.32 37.85
C ILE G 109 -3.21 -26.39 36.88
N PHE G 110 -2.05 -26.14 36.27
CA PHE G 110 -1.42 -27.15 35.42
C PHE G 110 0.07 -26.91 35.28
N CYS H 1 3.62 -7.01 47.10
CA CYS H 1 3.83 -5.61 46.76
C CYS H 1 2.97 -4.72 47.62
N THR H 2 3.56 -3.64 48.13
CA THR H 2 2.84 -2.63 48.89
C THR H 2 3.29 -1.26 48.40
N SER H 3 2.36 -0.49 47.87
CA SER H 3 2.61 0.88 47.41
C SER H 3 1.84 1.85 48.29
N ILE H 4 2.53 2.89 48.74
CA ILE H 4 1.94 3.90 49.60
C ILE H 4 2.26 5.28 49.03
N VAL H 5 1.27 6.17 49.06
CA VAL H 5 1.47 7.57 48.71
C VAL H 5 0.83 8.40 49.81
N ALA H 6 1.55 9.42 50.27
CA ALA H 6 1.07 10.26 51.37
C ALA H 6 1.47 11.70 51.11
N GLN H 7 0.58 12.63 51.44
CA GLN H 7 0.85 14.05 51.36
C GLN H 7 0.77 14.64 52.76
N ASN H 8 1.87 15.24 53.22
CA ASN H 8 1.93 15.78 54.57
C ASN H 8 1.26 17.16 54.61
N SER H 9 1.29 17.78 55.79
CA SER H 9 0.67 19.08 55.97
C SER H 9 1.34 20.15 55.13
N ALA H 10 2.66 20.05 54.97
CA ALA H 10 3.40 21.02 54.16
C ALA H 10 3.13 20.90 52.67
N GLY H 11 2.42 19.86 52.24
CA GLY H 11 2.13 19.64 50.84
C GLY H 11 3.10 18.72 50.13
N GLN H 12 4.12 18.22 50.82
CA GLN H 12 5.06 17.30 50.21
C GLN H 12 4.43 15.93 50.04
N ILE H 13 4.67 15.31 48.88
CA ILE H 13 4.08 14.02 48.54
C ILE H 13 5.18 12.97 48.57
N ILE H 14 4.97 11.92 49.36
CA ILE H 14 5.95 10.86 49.55
C ILE H 14 5.38 9.56 48.99
N HIS H 15 6.21 8.82 48.25
CA HIS H 15 5.81 7.57 47.61
C HIS H 15 6.69 6.45 48.14
N GLY H 16 6.09 5.50 48.85
CA GLY H 16 6.79 4.35 49.40
C GLY H 16 6.40 3.08 48.67
N ARG H 17 7.36 2.17 48.54
CA ARG H 17 7.11 0.96 47.76
C ARG H 17 7.97 -0.19 48.26
N ASN H 18 7.32 -1.30 48.59
CA ASN H 18 7.97 -2.56 48.85
C ASN H 18 7.65 -3.53 47.72
N LEU H 19 8.66 -4.27 47.27
CA LEU H 19 8.49 -5.26 46.21
C LEU H 19 8.58 -6.65 46.83
N ASP H 20 7.46 -7.38 46.81
CA ASP H 20 7.42 -8.76 47.29
C ASP H 20 7.45 -9.69 46.09
N TYR H 21 8.36 -10.66 46.13
CA TYR H 21 8.63 -11.50 44.98
C TYR H 21 8.88 -12.92 45.50
N ASP H 22 8.17 -13.89 44.93
CA ASP H 22 8.28 -15.26 45.41
C ASP H 22 9.70 -15.80 45.24
N MET H 23 10.39 -15.39 44.17
CA MET H 23 11.77 -15.80 43.92
C MET H 23 12.74 -14.81 44.57
N THR H 24 12.62 -14.69 45.90
CA THR H 24 13.13 -13.53 46.61
C THR H 24 14.65 -13.43 46.54
N GLU H 25 15.36 -14.44 47.03
CA GLU H 25 16.80 -14.30 47.25
C GLU H 25 17.57 -14.18 45.93
N LEU H 26 17.11 -14.87 44.89
CA LEU H 26 17.80 -14.76 43.60
C LEU H 26 17.67 -13.36 43.03
N LEU H 27 16.52 -12.71 43.25
CA LEU H 27 16.28 -11.39 42.66
C LEU H 27 17.07 -10.29 43.35
N LYS H 28 17.35 -10.43 44.65
CA LYS H 28 18.09 -9.38 45.35
C LYS H 28 19.48 -9.20 44.76
N ASN H 29 20.11 -10.29 44.30
CA ASN H 29 21.45 -10.21 43.75
C ASN H 29 21.51 -9.46 42.43
N ILE H 30 20.38 -9.17 41.80
CA ILE H 30 20.39 -8.53 40.48
C ILE H 30 19.51 -7.28 40.47
N THR H 31 19.12 -6.79 41.65
CA THR H 31 18.35 -5.55 41.76
C THR H 31 19.28 -4.35 41.60
N ILE H 32 18.91 -3.44 40.71
CA ILE H 32 19.75 -2.29 40.38
C ILE H 32 18.91 -1.03 40.29
N HIS H 33 19.55 0.11 40.51
CA HIS H 33 18.95 1.41 40.25
C HIS H 33 19.56 1.98 38.98
N VAL H 34 18.71 2.53 38.12
CA VAL H 34 19.10 2.92 36.77
C VAL H 34 18.67 4.36 36.52
N ASP H 35 19.57 5.15 35.96
CA ASP H 35 19.27 6.47 35.45
C ASP H 35 19.35 6.43 33.94
N PHE H 36 18.22 6.72 33.28
CA PHE H 36 18.17 6.78 31.83
C PHE H 36 18.55 8.19 31.39
N VAL H 37 19.70 8.33 30.75
CA VAL H 37 20.27 9.63 30.41
C VAL H 37 20.25 9.81 28.90
N ARG H 38 19.99 11.03 28.46
CA ARG H 38 20.04 11.39 27.06
C ARG H 38 20.60 12.80 26.95
N ASN H 39 21.65 12.97 26.14
CA ASN H 39 22.38 14.23 26.03
C ASN H 39 22.87 14.69 27.40
N GLY H 40 23.36 13.75 28.19
CA GLY H 40 23.96 14.07 29.48
C GLY H 40 23.00 14.48 30.57
N THR H 41 21.69 14.33 30.35
CA THR H 41 20.68 14.71 31.32
C THR H 41 19.83 13.49 31.68
N ILE H 42 19.50 13.36 32.97
CA ILE H 42 18.65 12.27 33.41
C ILE H 42 17.24 12.50 32.90
N GLN H 43 16.76 11.61 32.04
CA GLN H 43 15.39 11.69 31.56
C GLN H 43 14.42 11.12 32.58
N TYR H 44 14.71 9.92 33.10
CA TYR H 44 13.88 9.27 34.10
C TYR H 44 14.69 8.18 34.76
N SER H 45 14.26 7.79 35.96
CA SER H 45 14.95 6.79 36.74
C SER H 45 14.00 5.64 37.08
N GLY H 46 14.57 4.53 37.51
CA GLY H 46 13.76 3.38 37.89
C GLY H 46 14.58 2.32 38.57
N LEU H 47 13.88 1.44 39.28
CA LEU H 47 14.44 0.20 39.79
C LEU H 47 14.05 -0.93 38.84
N THR H 48 14.98 -1.85 38.61
CA THR H 48 14.71 -3.00 37.76
C THR H 48 15.70 -4.10 38.13
N PHE H 49 15.79 -5.11 37.27
CA PHE H 49 16.64 -6.26 37.50
C PHE H 49 17.37 -6.61 36.21
N ALA H 50 18.58 -7.15 36.35
CA ALA H 50 19.32 -7.61 35.18
C ALA H 50 18.48 -8.59 34.37
N LEU H 51 18.41 -8.35 33.06
CA LEU H 51 17.60 -9.09 32.09
C LEU H 51 16.25 -8.42 31.84
N TYR H 52 15.81 -7.56 32.75
CA TYR H 52 14.56 -6.82 32.58
C TYR H 52 14.89 -5.36 32.27
N ASN H 53 14.49 -4.91 31.08
CA ASN H 53 14.76 -3.53 30.66
C ASN H 53 13.50 -2.66 30.69
N GLY H 54 12.39 -3.17 31.21
CA GLY H 54 11.24 -2.34 31.52
C GLY H 54 11.33 -1.75 32.91
N VAL H 55 10.35 -0.92 33.24
CA VAL H 55 10.30 -0.23 34.54
C VAL H 55 8.96 -0.47 35.19
N LEU H 56 8.98 -0.98 36.42
CA LEU H 56 7.79 -1.11 37.24
C LEU H 56 7.83 -0.24 38.49
N THR H 57 8.97 0.33 38.82
CA THR H 57 9.09 1.31 39.91
C THR H 57 10.02 2.41 39.41
N GLY H 58 9.49 3.60 39.17
CA GLY H 58 10.27 4.63 38.52
C GLY H 58 9.82 6.03 38.86
N GLN H 59 10.58 7.00 38.36
CA GLN H 59 10.40 8.39 38.70
C GLN H 59 10.86 9.27 37.54
N ARG H 60 10.06 10.29 37.24
CA ARG H 60 10.46 11.37 36.36
C ARG H 60 10.91 12.52 37.24
N PRO H 61 12.21 12.75 37.41
CA PRO H 61 12.67 13.67 38.47
C PRO H 61 11.98 15.02 38.39
N GLY H 62 11.50 15.49 39.53
CA GLY H 62 10.84 16.76 39.63
C GLY H 62 9.37 16.76 39.24
N GLU H 63 8.85 15.67 38.67
CA GLU H 63 7.51 15.68 38.10
C GLU H 63 6.59 14.66 38.76
N TYR H 64 6.92 13.37 38.70
CA TYR H 64 6.04 12.36 39.27
C TYR H 64 6.81 11.07 39.46
N SER H 65 6.24 10.18 40.26
CA SER H 65 6.75 8.84 40.47
C SER H 65 5.63 7.84 40.27
N VAL H 66 6.01 6.61 39.95
CA VAL H 66 5.04 5.57 39.58
C VAL H 66 5.52 4.23 40.14
N SER H 67 4.57 3.42 40.58
CA SER H 67 4.84 2.04 40.95
C SER H 67 3.65 1.19 40.53
N LEU H 68 3.93 -0.04 40.10
CA LEU H 68 2.90 -0.96 39.63
C LEU H 68 2.86 -2.17 40.56
N ASN H 69 1.67 -2.51 41.02
CA ASN H 69 1.41 -3.74 41.76
C ASN H 69 0.61 -4.69 40.88
N ALA H 70 1.04 -5.94 40.81
CA ALA H 70 0.24 -6.96 40.13
C ALA H 70 -1.06 -7.20 40.89
N ARG H 71 -2.10 -7.55 40.13
CA ARG H 71 -3.45 -7.75 40.66
C ARG H 71 -3.88 -9.17 40.33
N TYR H 72 -4.20 -9.95 41.35
CA TYR H 72 -4.58 -11.34 41.17
C TYR H 72 -6.05 -11.51 41.55
N SER H 73 -6.86 -11.96 40.60
CA SER H 73 -8.28 -12.23 40.78
C SER H 73 -8.66 -13.70 40.68
N GLY H 74 -7.72 -14.58 40.45
CA GLY H 74 -8.00 -16.00 40.36
C GLY H 74 -7.06 -16.68 39.39
N ALA H 75 -6.98 -17.99 39.50
CA ALA H 75 -6.08 -18.80 38.67
C ALA H 75 -6.85 -19.92 37.98
N TYR H 76 -7.92 -19.55 37.30
CA TYR H 76 -8.65 -20.46 36.44
C TYR H 76 -8.15 -20.29 35.01
N ILE H 77 -8.18 -21.39 34.25
CA ILE H 77 -7.53 -21.38 32.94
C ILE H 77 -8.09 -20.28 32.06
N ASP H 78 -9.39 -20.01 32.15
CA ASP H 78 -9.98 -18.95 31.34
C ASP H 78 -9.35 -17.59 31.66
N ASN H 79 -9.04 -17.35 32.94
CA ASN H 79 -8.36 -16.13 33.33
C ASN H 79 -6.93 -16.12 32.80
N ILE H 80 -6.23 -17.25 32.94
CA ILE H 80 -4.83 -17.30 32.53
C ILE H 80 -4.69 -16.99 31.05
N LEU H 81 -5.58 -17.55 30.22
CA LEU H 81 -5.49 -17.33 28.79
C LEU H 81 -5.74 -15.86 28.45
N MET H 82 -6.77 -15.26 29.05
CA MET H 82 -7.02 -13.85 28.78
C MET H 82 -5.93 -12.97 29.38
N GLU H 83 -5.31 -13.39 30.47
CA GLU H 83 -4.23 -12.62 31.07
C GLU H 83 -2.99 -12.64 30.18
N PHE H 84 -2.61 -13.83 29.71
CA PHE H 84 -1.46 -13.92 28.80
C PHE H 84 -1.72 -13.12 27.53
N TYR H 85 -2.97 -13.11 27.07
CA TYR H 85 -3.31 -12.37 25.86
C TYR H 85 -3.03 -10.89 26.05
N THR H 86 -3.55 -10.29 27.13
CA THR H 86 -3.37 -8.85 27.32
C THR H 86 -1.94 -8.49 27.66
N LYS H 87 -1.22 -9.37 28.36
CA LYS H 87 0.19 -9.09 28.66
C LYS H 87 1.01 -9.05 27.39
N PHE H 88 0.69 -9.91 26.41
CA PHE H 88 1.39 -9.86 25.13
C PHE H 88 0.88 -8.71 24.27
N LYS H 89 -0.40 -8.38 24.40
CA LYS H 89 -1.00 -7.35 23.56
C LYS H 89 -0.43 -5.99 23.90
N ARG H 90 -0.09 -5.75 25.18
CA ARG H 90 0.48 -4.47 25.61
C ARG H 90 1.46 -4.72 26.75
N PRO H 91 2.71 -5.05 26.45
CA PRO H 91 3.69 -5.30 27.52
C PRO H 91 3.73 -4.18 28.55
N VAL H 92 3.49 -4.54 29.80
CA VAL H 92 3.21 -3.55 30.85
C VAL H 92 4.47 -2.78 31.22
N SER H 93 5.56 -3.49 31.49
CA SER H 93 6.76 -2.84 31.99
C SER H 93 7.31 -1.83 30.98
N PHE H 94 7.14 -2.11 29.69
CA PHE H 94 7.60 -1.17 28.67
C PHE H 94 6.60 -0.05 28.42
N PHE H 95 5.33 -0.27 28.73
CA PHE H 95 4.36 0.83 28.70
C PHE H 95 4.67 1.85 29.79
N ILE H 96 4.99 1.38 31.00
CA ILE H 96 5.36 2.30 32.08
C ILE H 96 6.60 3.09 31.68
N ARG H 97 7.62 2.42 31.17
CA ARG H 97 8.85 3.11 30.78
C ARG H 97 8.57 4.12 29.68
N ASP H 98 7.70 3.76 28.73
CA ASP H 98 7.37 4.69 27.65
C ASP H 98 6.68 5.94 28.17
N VAL H 99 5.84 5.79 29.21
CA VAL H 99 5.21 6.95 29.83
C VAL H 99 6.26 7.80 30.53
N LEU H 100 7.20 7.17 31.24
CA LEU H 100 8.24 7.94 31.90
C LEU H 100 9.07 8.73 30.89
N GLU H 101 9.17 8.25 29.66
CA GLU H 101 10.00 8.90 28.65
C GLU H 101 9.27 10.00 27.89
N ASN H 102 7.94 9.87 27.68
CA ASN H 102 7.22 10.81 26.82
C ASN H 102 6.17 11.64 27.54
N GLN H 103 5.86 11.34 28.80
CA GLN H 103 4.88 12.11 29.56
C GLN H 103 5.61 12.93 30.61
N ALA H 104 5.49 14.25 30.52
CA ALA H 104 6.32 15.16 31.30
C ALA H 104 5.71 15.52 32.65
N THR H 105 4.39 15.51 32.77
CA THR H 105 3.73 15.99 33.99
C THR H 105 2.91 14.87 34.61
N TYR H 106 2.63 15.03 35.91
CA TYR H 106 1.79 14.09 36.63
C TYR H 106 0.46 13.87 35.92
N THR H 107 -0.20 14.96 35.54
CA THR H 107 -1.51 14.83 34.89
C THR H 107 -1.41 14.06 33.58
N GLU H 108 -0.32 14.26 32.83
CA GLU H 108 -0.15 13.53 31.58
C GLU H 108 0.05 12.04 31.84
N ALA H 109 0.82 11.70 32.86
CA ALA H 109 1.06 10.28 33.16
C ALA H 109 -0.22 9.61 33.65
N VAL H 110 -0.99 10.28 34.51
CA VAL H 110 -2.22 9.69 35.01
C VAL H 110 -3.19 9.46 33.86
N ASP H 111 -3.26 10.40 32.93
CA ASP H 111 -4.14 10.24 31.78
C ASP H 111 -3.67 9.10 30.89
N ALA H 112 -2.36 8.96 30.71
CA ALA H 112 -1.84 7.84 29.94
C ALA H 112 -2.16 6.51 30.60
N PHE H 113 -2.02 6.44 31.92
CA PHE H 113 -2.30 5.21 32.66
C PHE H 113 -3.79 4.91 32.76
N SER H 114 -4.66 5.87 32.49
CA SER H 114 -6.09 5.68 32.61
C SER H 114 -6.76 5.39 31.27
N ARG H 115 -6.00 5.32 30.19
CA ARG H 115 -6.58 5.15 28.86
C ARG H 115 -7.38 3.86 28.79
N THR H 116 -8.41 3.87 27.94
CA THR H 116 -9.24 2.70 27.72
C THR H 116 -8.63 1.88 26.60
N HIS H 117 -7.87 0.85 26.97
CA HIS H 117 -7.31 -0.09 26.02
C HIS H 117 -6.91 -1.33 26.78
N LEU H 118 -6.68 -2.41 26.04
CA LEU H 118 -6.26 -3.66 26.66
C LEU H 118 -5.03 -3.43 27.52
N PHE H 119 -5.15 -3.73 28.81
CA PHE H 119 -4.06 -3.59 29.75
C PHE H 119 -4.25 -4.61 30.85
N SER H 120 -3.16 -5.27 31.24
CA SER H 120 -3.24 -6.34 32.23
C SER H 120 -3.77 -5.80 33.55
N PRO H 121 -4.72 -6.47 34.21
CA PRO H 121 -5.23 -5.97 35.49
C PRO H 121 -4.11 -5.79 36.50
N SER H 122 -4.13 -4.65 37.17
CA SER H 122 -3.03 -4.24 38.03
C SER H 122 -3.45 -2.98 38.78
N TYR H 123 -2.58 -2.53 39.69
CA TYR H 123 -2.71 -1.24 40.36
C TYR H 123 -1.53 -0.38 39.97
N ILE H 124 -1.82 0.80 39.41
CA ILE H 124 -0.80 1.79 39.09
C ILE H 124 -0.93 2.93 40.07
N ILE H 125 0.12 3.14 40.87
CA ILE H 125 0.13 4.18 41.89
C ILE H 125 1.06 5.29 41.41
N VAL H 126 0.55 6.51 41.35
CA VAL H 126 1.30 7.65 40.84
C VAL H 126 1.28 8.75 41.89
N ALA H 127 2.44 9.38 42.09
CA ALA H 127 2.60 10.48 43.03
C ALA H 127 3.16 11.69 42.30
N GLY H 128 2.65 12.88 42.64
CA GLY H 128 3.04 14.10 41.97
C GLY H 128 3.72 15.10 42.89
N ILE H 129 3.52 16.40 42.62
CA ILE H 129 4.23 17.45 43.33
C ILE H 129 3.22 18.49 43.86
N LYS H 130 2.12 18.66 43.15
CA LYS H 130 1.10 19.63 43.53
C LYS H 130 0.11 18.99 44.51
N LYS H 131 -0.94 19.73 44.86
CA LYS H 131 -1.91 19.26 45.84
C LYS H 131 -2.69 18.07 45.31
N ASN H 132 -2.92 17.08 46.18
CA ASN H 132 -3.73 15.90 45.89
C ASN H 132 -3.24 15.13 44.69
N GLU H 133 -2.00 15.37 44.24
CA GLU H 133 -1.43 14.65 43.11
C GLU H 133 -0.86 13.32 43.60
N GLY H 134 -1.77 12.45 44.01
CA GLY H 134 -1.46 11.10 44.40
C GLY H 134 -2.68 10.24 44.17
N VAL H 135 -2.57 9.20 43.36
CA VAL H 135 -3.73 8.44 42.91
C VAL H 135 -3.38 6.97 42.80
N VAL H 136 -4.36 6.13 43.10
CA VAL H 136 -4.30 4.70 42.79
C VAL H 136 -5.16 4.47 41.56
N ILE H 137 -4.55 3.98 40.48
CA ILE H 137 -5.26 3.69 39.25
C ILE H 137 -5.50 2.19 39.20
N SER H 138 -6.75 1.78 39.13
CA SER H 138 -7.13 0.38 39.10
C SER H 138 -7.39 -0.02 37.65
N ARG H 139 -6.48 -0.83 37.09
CA ARG H 139 -6.69 -1.41 35.78
C ARG H 139 -7.56 -2.65 35.93
N ASN H 140 -8.76 -2.60 35.37
CA ASN H 140 -9.74 -3.66 35.52
C ASN H 140 -9.70 -4.58 34.30
N ARG H 141 -10.44 -5.68 34.41
CA ARG H 141 -10.61 -6.60 33.30
C ARG H 141 -11.47 -5.93 32.22
N TRP H 142 -10.95 -5.67 31.02
CA TRP H 142 -9.54 -5.88 30.62
C TRP H 142 -9.04 -4.63 29.95
N SER H 143 -9.84 -3.57 29.98
CA SER H 143 -9.46 -2.34 29.29
C SER H 143 -9.94 -1.07 30.00
N ALA H 144 -10.67 -1.17 31.09
CA ALA H 144 -11.17 -0.02 31.82
C ALA H 144 -10.25 0.30 33.00
N ALA H 145 -10.37 1.53 33.50
CA ALA H 145 -9.57 1.98 34.62
C ALA H 145 -10.42 2.80 35.58
N ASN H 146 -10.08 2.70 36.87
CA ASN H 146 -10.66 3.54 37.91
C ASN H 146 -9.55 4.31 38.62
N VAL H 147 -9.87 5.51 39.06
CA VAL H 147 -8.91 6.36 39.76
C VAL H 147 -9.44 6.64 41.15
N TYR H 148 -8.52 6.75 42.11
CA TYR H 148 -8.85 7.04 43.50
C TYR H 148 -7.85 8.05 44.02
N PRO H 149 -8.08 9.34 43.79
CA PRO H 149 -7.08 10.36 44.10
C PRO H 149 -7.03 10.66 45.59
N LEU H 150 -6.02 11.44 45.95
CA LEU H 150 -5.93 11.97 47.30
C LEU H 150 -7.00 13.04 47.51
N ASN H 151 -7.51 13.11 48.75
CA ASN H 151 -8.49 14.12 49.12
C ASN H 151 -8.08 14.61 50.52
N VAL H 152 -7.04 15.45 50.55
CA VAL H 152 -6.49 15.90 51.81
C VAL H 152 -7.51 16.74 52.57
N ASP H 153 -8.39 17.44 51.85
CA ASP H 153 -9.39 18.28 52.52
C ASP H 153 -10.43 17.44 53.25
N ALA H 154 -10.67 16.21 52.79
CA ALA H 154 -11.54 15.27 53.49
C ALA H 154 -10.76 14.36 54.45
N ASN H 155 -9.52 14.70 54.79
CA ASN H 155 -8.69 13.89 55.67
C ASN H 155 -8.38 12.52 55.05
N GLN H 156 -8.13 12.51 53.74
CA GLN H 156 -7.68 11.32 53.03
C GLN H 156 -6.31 11.66 52.43
N TRP H 157 -5.30 11.65 53.29
CA TRP H 157 -3.96 12.12 52.92
C TRP H 157 -3.01 11.01 52.50
N PHE H 158 -3.44 9.75 52.58
CA PHE H 158 -2.59 8.65 52.14
C PHE H 158 -3.42 7.62 51.40
N LEU H 159 -2.73 6.83 50.58
CA LEU H 159 -3.32 5.75 49.82
C LEU H 159 -2.44 4.52 49.97
N VAL H 160 -3.06 3.37 50.22
CA VAL H 160 -2.35 2.11 50.39
C VAL H 160 -3.02 1.05 49.53
N GLU H 161 -2.21 0.30 48.79
CA GLU H 161 -2.71 -0.76 47.93
C GLU H 161 -1.66 -1.87 47.85
N THR H 162 -2.15 -3.12 47.74
CA THR H 162 -1.25 -4.26 47.59
C THR H 162 -1.55 -5.03 46.31
N ASN H 163 -1.79 -6.34 46.41
CA ASN H 163 -1.85 -7.21 45.24
C ASN H 163 -3.25 -7.75 44.94
N PHE H 164 -4.21 -7.54 45.81
CA PHE H 164 -5.49 -8.22 45.70
C PHE H 164 -6.61 -7.19 45.62
N ASP H 165 -7.82 -7.72 45.47
CA ASP H 165 -9.05 -6.94 45.45
C ASP H 165 -10.10 -7.74 46.22
N ASN H 166 -11.30 -7.18 46.31
CA ASN H 166 -12.46 -7.87 46.91
C ASN H 166 -12.07 -8.28 48.33
N TRP H 167 -12.37 -9.52 48.75
CA TRP H 167 -12.22 -9.89 50.15
C TRP H 167 -10.81 -10.35 50.51
N LYS H 168 -10.06 -10.93 49.56
CA LYS H 168 -8.67 -11.25 49.84
C LYS H 168 -7.89 -9.99 50.18
N LYS H 169 -8.24 -8.86 49.56
CA LYS H 169 -7.63 -7.59 49.90
C LYS H 169 -7.94 -7.20 51.34
N GLN H 170 -9.16 -7.51 51.80
CA GLN H 170 -9.55 -7.22 53.18
C GLN H 170 -8.69 -7.99 54.18
N GLY H 171 -8.30 -9.21 53.83
CA GLY H 171 -7.51 -10.05 54.69
C GLY H 171 -6.01 -9.93 54.51
N ASP H 172 -5.54 -8.96 53.75
CA ASP H 172 -4.12 -8.77 53.51
C ASP H 172 -3.49 -8.12 54.75
N ASP H 173 -2.61 -8.86 55.43
CA ASP H 173 -1.97 -8.34 56.63
C ASP H 173 -1.06 -7.16 56.32
N ARG H 174 -0.43 -7.16 55.15
CA ARG H 174 0.43 -6.05 54.75
C ARG H 174 -0.35 -4.75 54.67
N ARG H 175 -1.53 -4.79 54.02
CA ARG H 175 -2.31 -3.58 53.84
C ARG H 175 -2.87 -3.09 55.17
N ILE H 176 -3.34 -4.01 56.01
CA ILE H 176 -3.91 -3.63 57.31
C ILE H 176 -2.85 -2.95 58.16
N THR H 177 -1.66 -3.54 58.23
CA THR H 177 -0.60 -2.99 59.06
C THR H 177 -0.18 -1.60 58.57
N ALA H 178 -0.02 -1.45 57.26
CA ALA H 178 0.43 -0.16 56.72
C ALA H 178 -0.56 0.95 57.04
N ILE H 179 -1.85 0.65 57.00
CA ILE H 179 -2.85 1.67 57.30
C ILE H 179 -2.82 2.02 58.78
N GLN H 180 -2.64 1.02 59.65
CA GLN H 180 -2.53 1.28 61.08
C GLN H 180 -1.34 2.19 61.38
N LYS H 181 -0.19 1.90 60.78
CA LYS H 181 1.02 2.66 61.09
C LYS H 181 0.93 4.09 60.57
N LEU H 182 0.33 4.27 59.40
CA LEU H 182 0.15 5.63 58.88
C LEU H 182 -0.74 6.45 59.80
N LYS H 183 -1.76 5.82 60.40
CA LYS H 183 -2.64 6.53 61.32
C LYS H 183 -1.91 6.93 62.59
N GLU H 184 -1.04 6.05 63.10
CA GLU H 184 -0.30 6.36 64.32
C GLU H 184 0.62 7.55 64.12
N LEU H 185 1.41 7.54 63.04
CA LEU H 185 2.37 8.63 62.83
C LEU H 185 1.68 9.95 62.54
N GLY H 186 0.52 9.92 61.89
CA GLY H 186 -0.24 11.13 61.63
C GLY H 186 0.30 11.92 60.45
N ARG H 187 -0.57 12.76 59.89
CA ARG H 187 -0.22 13.54 58.71
C ARG H 187 0.83 14.60 59.04
N ARG H 188 0.65 15.33 60.13
CA ARG H 188 1.56 16.42 60.45
C ARG H 188 2.96 15.86 60.70
N ASN H 189 3.94 16.43 60.00
CA ASN H 189 5.35 16.08 60.14
C ASN H 189 5.67 14.69 59.60
N PHE H 190 4.80 14.13 58.75
CA PHE H 190 5.09 12.87 58.09
C PHE H 190 6.08 13.14 56.96
N ASP H 191 7.24 12.49 57.03
CA ASP H 191 8.30 12.73 56.04
C ASP H 191 8.84 11.43 55.48
N GLU H 192 9.93 11.51 54.71
CA GLU H 192 10.49 10.32 54.10
C GLU H 192 10.99 9.34 55.15
N LYS H 193 11.41 9.83 56.31
CA LYS H 193 11.77 8.93 57.40
C LYS H 193 10.54 8.25 57.99
N SER H 194 9.38 8.91 57.93
CA SER H 194 8.15 8.26 58.39
C SER H 194 7.77 7.12 57.47
N MET H 195 7.90 7.31 56.15
CA MET H 195 7.59 6.24 55.22
C MET H 195 8.51 5.04 55.43
N VAL H 196 9.77 5.28 55.77
CA VAL H 196 10.69 4.18 56.05
C VAL H 196 10.18 3.36 57.22
N GLU H 197 9.71 4.02 58.28
CA GLU H 197 9.17 3.31 59.43
C GLU H 197 7.94 2.49 59.04
N VAL H 198 7.08 3.07 58.20
CA VAL H 198 5.88 2.35 57.77
C VAL H 198 6.28 1.13 56.96
N LEU H 199 7.07 1.33 55.91
CA LEU H 199 7.44 0.24 55.01
C LEU H 199 8.24 -0.85 55.71
N SER H 200 8.88 -0.52 56.84
CA SER H 200 9.72 -1.49 57.52
C SER H 200 8.98 -2.29 58.59
N THR H 201 7.72 -1.96 58.84
CA THR H 201 6.93 -2.66 59.86
C THR H 201 6.49 -4.02 59.33
N VAL H 202 6.64 -5.05 60.15
CA VAL H 202 6.19 -6.38 59.79
C VAL H 202 4.66 -6.44 59.92
N PRO H 203 3.97 -7.05 58.94
CA PRO H 203 4.47 -7.78 57.78
C PRO H 203 4.52 -6.98 56.47
N VAL H 204 4.39 -5.65 56.52
CA VAL H 204 4.63 -4.87 55.31
C VAL H 204 6.02 -5.20 54.76
N ARG H 205 7.02 -5.23 55.64
CA ARG H 205 8.26 -5.95 55.38
C ARG H 205 8.05 -7.40 55.79
N ASN H 206 8.30 -8.32 54.86
CA ASN H 206 8.08 -9.73 55.12
C ASN H 206 9.19 -10.54 54.47
N ASN H 207 9.07 -11.86 54.57
CA ASN H 207 10.13 -12.76 54.10
C ASN H 207 10.35 -12.63 52.60
N LEU H 208 9.31 -12.25 51.85
CA LEU H 208 9.39 -12.16 50.40
C LEU H 208 9.80 -10.78 49.90
N THR H 209 9.99 -9.81 50.80
CA THR H 209 10.30 -8.46 50.38
C THR H 209 11.70 -8.39 49.80
N VAL H 210 11.80 -7.98 48.54
CA VAL H 210 13.09 -7.85 47.89
C VAL H 210 13.76 -6.53 48.28
N PHE H 211 13.08 -5.41 48.06
CA PHE H 211 13.61 -4.11 48.41
C PHE H 211 12.51 -3.22 48.97
N SER H 212 12.93 -2.17 49.66
CA SER H 212 12.07 -1.09 50.11
C SER H 212 12.63 0.21 49.55
N THR H 213 11.75 1.07 49.06
CA THR H 213 12.21 2.32 48.46
C THR H 213 11.23 3.44 48.80
N VAL H 214 11.77 4.66 48.76
CA VAL H 214 10.99 5.87 48.98
C VAL H 214 11.31 6.84 47.85
N MET H 215 10.29 7.52 47.35
CA MET H 215 10.45 8.49 46.29
C MET H 215 9.70 9.76 46.66
N VAL H 216 10.37 10.90 46.53
CA VAL H 216 9.74 12.20 46.69
C VAL H 216 10.03 12.97 45.41
N PRO H 217 9.23 12.79 44.36
CA PRO H 217 9.55 13.44 43.08
C PRO H 217 9.59 14.96 43.16
N GLY H 218 8.90 15.56 44.13
CA GLY H 218 8.90 17.00 44.26
C GLY H 218 10.19 17.59 44.80
N LEU H 219 11.09 16.77 45.34
CA LEU H 219 12.32 17.30 45.90
C LEU H 219 13.15 17.95 44.79
N PRO H 220 13.89 19.01 45.12
CA PRO H 220 14.81 19.60 44.13
C PRO H 220 15.94 18.67 43.73
N ASP H 221 16.22 17.63 44.52
CA ASP H 221 17.25 16.64 44.21
C ASP H 221 16.66 15.24 44.20
N SER H 222 15.48 15.10 43.61
CA SER H 222 14.76 13.84 43.68
C SER H 222 15.59 12.69 43.08
N ALA H 223 16.31 12.97 41.99
CA ALA H 223 17.13 11.92 41.40
C ALA H 223 18.23 11.46 42.36
N ASP H 224 18.88 12.41 43.04
CA ASP H 224 19.89 12.05 44.03
C ASP H 224 19.28 11.27 45.19
N TYR H 225 18.10 11.70 45.65
CA TYR H 225 17.45 10.98 46.75
C TYR H 225 17.09 9.57 46.34
N PHE H 226 16.38 9.43 45.21
CA PHE H 226 15.97 8.11 44.75
C PHE H 226 17.17 7.21 44.52
N ARG H 227 18.31 7.78 44.14
CA ARG H 227 19.50 6.99 43.86
C ARG H 227 20.09 6.36 45.12
N GLN H 228 19.67 6.79 46.30
CA GLN H 228 20.20 6.27 47.56
C GLN H 228 19.11 5.88 48.54
N SER H 229 17.84 5.96 48.15
CA SER H 229 16.73 5.70 49.08
C SER H 229 16.30 4.24 49.11
N THR H 230 16.81 3.41 48.21
CA THR H 230 16.39 2.02 48.12
C THR H 230 17.24 1.15 49.03
N TRP H 231 16.62 0.10 49.54
CA TRP H 231 17.23 -0.78 50.55
C TRP H 231 16.92 -2.21 50.15
N ILE H 232 17.95 -2.95 49.77
CA ILE H 232 17.79 -4.38 49.50
C ILE H 232 17.80 -5.11 50.84
N LEU H 233 16.71 -5.80 51.13
CA LEU H 233 16.57 -6.31 52.48
C LEU H 233 17.42 -7.56 52.72
N PRO H 234 17.91 -7.76 53.95
CA PRO H 234 18.65 -8.98 54.29
C PRO H 234 17.74 -10.20 54.30
#